data_5CPE
# 
_entry.id   5CPE 
# 
_audit_conform.dict_name       mmcif_pdbx.dic 
_audit_conform.dict_version    5.387 
_audit_conform.dict_location   http://mmcif.pdb.org/dictionaries/ascii/mmcif_pdbx.dic 
# 
loop_
_database_2.database_id 
_database_2.database_code 
_database_2.pdbx_database_accession 
_database_2.pdbx_DOI 
PDB   5CPE         pdb_00005cpe 10.2210/pdb5cpe/pdb 
WWPDB D_1000212000 ?            ?                   
# 
loop_
_pdbx_audit_revision_history.ordinal 
_pdbx_audit_revision_history.data_content_type 
_pdbx_audit_revision_history.major_revision 
_pdbx_audit_revision_history.minor_revision 
_pdbx_audit_revision_history.revision_date 
1 'Structure model' 1 0 2016-01-13 
2 'Structure model' 1 1 2016-01-27 
3 'Structure model' 1 2 2016-03-09 
4 'Structure model' 1 3 2024-03-20 
# 
_pdbx_audit_revision_details.ordinal             1 
_pdbx_audit_revision_details.revision_ordinal    1 
_pdbx_audit_revision_details.data_content_type   'Structure model' 
_pdbx_audit_revision_details.provider            repository 
_pdbx_audit_revision_details.type                'Initial release' 
_pdbx_audit_revision_details.description         ? 
_pdbx_audit_revision_details.details             ? 
# 
loop_
_pdbx_audit_revision_group.ordinal 
_pdbx_audit_revision_group.revision_ordinal 
_pdbx_audit_revision_group.data_content_type 
_pdbx_audit_revision_group.group 
1 2 'Structure model' 'Data collection'      
2 2 'Structure model' 'Database references'  
3 3 'Structure model' 'Database references'  
4 4 'Structure model' 'Data collection'      
5 4 'Structure model' 'Database references'  
6 4 'Structure model' 'Derived calculations' 
# 
loop_
_pdbx_audit_revision_category.ordinal 
_pdbx_audit_revision_category.revision_ordinal 
_pdbx_audit_revision_category.data_content_type 
_pdbx_audit_revision_category.category 
1 4 'Structure model' chem_comp_atom              
2 4 'Structure model' chem_comp_bond              
3 4 'Structure model' citation                    
4 4 'Structure model' database_2                  
5 4 'Structure model' diffrn_radiation_wavelength 
6 4 'Structure model' pdbx_struct_oper_list       
# 
loop_
_pdbx_audit_revision_item.ordinal 
_pdbx_audit_revision_item.revision_ordinal 
_pdbx_audit_revision_item.data_content_type 
_pdbx_audit_revision_item.item 
1 4 'Structure model' '_citation.journal_id_CSD'                  
2 4 'Structure model' '_database_2.pdbx_DOI'                      
3 4 'Structure model' '_database_2.pdbx_database_accession'       
4 4 'Structure model' '_pdbx_struct_oper_list.symmetry_operation' 
# 
_pdbx_database_status.status_code                     REL 
_pdbx_database_status.status_code_sf                  REL 
_pdbx_database_status.status_code_mr                  ? 
_pdbx_database_status.entry_id                        5CPE 
_pdbx_database_status.recvd_initial_deposition_date   2015-07-21 
_pdbx_database_status.SG_entry                        N 
_pdbx_database_status.deposit_site                    RCSB 
_pdbx_database_status.process_site                    PDBJ 
_pdbx_database_status.status_code_cs                  ? 
_pdbx_database_status.methods_development_category    ? 
_pdbx_database_status.pdb_format_compatible           Y 
_pdbx_database_status.status_code_nmr_data            ? 
# 
loop_
_pdbx_database_related.db_name 
_pdbx_database_related.details 
_pdbx_database_related.db_id 
_pdbx_database_related.content_type 
PDB . 5C0I unspecified 
PDB . 5CP5 unspecified 
PDB . 5CQT unspecified 
PDB . 5CRM unspecified 
PDB . 5CRZ unspecified 
PDB . 5CS8 unspecified 
PDB . 5CTL unspecified 
# 
loop_
_audit_author.name 
_audit_author.pdbx_ordinal 
'Zhang, Y.' 1 
'Song, M.'  2 
'Liu, Z.'   3 
'Xue, X.'   4 
'Xu, Y.'    5 
# 
_citation.abstract                  ? 
_citation.abstract_id_CAS           ? 
_citation.book_id_ISBN              ? 
_citation.book_publisher            ? 
_citation.book_publisher_city       ? 
_citation.book_title                ? 
_citation.coordinate_linkage        ? 
_citation.country                   US 
_citation.database_id_Medline       ? 
_citation.details                   ? 
_citation.id                        primary 
_citation.journal_abbrev            J.Med.Chem. 
_citation.journal_id_ASTM           JMCMAR 
_citation.journal_id_CSD            0151 
_citation.journal_id_ISSN           0022-2623 
_citation.journal_full              ? 
_citation.journal_issue             ? 
_citation.journal_volume            59 
_citation.language                  ? 
_citation.page_first                1565 
_citation.page_last                 1579 
_citation.title                     
;Discovery of Benzo[cd]indol-2(1H)-ones as Potent and Specific BET Bromodomain Inhibitors: Structure-Based Virtual Screening, Optimization, and Biological Evaluation
;
_citation.year                      2016 
_citation.database_id_CSD           ? 
_citation.pdbx_database_id_DOI      10.1021/acs.jmedchem.5b01511 
_citation.pdbx_database_id_PubMed   26731490 
_citation.unpublished_flag          ? 
# 
loop_
_citation_author.citation_id 
_citation_author.name 
_citation_author.ordinal 
_citation_author.identifier_ORCID 
primary 'Xue, X.'   1  ? 
primary 'Zhang, Y.' 2  ? 
primary 'Liu, Z.'   3  ? 
primary 'Song, M.'  4  ? 
primary 'Xing, Y.'  5  ? 
primary 'Xiang, Q.' 6  ? 
primary 'Wang, Z.'  7  ? 
primary 'Tu, Z.'    8  ? 
primary 'Zhou, Y.'  9  ? 
primary 'Ding, K.'  10 ? 
primary 'Xu, Y.'    11 ? 
# 
loop_
_entity.id 
_entity.type 
_entity.src_method 
_entity.pdbx_description 
_entity.formula_weight 
_entity.pdbx_number_of_molecules 
_entity.pdbx_ec 
_entity.pdbx_mutation 
_entity.pdbx_fragment 
_entity.details 
1 polymer     man 'Bromodomain-containing protein 4'                                     16767.326 1   ? ? 
'N-TERMINAL BROMODOMAIN, UNP RESIDUES 44-168' ? 
2 non-polymer syn 1,2-ETHANEDIOL                                                         62.068    2   ? ? ? ? 
3 non-polymer syn 'N-cycloheptyl-1-ethyl-2-oxo-1,2-dihydrobenzo[cd]indole-6-sulfonamide' 372.481   1   ? ? ? ? 
4 water       nat water                                                                  18.015    118 ? ? ? ? 
# 
_entity_name_com.entity_id   1 
_entity_name_com.name        'Protein HUNK1' 
# 
_entity_poly.entity_id                      1 
_entity_poly.type                           'polypeptide(L)' 
_entity_poly.nstd_linkage                   no 
_entity_poly.nstd_monomer                   no 
_entity_poly.pdbx_seq_one_letter_code       
;MKKGHHHHHHLVPRGSNPPPPETSNPNKPKRQTNQLQYLLRVVLKTLWKHQFAWPFQQPVDAVKLNLPDYYKIIKTPMDM
GTIKKRLENNYYWNAQECIQDFNTMFTNCYIYNKPGDDIVLMAEALEKLFLQKINELPTEE
;
_entity_poly.pdbx_seq_one_letter_code_can   
;MKKGHHHHHHLVPRGSNPPPPETSNPNKPKRQTNQLQYLLRVVLKTLWKHQFAWPFQQPVDAVKLNLPDYYKIIKTPMDM
GTIKKRLENNYYWNAQECIQDFNTMFTNCYIYNKPGDDIVLMAEALEKLFLQKINELPTEE
;
_entity_poly.pdbx_strand_id                 A 
_entity_poly.pdbx_target_identifier         ? 
# 
loop_
_pdbx_entity_nonpoly.entity_id 
_pdbx_entity_nonpoly.name 
_pdbx_entity_nonpoly.comp_id 
2 1,2-ETHANEDIOL                                                         EDO 
3 'N-cycloheptyl-1-ethyl-2-oxo-1,2-dihydrobenzo[cd]indole-6-sulfonamide' EB2 
4 water                                                                  HOH 
# 
loop_
_entity_poly_seq.entity_id 
_entity_poly_seq.num 
_entity_poly_seq.mon_id 
_entity_poly_seq.hetero 
1 1   MET n 
1 2   LYS n 
1 3   LYS n 
1 4   GLY n 
1 5   HIS n 
1 6   HIS n 
1 7   HIS n 
1 8   HIS n 
1 9   HIS n 
1 10  HIS n 
1 11  LEU n 
1 12  VAL n 
1 13  PRO n 
1 14  ARG n 
1 15  GLY n 
1 16  SER n 
1 17  ASN n 
1 18  PRO n 
1 19  PRO n 
1 20  PRO n 
1 21  PRO n 
1 22  GLU n 
1 23  THR n 
1 24  SER n 
1 25  ASN n 
1 26  PRO n 
1 27  ASN n 
1 28  LYS n 
1 29  PRO n 
1 30  LYS n 
1 31  ARG n 
1 32  GLN n 
1 33  THR n 
1 34  ASN n 
1 35  GLN n 
1 36  LEU n 
1 37  GLN n 
1 38  TYR n 
1 39  LEU n 
1 40  LEU n 
1 41  ARG n 
1 42  VAL n 
1 43  VAL n 
1 44  LEU n 
1 45  LYS n 
1 46  THR n 
1 47  LEU n 
1 48  TRP n 
1 49  LYS n 
1 50  HIS n 
1 51  GLN n 
1 52  PHE n 
1 53  ALA n 
1 54  TRP n 
1 55  PRO n 
1 56  PHE n 
1 57  GLN n 
1 58  GLN n 
1 59  PRO n 
1 60  VAL n 
1 61  ASP n 
1 62  ALA n 
1 63  VAL n 
1 64  LYS n 
1 65  LEU n 
1 66  ASN n 
1 67  LEU n 
1 68  PRO n 
1 69  ASP n 
1 70  TYR n 
1 71  TYR n 
1 72  LYS n 
1 73  ILE n 
1 74  ILE n 
1 75  LYS n 
1 76  THR n 
1 77  PRO n 
1 78  MET n 
1 79  ASP n 
1 80  MET n 
1 81  GLY n 
1 82  THR n 
1 83  ILE n 
1 84  LYS n 
1 85  LYS n 
1 86  ARG n 
1 87  LEU n 
1 88  GLU n 
1 89  ASN n 
1 90  ASN n 
1 91  TYR n 
1 92  TYR n 
1 93  TRP n 
1 94  ASN n 
1 95  ALA n 
1 96  GLN n 
1 97  GLU n 
1 98  CYS n 
1 99  ILE n 
1 100 GLN n 
1 101 ASP n 
1 102 PHE n 
1 103 ASN n 
1 104 THR n 
1 105 MET n 
1 106 PHE n 
1 107 THR n 
1 108 ASN n 
1 109 CYS n 
1 110 TYR n 
1 111 ILE n 
1 112 TYR n 
1 113 ASN n 
1 114 LYS n 
1 115 PRO n 
1 116 GLY n 
1 117 ASP n 
1 118 ASP n 
1 119 ILE n 
1 120 VAL n 
1 121 LEU n 
1 122 MET n 
1 123 ALA n 
1 124 GLU n 
1 125 ALA n 
1 126 LEU n 
1 127 GLU n 
1 128 LYS n 
1 129 LEU n 
1 130 PHE n 
1 131 LEU n 
1 132 GLN n 
1 133 LYS n 
1 134 ILE n 
1 135 ASN n 
1 136 GLU n 
1 137 LEU n 
1 138 PRO n 
1 139 THR n 
1 140 GLU n 
1 141 GLU n 
# 
_entity_src_gen.entity_id                          1 
_entity_src_gen.pdbx_src_id                        1 
_entity_src_gen.pdbx_alt_source_flag               sample 
_entity_src_gen.pdbx_seq_type                      'Biological sequence' 
_entity_src_gen.pdbx_beg_seq_num                   1 
_entity_src_gen.pdbx_end_seq_num                   141 
_entity_src_gen.gene_src_common_name               Human 
_entity_src_gen.gene_src_genus                     ? 
_entity_src_gen.pdbx_gene_src_gene                 'BRD4, HUNK1' 
_entity_src_gen.gene_src_species                   ? 
_entity_src_gen.gene_src_strain                    ? 
_entity_src_gen.gene_src_tissue                    ? 
_entity_src_gen.gene_src_tissue_fraction           ? 
_entity_src_gen.gene_src_details                   ? 
_entity_src_gen.pdbx_gene_src_fragment             ? 
_entity_src_gen.pdbx_gene_src_scientific_name      'Homo sapiens' 
_entity_src_gen.pdbx_gene_src_ncbi_taxonomy_id     9606 
_entity_src_gen.pdbx_gene_src_variant              ? 
_entity_src_gen.pdbx_gene_src_cell_line            ? 
_entity_src_gen.pdbx_gene_src_atcc                 ? 
_entity_src_gen.pdbx_gene_src_organ                ? 
_entity_src_gen.pdbx_gene_src_organelle            ? 
_entity_src_gen.pdbx_gene_src_cell                 ? 
_entity_src_gen.pdbx_gene_src_cellular_location    ? 
_entity_src_gen.host_org_common_name               ? 
_entity_src_gen.pdbx_host_org_scientific_name      'Escherichia coli BL21(DE3)' 
_entity_src_gen.pdbx_host_org_ncbi_taxonomy_id     469008 
_entity_src_gen.host_org_genus                     ? 
_entity_src_gen.pdbx_host_org_gene                 ? 
_entity_src_gen.pdbx_host_org_organ                ? 
_entity_src_gen.host_org_species                   ? 
_entity_src_gen.pdbx_host_org_tissue               ? 
_entity_src_gen.pdbx_host_org_tissue_fraction      ? 
_entity_src_gen.pdbx_host_org_strain               'BL21(DE3)' 
_entity_src_gen.pdbx_host_org_variant              ? 
_entity_src_gen.pdbx_host_org_cell_line            ? 
_entity_src_gen.pdbx_host_org_atcc                 ? 
_entity_src_gen.pdbx_host_org_culture_collection   ? 
_entity_src_gen.pdbx_host_org_cell                 ? 
_entity_src_gen.pdbx_host_org_organelle            ? 
_entity_src_gen.pdbx_host_org_cellular_location    ? 
_entity_src_gen.pdbx_host_org_vector_type          plasmid 
_entity_src_gen.pdbx_host_org_vector               ? 
_entity_src_gen.host_org_details                   ? 
_entity_src_gen.expression_system_id               ? 
_entity_src_gen.plasmid_name                       pET24a 
_entity_src_gen.plasmid_details                    ? 
_entity_src_gen.pdbx_description                   ? 
# 
loop_
_chem_comp.id 
_chem_comp.type 
_chem_comp.mon_nstd_flag 
_chem_comp.name 
_chem_comp.pdbx_synonyms 
_chem_comp.formula 
_chem_comp.formula_weight 
ALA 'L-peptide linking' y ALANINE                                                                ?                 'C3 H7 N O2' 
89.093  
ARG 'L-peptide linking' y ARGININE                                                               ?                 
'C6 H15 N4 O2 1'  175.209 
ASN 'L-peptide linking' y ASPARAGINE                                                             ?                 'C4 H8 N2 O3' 
132.118 
ASP 'L-peptide linking' y 'ASPARTIC ACID'                                                        ?                 'C4 H7 N O4' 
133.103 
CYS 'L-peptide linking' y CYSTEINE                                                               ?                 'C3 H7 N O2 S' 
121.158 
EB2 non-polymer         . 'N-cycloheptyl-1-ethyl-2-oxo-1,2-dihydrobenzo[cd]indole-6-sulfonamide' ?                 
'C20 H24 N2 O3 S' 372.481 
EDO non-polymer         . 1,2-ETHANEDIOL                                                         'ETHYLENE GLYCOL' 'C2 H6 O2' 
62.068  
GLN 'L-peptide linking' y GLUTAMINE                                                              ?                 'C5 H10 N2 O3' 
146.144 
GLU 'L-peptide linking' y 'GLUTAMIC ACID'                                                        ?                 'C5 H9 N O4' 
147.129 
GLY 'peptide linking'   y GLYCINE                                                                ?                 'C2 H5 N O2' 
75.067  
HIS 'L-peptide linking' y HISTIDINE                                                              ?                 
'C6 H10 N3 O2 1'  156.162 
HOH non-polymer         . WATER                                                                  ?                 'H2 O' 18.015  
ILE 'L-peptide linking' y ISOLEUCINE                                                             ?                 'C6 H13 N O2' 
131.173 
LEU 'L-peptide linking' y LEUCINE                                                                ?                 'C6 H13 N O2' 
131.173 
LYS 'L-peptide linking' y LYSINE                                                                 ?                 
'C6 H15 N2 O2 1'  147.195 
MET 'L-peptide linking' y METHIONINE                                                             ?                 'C5 H11 N O2 S' 
149.211 
PHE 'L-peptide linking' y PHENYLALANINE                                                          ?                 'C9 H11 N O2' 
165.189 
PRO 'L-peptide linking' y PROLINE                                                                ?                 'C5 H9 N O2' 
115.130 
SER 'L-peptide linking' y SERINE                                                                 ?                 'C3 H7 N O3' 
105.093 
THR 'L-peptide linking' y THREONINE                                                              ?                 'C4 H9 N O3' 
119.119 
TRP 'L-peptide linking' y TRYPTOPHAN                                                             ?                 'C11 H12 N2 O2' 
204.225 
TYR 'L-peptide linking' y TYROSINE                                                               ?                 'C9 H11 N O3' 
181.189 
VAL 'L-peptide linking' y VALINE                                                                 ?                 'C5 H11 N O2' 
117.146 
# 
loop_
_pdbx_poly_seq_scheme.asym_id 
_pdbx_poly_seq_scheme.entity_id 
_pdbx_poly_seq_scheme.seq_id 
_pdbx_poly_seq_scheme.mon_id 
_pdbx_poly_seq_scheme.ndb_seq_num 
_pdbx_poly_seq_scheme.pdb_seq_num 
_pdbx_poly_seq_scheme.auth_seq_num 
_pdbx_poly_seq_scheme.pdb_mon_id 
_pdbx_poly_seq_scheme.auth_mon_id 
_pdbx_poly_seq_scheme.pdb_strand_id 
_pdbx_poly_seq_scheme.pdb_ins_code 
_pdbx_poly_seq_scheme.hetero 
A 1 1   MET 1   28  ?   ?   ?   A . n 
A 1 2   LYS 2   29  ?   ?   ?   A . n 
A 1 3   LYS 3   30  ?   ?   ?   A . n 
A 1 4   GLY 4   31  ?   ?   ?   A . n 
A 1 5   HIS 5   32  ?   ?   ?   A . n 
A 1 6   HIS 6   33  ?   ?   ?   A . n 
A 1 7   HIS 7   34  ?   ?   ?   A . n 
A 1 8   HIS 8   35  ?   ?   ?   A . n 
A 1 9   HIS 9   36  ?   ?   ?   A . n 
A 1 10  HIS 10  37  37  HIS HIS A . n 
A 1 11  LEU 11  38  38  LEU LEU A . n 
A 1 12  VAL 12  39  39  VAL VAL A . n 
A 1 13  PRO 13  40  40  PRO PRO A . n 
A 1 14  ARG 14  41  41  ARG ARG A . n 
A 1 15  GLY 15  42  42  GLY GLY A . n 
A 1 16  SER 16  43  43  SER SER A . n 
A 1 17  ASN 17  44  44  ASN ASN A . n 
A 1 18  PRO 18  45  45  PRO PRO A . n 
A 1 19  PRO 19  46  46  PRO PRO A . n 
A 1 20  PRO 20  47  47  PRO PRO A . n 
A 1 21  PRO 21  48  48  PRO PRO A . n 
A 1 22  GLU 22  49  49  GLU GLU A . n 
A 1 23  THR 23  50  50  THR THR A . n 
A 1 24  SER 24  51  51  SER SER A . n 
A 1 25  ASN 25  52  52  ASN ASN A . n 
A 1 26  PRO 26  53  53  PRO PRO A . n 
A 1 27  ASN 27  54  54  ASN ASN A . n 
A 1 28  LYS 28  55  55  LYS LYS A . n 
A 1 29  PRO 29  56  56  PRO PRO A . n 
A 1 30  LYS 30  57  57  LYS LYS A . n 
A 1 31  ARG 31  58  58  ARG ARG A . n 
A 1 32  GLN 32  59  59  GLN GLN A . n 
A 1 33  THR 33  60  60  THR THR A . n 
A 1 34  ASN 34  61  61  ASN ASN A . n 
A 1 35  GLN 35  62  62  GLN GLN A . n 
A 1 36  LEU 36  63  63  LEU LEU A . n 
A 1 37  GLN 37  64  64  GLN GLN A . n 
A 1 38  TYR 38  65  65  TYR TYR A . n 
A 1 39  LEU 39  66  66  LEU LEU A . n 
A 1 40  LEU 40  67  67  LEU LEU A . n 
A 1 41  ARG 41  68  68  ARG ARG A . n 
A 1 42  VAL 42  69  69  VAL VAL A . n 
A 1 43  VAL 43  70  70  VAL VAL A . n 
A 1 44  LEU 44  71  71  LEU LEU A . n 
A 1 45  LYS 45  72  72  LYS LYS A . n 
A 1 46  THR 46  73  73  THR THR A . n 
A 1 47  LEU 47  74  74  LEU LEU A . n 
A 1 48  TRP 48  75  75  TRP TRP A . n 
A 1 49  LYS 49  76  76  LYS LYS A . n 
A 1 50  HIS 50  77  77  HIS HIS A . n 
A 1 51  GLN 51  78  78  GLN GLN A . n 
A 1 52  PHE 52  79  79  PHE PHE A . n 
A 1 53  ALA 53  80  80  ALA ALA A . n 
A 1 54  TRP 54  81  81  TRP TRP A . n 
A 1 55  PRO 55  82  82  PRO PRO A . n 
A 1 56  PHE 56  83  83  PHE PHE A . n 
A 1 57  GLN 57  84  84  GLN GLN A . n 
A 1 58  GLN 58  85  85  GLN GLN A . n 
A 1 59  PRO 59  86  86  PRO PRO A . n 
A 1 60  VAL 60  87  87  VAL VAL A . n 
A 1 61  ASP 61  88  88  ASP ASP A . n 
A 1 62  ALA 62  89  89  ALA ALA A . n 
A 1 63  VAL 63  90  90  VAL VAL A . n 
A 1 64  LYS 64  91  91  LYS LYS A . n 
A 1 65  LEU 65  92  92  LEU LEU A . n 
A 1 66  ASN 66  93  93  ASN ASN A . n 
A 1 67  LEU 67  94  94  LEU LEU A . n 
A 1 68  PRO 68  95  95  PRO PRO A . n 
A 1 69  ASP 69  96  96  ASP ASP A . n 
A 1 70  TYR 70  97  97  TYR TYR A . n 
A 1 71  TYR 71  98  98  TYR TYR A . n 
A 1 72  LYS 72  99  99  LYS LYS A . n 
A 1 73  ILE 73  100 100 ILE ILE A . n 
A 1 74  ILE 74  101 101 ILE ILE A . n 
A 1 75  LYS 75  102 102 LYS LYS A . n 
A 1 76  THR 76  103 103 THR THR A . n 
A 1 77  PRO 77  104 104 PRO PRO A . n 
A 1 78  MET 78  105 105 MET MET A . n 
A 1 79  ASP 79  106 106 ASP ASP A . n 
A 1 80  MET 80  107 107 MET MET A . n 
A 1 81  GLY 81  108 108 GLY GLY A . n 
A 1 82  THR 82  109 109 THR THR A . n 
A 1 83  ILE 83  110 110 ILE ILE A . n 
A 1 84  LYS 84  111 111 LYS LYS A . n 
A 1 85  LYS 85  112 112 LYS LYS A . n 
A 1 86  ARG 86  113 113 ARG ARG A . n 
A 1 87  LEU 87  114 114 LEU LEU A . n 
A 1 88  GLU 88  115 115 GLU GLU A . n 
A 1 89  ASN 89  116 116 ASN ASN A . n 
A 1 90  ASN 90  117 117 ASN ASN A . n 
A 1 91  TYR 91  118 118 TYR TYR A . n 
A 1 92  TYR 92  119 119 TYR TYR A . n 
A 1 93  TRP 93  120 120 TRP TRP A . n 
A 1 94  ASN 94  121 121 ASN ASN A . n 
A 1 95  ALA 95  122 122 ALA ALA A . n 
A 1 96  GLN 96  123 123 GLN GLN A . n 
A 1 97  GLU 97  124 124 GLU GLU A . n 
A 1 98  CYS 98  125 125 CYS CYS A . n 
A 1 99  ILE 99  126 126 ILE ILE A . n 
A 1 100 GLN 100 127 127 GLN GLN A . n 
A 1 101 ASP 101 128 128 ASP ASP A . n 
A 1 102 PHE 102 129 129 PHE PHE A . n 
A 1 103 ASN 103 130 130 ASN ASN A . n 
A 1 104 THR 104 131 131 THR THR A . n 
A 1 105 MET 105 132 132 MET MET A . n 
A 1 106 PHE 106 133 133 PHE PHE A . n 
A 1 107 THR 107 134 134 THR THR A . n 
A 1 108 ASN 108 135 135 ASN ASN A . n 
A 1 109 CYS 109 136 136 CYS CYS A . n 
A 1 110 TYR 110 137 137 TYR TYR A . n 
A 1 111 ILE 111 138 138 ILE ILE A . n 
A 1 112 TYR 112 139 139 TYR TYR A . n 
A 1 113 ASN 113 140 140 ASN ASN A . n 
A 1 114 LYS 114 141 141 LYS LYS A . n 
A 1 115 PRO 115 142 142 PRO PRO A . n 
A 1 116 GLY 116 143 143 GLY GLY A . n 
A 1 117 ASP 117 144 144 ASP ASP A . n 
A 1 118 ASP 118 145 145 ASP ASP A . n 
A 1 119 ILE 119 146 146 ILE ILE A . n 
A 1 120 VAL 120 147 147 VAL VAL A . n 
A 1 121 LEU 121 148 148 LEU LEU A . n 
A 1 122 MET 122 149 149 MET MET A . n 
A 1 123 ALA 123 150 150 ALA ALA A . n 
A 1 124 GLU 124 151 151 GLU GLU A . n 
A 1 125 ALA 125 152 152 ALA ALA A . n 
A 1 126 LEU 126 153 153 LEU LEU A . n 
A 1 127 GLU 127 154 154 GLU GLU A . n 
A 1 128 LYS 128 155 155 LYS LYS A . n 
A 1 129 LEU 129 156 156 LEU LEU A . n 
A 1 130 PHE 130 157 157 PHE PHE A . n 
A 1 131 LEU 131 158 158 LEU LEU A . n 
A 1 132 GLN 132 159 159 GLN GLN A . n 
A 1 133 LYS 133 160 160 LYS LYS A . n 
A 1 134 ILE 134 161 161 ILE ILE A . n 
A 1 135 ASN 135 162 162 ASN ASN A . n 
A 1 136 GLU 136 163 163 GLU GLU A . n 
A 1 137 LEU 137 164 164 LEU LEU A . n 
A 1 138 PRO 138 165 165 PRO PRO A . n 
A 1 139 THR 139 166 166 THR THR A . n 
A 1 140 GLU 140 167 ?   ?   ?   A . n 
A 1 141 GLU 141 168 ?   ?   ?   A . n 
# 
loop_
_pdbx_nonpoly_scheme.asym_id 
_pdbx_nonpoly_scheme.entity_id 
_pdbx_nonpoly_scheme.mon_id 
_pdbx_nonpoly_scheme.ndb_seq_num 
_pdbx_nonpoly_scheme.pdb_seq_num 
_pdbx_nonpoly_scheme.auth_seq_num 
_pdbx_nonpoly_scheme.pdb_mon_id 
_pdbx_nonpoly_scheme.auth_mon_id 
_pdbx_nonpoly_scheme.pdb_strand_id 
_pdbx_nonpoly_scheme.pdb_ins_code 
B 2 EDO 1   201 1   EDO EDO A . 
C 2 EDO 1   202 2   EDO EDO A . 
D 3 EB2 1   203 1   EB2 EB2 A . 
E 4 HOH 1   301 96  HOH HOH A . 
E 4 HOH 2   302 78  HOH HOH A . 
E 4 HOH 3   303 26  HOH HOH A . 
E 4 HOH 4   304 110 HOH HOH A . 
E 4 HOH 5   305 106 HOH HOH A . 
E 4 HOH 6   306 94  HOH HOH A . 
E 4 HOH 7   307 60  HOH HOH A . 
E 4 HOH 8   308 30  HOH HOH A . 
E 4 HOH 9   309 20  HOH HOH A . 
E 4 HOH 10  310 67  HOH HOH A . 
E 4 HOH 11  311 79  HOH HOH A . 
E 4 HOH 12  312 109 HOH HOH A . 
E 4 HOH 13  313 35  HOH HOH A . 
E 4 HOH 14  314 63  HOH HOH A . 
E 4 HOH 15  315 42  HOH HOH A . 
E 4 HOH 16  316 15  HOH HOH A . 
E 4 HOH 17  317 74  HOH HOH A . 
E 4 HOH 18  318 18  HOH HOH A . 
E 4 HOH 19  319 66  HOH HOH A . 
E 4 HOH 20  320 28  HOH HOH A . 
E 4 HOH 21  321 59  HOH HOH A . 
E 4 HOH 22  322 21  HOH HOH A . 
E 4 HOH 23  323 46  HOH HOH A . 
E 4 HOH 24  324 76  HOH HOH A . 
E 4 HOH 25  325 102 HOH HOH A . 
E 4 HOH 26  326 55  HOH HOH A . 
E 4 HOH 27  327 81  HOH HOH A . 
E 4 HOH 28  328 40  HOH HOH A . 
E 4 HOH 29  329 112 HOH HOH A . 
E 4 HOH 30  330 65  HOH HOH A . 
E 4 HOH 31  331 1   HOH HOH A . 
E 4 HOH 32  332 29  HOH HOH A . 
E 4 HOH 33  333 37  HOH HOH A . 
E 4 HOH 34  334 50  HOH HOH A . 
E 4 HOH 35  335 89  HOH HOH A . 
E 4 HOH 36  336 19  HOH HOH A . 
E 4 HOH 37  337 17  HOH HOH A . 
E 4 HOH 38  338 34  HOH HOH A . 
E 4 HOH 39  339 70  HOH HOH A . 
E 4 HOH 40  340 118 HOH HOH A . 
E 4 HOH 41  341 25  HOH HOH A . 
E 4 HOH 42  342 68  HOH HOH A . 
E 4 HOH 43  343 87  HOH HOH A . 
E 4 HOH 44  344 85  HOH HOH A . 
E 4 HOH 45  345 24  HOH HOH A . 
E 4 HOH 46  346 52  HOH HOH A . 
E 4 HOH 47  347 100 HOH HOH A . 
E 4 HOH 48  348 9   HOH HOH A . 
E 4 HOH 49  349 12  HOH HOH A . 
E 4 HOH 50  350 13  HOH HOH A . 
E 4 HOH 51  351 51  HOH HOH A . 
E 4 HOH 52  352 10  HOH HOH A . 
E 4 HOH 53  353 23  HOH HOH A . 
E 4 HOH 54  354 45  HOH HOH A . 
E 4 HOH 55  355 64  HOH HOH A . 
E 4 HOH 56  356 33  HOH HOH A . 
E 4 HOH 57  357 39  HOH HOH A . 
E 4 HOH 58  358 4   HOH HOH A . 
E 4 HOH 59  359 48  HOH HOH A . 
E 4 HOH 60  360 41  HOH HOH A . 
E 4 HOH 61  361 43  HOH HOH A . 
E 4 HOH 62  362 77  HOH HOH A . 
E 4 HOH 63  363 75  HOH HOH A . 
E 4 HOH 64  364 54  HOH HOH A . 
E 4 HOH 65  365 8   HOH HOH A . 
E 4 HOH 66  366 71  HOH HOH A . 
E 4 HOH 67  367 53  HOH HOH A . 
E 4 HOH 68  368 3   HOH HOH A . 
E 4 HOH 69  369 2   HOH HOH A . 
E 4 HOH 70  370 44  HOH HOH A . 
E 4 HOH 71  371 86  HOH HOH A . 
E 4 HOH 72  372 27  HOH HOH A . 
E 4 HOH 73  373 69  HOH HOH A . 
E 4 HOH 74  374 101 HOH HOH A . 
E 4 HOH 75  375 72  HOH HOH A . 
E 4 HOH 76  376 93  HOH HOH A . 
E 4 HOH 77  377 7   HOH HOH A . 
E 4 HOH 78  378 6   HOH HOH A . 
E 4 HOH 79  379 95  HOH HOH A . 
E 4 HOH 80  380 62  HOH HOH A . 
E 4 HOH 81  381 22  HOH HOH A . 
E 4 HOH 82  382 5   HOH HOH A . 
E 4 HOH 83  383 83  HOH HOH A . 
E 4 HOH 84  384 16  HOH HOH A . 
E 4 HOH 85  385 47  HOH HOH A . 
E 4 HOH 86  386 82  HOH HOH A . 
E 4 HOH 87  387 38  HOH HOH A . 
E 4 HOH 88  388 84  HOH HOH A . 
E 4 HOH 89  389 31  HOH HOH A . 
E 4 HOH 90  390 90  HOH HOH A . 
E 4 HOH 91  391 49  HOH HOH A . 
E 4 HOH 92  392 92  HOH HOH A . 
E 4 HOH 93  393 61  HOH HOH A . 
E 4 HOH 94  394 11  HOH HOH A . 
E 4 HOH 95  395 98  HOH HOH A . 
E 4 HOH 96  396 36  HOH HOH A . 
E 4 HOH 97  397 114 HOH HOH A . 
E 4 HOH 98  398 111 HOH HOH A . 
E 4 HOH 99  399 105 HOH HOH A . 
E 4 HOH 100 400 56  HOH HOH A . 
E 4 HOH 101 401 116 HOH HOH A . 
E 4 HOH 102 402 97  HOH HOH A . 
E 4 HOH 103 403 120 HOH HOH A . 
E 4 HOH 104 404 119 HOH HOH A . 
E 4 HOH 105 405 99  HOH HOH A . 
E 4 HOH 106 406 14  HOH HOH A . 
E 4 HOH 107 407 107 HOH HOH A . 
E 4 HOH 108 408 104 HOH HOH A . 
E 4 HOH 109 409 113 HOH HOH A . 
E 4 HOH 110 410 91  HOH HOH A . 
E 4 HOH 111 411 58  HOH HOH A . 
E 4 HOH 112 412 115 HOH HOH A . 
E 4 HOH 113 413 57  HOH HOH A . 
E 4 HOH 114 414 108 HOH HOH A . 
E 4 HOH 115 415 80  HOH HOH A . 
E 4 HOH 116 416 117 HOH HOH A . 
E 4 HOH 117 417 88  HOH HOH A . 
E 4 HOH 118 418 103 HOH HOH A . 
# 
loop_
_software.citation_id 
_software.classification 
_software.compiler_name 
_software.compiler_version 
_software.contact_author 
_software.contact_author_email 
_software.date 
_software.description 
_software.dependencies 
_software.hardware 
_software.language 
_software.location 
_software.mods 
_software.name 
_software.os 
_software.os_version 
_software.type 
_software.version 
_software.pdbx_ordinal 
? refinement        ? ? ? ? ? ? ? ? ? ? ? REFMAC      ? ? ? 5.8.0124 1 
? 'data scaling'    ? ? ? ? ? ? ? ? ? ? ? Aimless     ? ? ? 0.5.9    2 
? 'data extraction' ? ? ? ? ? ? ? ? ? ? ? PDB_EXTRACT ? ? ? 3.15     3 
? 'data reduction'  ? ? ? ? ? ? ? ? ? ? ? MOSFLM      ? ? ? .        4 
? phasing           ? ? ? ? ? ? ? ? ? ? ? MOLREP      ? ? ? .        5 
# 
_cell.angle_alpha                  90.000 
_cell.angle_alpha_esd              ? 
_cell.angle_beta                   96.720 
_cell.angle_beta_esd               ? 
_cell.angle_gamma                  90.000 
_cell.angle_gamma_esd              ? 
_cell.entry_id                     5CPE 
_cell.details                      ? 
_cell.formula_units_Z              ? 
_cell.length_a                     30.060 
_cell.length_a_esd                 ? 
_cell.length_b                     45.820 
_cell.length_b_esd                 ? 
_cell.length_c                     47.740 
_cell.length_c_esd                 ? 
_cell.volume                       ? 
_cell.volume_esd                   ? 
_cell.Z_PDB                        2 
_cell.reciprocal_angle_alpha       ? 
_cell.reciprocal_angle_beta        ? 
_cell.reciprocal_angle_gamma       ? 
_cell.reciprocal_angle_alpha_esd   ? 
_cell.reciprocal_angle_beta_esd    ? 
_cell.reciprocal_angle_gamma_esd   ? 
_cell.reciprocal_length_a          ? 
_cell.reciprocal_length_b          ? 
_cell.reciprocal_length_c          ? 
_cell.reciprocal_length_a_esd      ? 
_cell.reciprocal_length_b_esd      ? 
_cell.reciprocal_length_c_esd      ? 
_cell.pdbx_unique_axis             ? 
# 
_symmetry.entry_id                         5CPE 
_symmetry.cell_setting                     ? 
_symmetry.Int_Tables_number                4 
_symmetry.space_group_name_Hall            ? 
_symmetry.space_group_name_H-M             'P 1 21 1' 
_symmetry.pdbx_full_space_group_name_H-M   ? 
# 
_exptl.absorpt_coefficient_mu     ? 
_exptl.absorpt_correction_T_max   ? 
_exptl.absorpt_correction_T_min   ? 
_exptl.absorpt_correction_type    ? 
_exptl.absorpt_process_details    ? 
_exptl.entry_id                   5CPE 
_exptl.crystals_number            1 
_exptl.details                    ? 
_exptl.method                     'X-RAY DIFFRACTION' 
_exptl.method_details             ? 
# 
_exptl_crystal.colour                      ? 
_exptl_crystal.density_diffrn              ? 
_exptl_crystal.density_Matthews            1.95 
_exptl_crystal.density_method              ? 
_exptl_crystal.density_percent_sol         36.84 
_exptl_crystal.description                 ? 
_exptl_crystal.F_000                       ? 
_exptl_crystal.id                          1 
_exptl_crystal.preparation                 ? 
_exptl_crystal.size_max                    ? 
_exptl_crystal.size_mid                    ? 
_exptl_crystal.size_min                    ? 
_exptl_crystal.size_rad                    ? 
_exptl_crystal.colour_lustre               ? 
_exptl_crystal.colour_modifier             ? 
_exptl_crystal.colour_primary              ? 
_exptl_crystal.density_meas                ? 
_exptl_crystal.density_meas_esd            ? 
_exptl_crystal.density_meas_gt             ? 
_exptl_crystal.density_meas_lt             ? 
_exptl_crystal.density_meas_temp           ? 
_exptl_crystal.density_meas_temp_esd       ? 
_exptl_crystal.density_meas_temp_gt        ? 
_exptl_crystal.density_meas_temp_lt        ? 
_exptl_crystal.pdbx_crystal_image_url      ? 
_exptl_crystal.pdbx_crystal_image_format   ? 
_exptl_crystal.pdbx_mosaicity              ? 
_exptl_crystal.pdbx_mosaicity_esd          ? 
# 
_exptl_crystal_grow.apparatus       ? 
_exptl_crystal_grow.atmosphere      ? 
_exptl_crystal_grow.crystal_id      1 
_exptl_crystal_grow.details         ? 
_exptl_crystal_grow.method          'VAPOR DIFFUSION, SITTING DROP' 
_exptl_crystal_grow.method_ref      ? 
_exptl_crystal_grow.pH              7.2 
_exptl_crystal_grow.pressure        ? 
_exptl_crystal_grow.pressure_esd    ? 
_exptl_crystal_grow.seeding         ? 
_exptl_crystal_grow.seeding_ref     ? 
_exptl_crystal_grow.temp            277 
_exptl_crystal_grow.temp_details    ? 
_exptl_crystal_grow.temp_esd        ? 
_exptl_crystal_grow.time            ? 
_exptl_crystal_grow.pdbx_details    '20% PEG3350, 0.2M NaNO3, 0.1M HEPES,10% EtGhly, pH7.2' 
_exptl_crystal_grow.pdbx_pH_range   ? 
# 
_diffrn.ambient_environment    ? 
_diffrn.ambient_temp           100 
_diffrn.ambient_temp_details   ? 
_diffrn.ambient_temp_esd       ? 
_diffrn.crystal_id             1 
_diffrn.crystal_support        ? 
_diffrn.crystal_treatment      ? 
_diffrn.details                ? 
_diffrn.id                     1 
_diffrn.ambient_pressure       ? 
_diffrn.ambient_pressure_esd   ? 
_diffrn.ambient_pressure_gt    ? 
_diffrn.ambient_pressure_lt    ? 
_diffrn.ambient_temp_gt        ? 
_diffrn.ambient_temp_lt        ? 
# 
_diffrn_detector.details                      ? 
_diffrn_detector.detector                     PIXEL 
_diffrn_detector.diffrn_id                    1 
_diffrn_detector.type                         'PSI PILATUS 6M' 
_diffrn_detector.area_resol_mean              ? 
_diffrn_detector.dtime                        ? 
_diffrn_detector.pdbx_frames_total            ? 
_diffrn_detector.pdbx_collection_time_total   ? 
_diffrn_detector.pdbx_collection_date         2015-03-27 
# 
_diffrn_radiation.collimation                      ? 
_diffrn_radiation.diffrn_id                        1 
_diffrn_radiation.filter_edge                      ? 
_diffrn_radiation.inhomogeneity                    ? 
_diffrn_radiation.monochromator                    ? 
_diffrn_radiation.polarisn_norm                    ? 
_diffrn_radiation.polarisn_ratio                   ? 
_diffrn_radiation.probe                            ? 
_diffrn_radiation.type                             ? 
_diffrn_radiation.xray_symbol                      ? 
_diffrn_radiation.wavelength_id                    1 
_diffrn_radiation.pdbx_monochromatic_or_laue_m_l   M 
_diffrn_radiation.pdbx_wavelength_list             ? 
_diffrn_radiation.pdbx_wavelength                  ? 
_diffrn_radiation.pdbx_diffrn_protocol             'SINGLE WAVELENGTH' 
_diffrn_radiation.pdbx_analyzer                    ? 
_diffrn_radiation.pdbx_scattering_type             x-ray 
# 
_diffrn_radiation_wavelength.id           1 
_diffrn_radiation_wavelength.wavelength   0.97776 
_diffrn_radiation_wavelength.wt           1.0 
# 
_diffrn_source.current                     ? 
_diffrn_source.details                     ? 
_diffrn_source.diffrn_id                   1 
_diffrn_source.power                       ? 
_diffrn_source.size                        ? 
_diffrn_source.source                      SYNCHROTRON 
_diffrn_source.target                      ? 
_diffrn_source.type                        OTHER 
_diffrn_source.voltage                     ? 
_diffrn_source.take-off_angle              ? 
_diffrn_source.pdbx_wavelength_list        0.97776 
_diffrn_source.pdbx_wavelength             ? 
_diffrn_source.pdbx_synchrotron_beamline   ? 
_diffrn_source.pdbx_synchrotron_site       ? 
# 
_reflns.B_iso_Wilson_estimate            ? 
_reflns.entry_id                         5CPE 
_reflns.data_reduction_details           ? 
_reflns.data_reduction_method            ? 
_reflns.d_resolution_high                1.620 
_reflns.d_resolution_low                 47.410 
_reflns.details                          ? 
_reflns.limit_h_max                      ? 
_reflns.limit_h_min                      ? 
_reflns.limit_k_max                      ? 
_reflns.limit_k_min                      ? 
_reflns.limit_l_max                      ? 
_reflns.limit_l_min                      ? 
_reflns.number_all                       ? 
_reflns.number_obs                       16363 
_reflns.observed_criterion               ? 
_reflns.observed_criterion_F_max         ? 
_reflns.observed_criterion_F_min         ? 
_reflns.observed_criterion_I_max         ? 
_reflns.observed_criterion_I_min         ? 
_reflns.observed_criterion_sigma_F       ? 
_reflns.observed_criterion_sigma_I       ? 
_reflns.percent_possible_obs             98.500 
_reflns.R_free_details                   ? 
_reflns.Rmerge_F_all                     ? 
_reflns.Rmerge_F_obs                     ? 
_reflns.Friedel_coverage                 ? 
_reflns.number_gt                        ? 
_reflns.threshold_expression             ? 
_reflns.pdbx_redundancy                  6.300 
_reflns.pdbx_Rmerge_I_obs                0.047 
_reflns.pdbx_Rmerge_I_all                ? 
_reflns.pdbx_Rsym_value                  ? 
_reflns.pdbx_netI_over_av_sigmaI         ? 
_reflns.pdbx_netI_over_sigmaI            31.500 
_reflns.pdbx_res_netI_over_av_sigmaI_2   ? 
_reflns.pdbx_res_netI_over_sigmaI_2      ? 
_reflns.pdbx_chi_squared                 ? 
_reflns.pdbx_scaling_rejects             169 
_reflns.pdbx_d_res_high_opt              ? 
_reflns.pdbx_d_res_low_opt               ? 
_reflns.pdbx_d_res_opt_method            ? 
_reflns.phase_calculation_details        ? 
_reflns.pdbx_Rrim_I_all                  ? 
_reflns.pdbx_Rpim_I_all                  0.020 
_reflns.pdbx_d_opt                       ? 
_reflns.pdbx_number_measured_all         103425 
_reflns.pdbx_diffrn_id                   1 
_reflns.pdbx_ordinal                     1 
_reflns.pdbx_CC_half                     0.998 
_reflns.pdbx_R_split                     ? 
# 
loop_
_reflns_shell.d_res_high 
_reflns_shell.d_res_low 
_reflns_shell.meanI_over_sigI_all 
_reflns_shell.meanI_over_sigI_obs 
_reflns_shell.number_measured_all 
_reflns_shell.number_measured_obs 
_reflns_shell.number_possible 
_reflns_shell.number_unique_all 
_reflns_shell.number_unique_obs 
_reflns_shell.percent_possible_all 
_reflns_shell.percent_possible_obs 
_reflns_shell.Rmerge_F_all 
_reflns_shell.Rmerge_F_obs 
_reflns_shell.Rmerge_I_all 
_reflns_shell.Rmerge_I_obs 
_reflns_shell.meanI_over_sigI_gt 
_reflns_shell.meanI_over_uI_all 
_reflns_shell.meanI_over_uI_gt 
_reflns_shell.number_measured_gt 
_reflns_shell.number_unique_gt 
_reflns_shell.percent_possible_gt 
_reflns_shell.Rmerge_F_gt 
_reflns_shell.Rmerge_I_gt 
_reflns_shell.pdbx_redundancy 
_reflns_shell.pdbx_Rsym_value 
_reflns_shell.pdbx_chi_squared 
_reflns_shell.pdbx_netI_over_sigmaI_all 
_reflns_shell.pdbx_netI_over_sigmaI_obs 
_reflns_shell.pdbx_Rrim_I_all 
_reflns_shell.pdbx_Rpim_I_all 
_reflns_shell.pdbx_rejects 
_reflns_shell.pdbx_ordinal 
_reflns_shell.pdbx_diffrn_id 
_reflns_shell.pdbx_CC_half 
_reflns_shell.pdbx_R_split 
1.620 1.640  ? 17.500 5423 ? ? 835 ? 98.000 ? ? ? ? 0.083 ? ? ? ? ? ? ? ? 6.500 ? ? ? ? ? 0.035 0 1 1 0.995 ? 
8.700 47.410 ? 55.100 781  ? ? 122 ? 99.500 ? ? ? ? 0.068 ? ? ? ? ? ? ? ? 6.400 ? ? ? ? ? 0.028 0 2 1 0.990 ? 
# 
_refine.aniso_B[1][1]                            -0.1900 
_refine.aniso_B[1][2]                            0.0000 
_refine.aniso_B[1][3]                            -0.1200 
_refine.aniso_B[2][2]                            -0.0300 
_refine.aniso_B[2][3]                            -0.0000 
_refine.aniso_B[3][3]                            0.2500 
_refine.B_iso_max                                49.560 
_refine.B_iso_mean                               15.3480 
_refine.B_iso_min                                6.910 
_refine.correlation_coeff_Fo_to_Fc               0.9590 
_refine.correlation_coeff_Fo_to_Fc_free          0.9510 
_refine.details                                  
'HYDROGENS HAVE BEEN ADDED IN THE RIDING POSITIONS U VALUES      : REFINED INDIVIDUALLY' 
_refine.diff_density_max                         ? 
_refine.diff_density_max_esd                     ? 
_refine.diff_density_min                         ? 
_refine.diff_density_min_esd                     ? 
_refine.diff_density_rms                         ? 
_refine.diff_density_rms_esd                     ? 
_refine.entry_id                                 5CPE 
_refine.pdbx_refine_id                           'X-RAY DIFFRACTION' 
_refine.ls_abs_structure_details                 ? 
_refine.ls_abs_structure_Flack                   ? 
_refine.ls_abs_structure_Flack_esd               ? 
_refine.ls_abs_structure_Rogers                  ? 
_refine.ls_abs_structure_Rogers_esd              ? 
_refine.ls_d_res_high                            1.6200 
_refine.ls_d_res_low                             47.4100 
_refine.ls_extinction_coef                       ? 
_refine.ls_extinction_coef_esd                   ? 
_refine.ls_extinction_expression                 ? 
_refine.ls_extinction_method                     ? 
_refine.ls_goodness_of_fit_all                   ? 
_refine.ls_goodness_of_fit_all_esd               ? 
_refine.ls_goodness_of_fit_obs                   ? 
_refine.ls_goodness_of_fit_obs_esd               ? 
_refine.ls_hydrogen_treatment                    ? 
_refine.ls_matrix_type                           ? 
_refine.ls_number_constraints                    ? 
_refine.ls_number_parameters                     ? 
_refine.ls_number_reflns_all                     ? 
_refine.ls_number_reflns_obs                     15568 
_refine.ls_number_reflns_R_free                  787 
_refine.ls_number_reflns_R_work                  ? 
_refine.ls_number_restraints                     ? 
_refine.ls_percent_reflns_obs                    98.3000 
_refine.ls_percent_reflns_R_free                 4.8000 
_refine.ls_R_factor_all                          ? 
_refine.ls_R_factor_obs                          0.1607 
_refine.ls_R_factor_R_free                       0.1868 
_refine.ls_R_factor_R_free_error                 ? 
_refine.ls_R_factor_R_free_error_details         ? 
_refine.ls_R_factor_R_work                       0.1593 
_refine.ls_R_Fsqd_factor_obs                     ? 
_refine.ls_R_I_factor_obs                        ? 
_refine.ls_redundancy_reflns_all                 ? 
_refine.ls_redundancy_reflns_obs                 ? 
_refine.ls_restrained_S_all                      ? 
_refine.ls_restrained_S_obs                      ? 
_refine.ls_shift_over_esd_max                    ? 
_refine.ls_shift_over_esd_mean                   ? 
_refine.ls_structure_factor_coef                 ? 
_refine.ls_weighting_details                     ? 
_refine.ls_weighting_scheme                      ? 
_refine.ls_wR_factor_all                         ? 
_refine.ls_wR_factor_obs                         ? 
_refine.ls_wR_factor_R_free                      ? 
_refine.ls_wR_factor_R_work                      ? 
_refine.occupancy_max                            ? 
_refine.occupancy_min                            ? 
_refine.solvent_model_details                    MASK 
_refine.solvent_model_param_bsol                 ? 
_refine.solvent_model_param_ksol                 ? 
_refine.ls_R_factor_gt                           ? 
_refine.ls_goodness_of_fit_gt                    ? 
_refine.ls_goodness_of_fit_ref                   ? 
_refine.ls_shift_over_su_max                     ? 
_refine.ls_shift_over_su_max_lt                  ? 
_refine.ls_shift_over_su_mean                    ? 
_refine.ls_shift_over_su_mean_lt                 ? 
_refine.pdbx_ls_sigma_I                          ? 
_refine.pdbx_ls_sigma_F                          0.000 
_refine.pdbx_ls_sigma_Fsqd                       ? 
_refine.pdbx_data_cutoff_high_absF               ? 
_refine.pdbx_data_cutoff_high_rms_absF           ? 
_refine.pdbx_data_cutoff_low_absF                ? 
_refine.pdbx_isotropic_thermal_model             ? 
_refine.pdbx_ls_cross_valid_method               THROUGHOUT 
_refine.pdbx_method_to_determine_struct          ? 
_refine.pdbx_starting_model                      ? 
_refine.pdbx_stereochemistry_target_values       'MAXIMUM LIKELIHOOD' 
_refine.pdbx_R_Free_selection_details            RANDOM 
_refine.pdbx_stereochem_target_val_spec_case     ? 
_refine.pdbx_overall_ESU_R                       0.0900 
_refine.pdbx_overall_ESU_R_Free                  0.0870 
_refine.pdbx_solvent_vdw_probe_radii             1.2000 
_refine.pdbx_solvent_ion_probe_radii             0.8000 
_refine.pdbx_solvent_shrinkage_radii             0.8000 
_refine.pdbx_real_space_R                        ? 
_refine.pdbx_density_correlation                 ? 
_refine.pdbx_pd_number_of_powder_patterns        ? 
_refine.pdbx_pd_number_of_points                 ? 
_refine.pdbx_pd_meas_number_of_points            ? 
_refine.pdbx_pd_proc_ls_prof_R_factor            ? 
_refine.pdbx_pd_proc_ls_prof_wR_factor           ? 
_refine.pdbx_pd_Marquardt_correlation_coeff      ? 
_refine.pdbx_pd_Fsqrd_R_factor                   ? 
_refine.pdbx_pd_ls_matrix_band_width             ? 
_refine.pdbx_overall_phase_error                 ? 
_refine.pdbx_overall_SU_R_free_Cruickshank_DPI   ? 
_refine.pdbx_overall_SU_R_free_Blow_DPI          ? 
_refine.pdbx_overall_SU_R_Blow_DPI               ? 
_refine.pdbx_TLS_residual_ADP_flag               ? 
_refine.pdbx_diffrn_id                           1 
_refine.overall_SU_B                             1.3260 
_refine.overall_SU_ML                            0.0480 
_refine.overall_SU_R_Cruickshank_DPI             ? 
_refine.overall_SU_R_free                        ? 
_refine.overall_FOM_free_R_set                   ? 
_refine.overall_FOM_work_R_set                   ? 
_refine.pdbx_average_fsc_overall                 ? 
_refine.pdbx_average_fsc_work                    ? 
_refine.pdbx_average_fsc_free                    ? 
# 
_refine_hist.cycle_id                         final 
_refine_hist.pdbx_refine_id                   'X-RAY DIFFRACTION' 
_refine_hist.d_res_high                       1.6200 
_refine_hist.d_res_low                        47.4100 
_refine_hist.pdbx_number_atoms_ligand         34 
_refine_hist.number_atoms_solvent             118 
_refine_hist.number_atoms_total               1234 
_refine_hist.pdbx_number_residues_total       130 
_refine_hist.pdbx_B_iso_mean_ligand           16.44 
_refine_hist.pdbx_B_iso_mean_solvent          23.91 
_refine_hist.pdbx_number_atoms_protein        1082 
_refine_hist.pdbx_number_atoms_nucleic_acid   0 
# 
loop_
_refine_ls_restr.pdbx_refine_id 
_refine_ls_restr.criterion 
_refine_ls_restr.dev_ideal 
_refine_ls_restr.dev_ideal_target 
_refine_ls_restr.number 
_refine_ls_restr.rejects 
_refine_ls_restr.type 
_refine_ls_restr.weight 
_refine_ls_restr.pdbx_restraint_function 
'X-RAY DIFFRACTION' ? 0.012  0.020  1161 ? r_bond_refined_d       ? ? 
'X-RAY DIFFRACTION' ? 0.004  0.020  1120 ? r_bond_other_d         ? ? 
'X-RAY DIFFRACTION' ? 1.657  1.999  1584 ? r_angle_refined_deg    ? ? 
'X-RAY DIFFRACTION' ? 1.050  3.007  2589 ? r_angle_other_deg      ? ? 
'X-RAY DIFFRACTION' ? 5.183  5.000  133  ? r_dihedral_angle_1_deg ? ? 
'X-RAY DIFFRACTION' ? 35.314 25.455 55   ? r_dihedral_angle_2_deg ? ? 
'X-RAY DIFFRACTION' ? 12.827 15.000 200  ? r_dihedral_angle_3_deg ? ? 
'X-RAY DIFFRACTION' ? 17.062 15.000 4    ? r_dihedral_angle_4_deg ? ? 
'X-RAY DIFFRACTION' ? 0.363  0.200  167  ? r_chiral_restr         ? ? 
'X-RAY DIFFRACTION' ? 0.007  0.021  1282 ? r_gen_planes_refined   ? ? 
'X-RAY DIFFRACTION' ? 0.002  0.020  262  ? r_gen_planes_other     ? ? 
'X-RAY DIFFRACTION' ? 1.097  1.323  523  ? r_mcbond_it            ? ? 
'X-RAY DIFFRACTION' ? 1.079  1.317  522  ? r_mcbond_other         ? ? 
'X-RAY DIFFRACTION' ? 1.787  1.973  653  ? r_mcangle_it           ? ? 
# 
_refine_ls_shell.pdbx_refine_id                   'X-RAY DIFFRACTION' 
_refine_ls_shell.d_res_high                       1.6160 
_refine_ls_shell.d_res_low                        1.6580 
_refine_ls_shell.number_reflns_all                1215 
_refine_ls_shell.number_reflns_obs                ? 
_refine_ls_shell.number_reflns_R_free             52 
_refine_ls_shell.number_reflns_R_work             1163 
_refine_ls_shell.percent_reflns_obs               98.3800 
_refine_ls_shell.percent_reflns_R_free            ? 
_refine_ls_shell.R_factor_all                     ? 
_refine_ls_shell.R_factor_obs                     ? 
_refine_ls_shell.R_factor_R_free                  0.1890 
_refine_ls_shell.R_factor_R_free_error            ? 
_refine_ls_shell.R_factor_R_work                  0.1440 
_refine_ls_shell.redundancy_reflns_all            ? 
_refine_ls_shell.redundancy_reflns_obs            ? 
_refine_ls_shell.wR_factor_all                    ? 
_refine_ls_shell.wR_factor_obs                    ? 
_refine_ls_shell.wR_factor_R_free                 ? 
_refine_ls_shell.wR_factor_R_work                 ? 
_refine_ls_shell.pdbx_total_number_of_bins_used   20 
_refine_ls_shell.pdbx_phase_error                 ? 
_refine_ls_shell.pdbx_fsc_work                    ? 
_refine_ls_shell.pdbx_fsc_free                    ? 
# 
_struct.entry_id                     5CPE 
_struct.title                        
'Crystal Structure of the first bromodomain of human BRD4 in complex with benzo[cd]indol-2(1H)-one ligand' 
_struct.pdbx_model_details           ? 
_struct.pdbx_formula_weight          ? 
_struct.pdbx_formula_weight_method   ? 
_struct.pdbx_model_type_details      ? 
_struct.pdbx_CASP_flag               ? 
# 
_struct_keywords.entry_id        5CPE 
_struct_keywords.text            
'BRD4, Bromodomain, Four Alpha Helices, Transcription-transcr, SIGNALING PROTEIN-INHIBITOR complex' 
_struct_keywords.pdbx_keywords   'SIGNALING PROTEIN/INHIBITOR' 
# 
loop_
_struct_asym.id 
_struct_asym.pdbx_blank_PDB_chainid_flag 
_struct_asym.pdbx_modified 
_struct_asym.entity_id 
_struct_asym.details 
A N N 1 ? 
B N N 2 ? 
C N N 2 ? 
D N N 3 ? 
E N N 4 ? 
# 
_struct_ref.id                         1 
_struct_ref.db_name                    UNP 
_struct_ref.db_code                    BRD4_HUMAN 
_struct_ref.pdbx_db_accession          O60885 
_struct_ref.pdbx_db_isoform            ? 
_struct_ref.entity_id                  1 
_struct_ref.pdbx_seq_one_letter_code   
;NPPPPETSNPNKPKRQTNQLQYLLRVVLKTLWKHQFAWPFQQPVDAVKLNLPDYYKIIKTPMDMGTIKKRLENNYYWNAQ
ECIQDFNTMFTNCYIYNKPGDDIVLMAEALEKLFLQKINELPTEE
;
_struct_ref.pdbx_align_begin           44 
# 
_struct_ref_seq.align_id                      1 
_struct_ref_seq.ref_id                        1 
_struct_ref_seq.pdbx_PDB_id_code              5CPE 
_struct_ref_seq.pdbx_strand_id                A 
_struct_ref_seq.seq_align_beg                 17 
_struct_ref_seq.pdbx_seq_align_beg_ins_code   ? 
_struct_ref_seq.seq_align_end                 141 
_struct_ref_seq.pdbx_seq_align_end_ins_code   ? 
_struct_ref_seq.pdbx_db_accession             O60885 
_struct_ref_seq.db_align_beg                  44 
_struct_ref_seq.pdbx_db_align_beg_ins_code    ? 
_struct_ref_seq.db_align_end                  168 
_struct_ref_seq.pdbx_db_align_end_ins_code    ? 
_struct_ref_seq.pdbx_auth_seq_align_beg       44 
_struct_ref_seq.pdbx_auth_seq_align_end       168 
# 
loop_
_struct_ref_seq_dif.align_id 
_struct_ref_seq_dif.pdbx_pdb_id_code 
_struct_ref_seq_dif.mon_id 
_struct_ref_seq_dif.pdbx_pdb_strand_id 
_struct_ref_seq_dif.seq_num 
_struct_ref_seq_dif.pdbx_pdb_ins_code 
_struct_ref_seq_dif.pdbx_seq_db_name 
_struct_ref_seq_dif.pdbx_seq_db_accession_code 
_struct_ref_seq_dif.db_mon_id 
_struct_ref_seq_dif.pdbx_seq_db_seq_num 
_struct_ref_seq_dif.details 
_struct_ref_seq_dif.pdbx_auth_seq_num 
_struct_ref_seq_dif.pdbx_ordinal 
1 5CPE MET A 1  ? UNP O60885 ? ? 'initiating methionine' 28 1  
1 5CPE LYS A 2  ? UNP O60885 ? ? 'expression tag'        29 2  
1 5CPE LYS A 3  ? UNP O60885 ? ? 'expression tag'        30 3  
1 5CPE GLY A 4  ? UNP O60885 ? ? 'expression tag'        31 4  
1 5CPE HIS A 5  ? UNP O60885 ? ? 'expression tag'        32 5  
1 5CPE HIS A 6  ? UNP O60885 ? ? 'expression tag'        33 6  
1 5CPE HIS A 7  ? UNP O60885 ? ? 'expression tag'        34 7  
1 5CPE HIS A 8  ? UNP O60885 ? ? 'expression tag'        35 8  
1 5CPE HIS A 9  ? UNP O60885 ? ? 'expression tag'        36 9  
1 5CPE HIS A 10 ? UNP O60885 ? ? 'expression tag'        37 10 
1 5CPE LEU A 11 ? UNP O60885 ? ? 'expression tag'        38 11 
1 5CPE VAL A 12 ? UNP O60885 ? ? 'expression tag'        39 12 
1 5CPE PRO A 13 ? UNP O60885 ? ? 'expression tag'        40 13 
1 5CPE ARG A 14 ? UNP O60885 ? ? 'expression tag'        41 14 
1 5CPE GLY A 15 ? UNP O60885 ? ? 'expression tag'        42 15 
1 5CPE SER A 16 ? UNP O60885 ? ? 'expression tag'        43 16 
# 
_pdbx_struct_assembly.id                   1 
_pdbx_struct_assembly.details              author_defined_assembly 
_pdbx_struct_assembly.method_details       ? 
_pdbx_struct_assembly.oligomeric_details   monomeric 
_pdbx_struct_assembly.oligomeric_count     1 
# 
loop_
_pdbx_struct_assembly_prop.biol_id 
_pdbx_struct_assembly_prop.type 
_pdbx_struct_assembly_prop.value 
_pdbx_struct_assembly_prop.details 
1 'ABSA (A^2)' 440  ? 
1 MORE         6    ? 
1 'SSA (A^2)'  7910 ? 
# 
_pdbx_struct_assembly_gen.assembly_id       1 
_pdbx_struct_assembly_gen.oper_expression   1 
_pdbx_struct_assembly_gen.asym_id_list      A,B,C,D,E 
# 
_pdbx_struct_oper_list.id                   1 
_pdbx_struct_oper_list.type                 'identity operation' 
_pdbx_struct_oper_list.name                 1_555 
_pdbx_struct_oper_list.symmetry_operation   x,y,z 
_pdbx_struct_oper_list.matrix[1][1]         1.0000000000 
_pdbx_struct_oper_list.matrix[1][2]         0.0000000000 
_pdbx_struct_oper_list.matrix[1][3]         0.0000000000 
_pdbx_struct_oper_list.vector[1]            0.0000000000 
_pdbx_struct_oper_list.matrix[2][1]         0.0000000000 
_pdbx_struct_oper_list.matrix[2][2]         1.0000000000 
_pdbx_struct_oper_list.matrix[2][3]         0.0000000000 
_pdbx_struct_oper_list.vector[2]            0.0000000000 
_pdbx_struct_oper_list.matrix[3][1]         0.0000000000 
_pdbx_struct_oper_list.matrix[3][2]         0.0000000000 
_pdbx_struct_oper_list.matrix[3][3]         1.0000000000 
_pdbx_struct_oper_list.vector[3]            0.0000000000 
# 
loop_
_struct_conf.conf_type_id 
_struct_conf.id 
_struct_conf.pdbx_PDB_helix_id 
_struct_conf.beg_label_comp_id 
_struct_conf.beg_label_asym_id 
_struct_conf.beg_label_seq_id 
_struct_conf.pdbx_beg_PDB_ins_code 
_struct_conf.end_label_comp_id 
_struct_conf.end_label_asym_id 
_struct_conf.end_label_seq_id 
_struct_conf.pdbx_end_PDB_ins_code 
_struct_conf.beg_auth_comp_id 
_struct_conf.beg_auth_asym_id 
_struct_conf.beg_auth_seq_id 
_struct_conf.end_auth_comp_id 
_struct_conf.end_auth_asym_id 
_struct_conf.end_auth_seq_id 
_struct_conf.pdbx_PDB_helix_class 
_struct_conf.details 
_struct_conf.pdbx_PDB_helix_length 
HELX_P HELX_P1 AA1 THR A 33  ? VAL A 42  ? THR A 60  VAL A 69  1 ? 10 
HELX_P HELX_P2 AA2 VAL A 42  ? HIS A 50  ? VAL A 69  HIS A 77  1 ? 9  
HELX_P HELX_P3 AA3 ALA A 53  ? GLN A 57  ? ALA A 80  GLN A 84  5 ? 5  
HELX_P HELX_P4 AA4 ASP A 69  ? ILE A 74  ? ASP A 96  ILE A 101 1 ? 6  
HELX_P HELX_P5 AA5 ASP A 79  ? ASN A 89  ? ASP A 106 ASN A 116 1 ? 11 
HELX_P HELX_P6 AA6 ASN A 94  ? ASN A 113 ? ASN A 121 ASN A 140 1 ? 20 
HELX_P HELX_P7 AA7 ASP A 117 ? ASN A 135 ? ASP A 144 ASN A 162 1 ? 19 
# 
_struct_conf_type.id          HELX_P 
_struct_conf_type.criteria    ? 
_struct_conf_type.reference   ? 
# 
loop_
_struct_site.id 
_struct_site.pdbx_evidence_code 
_struct_site.pdbx_auth_asym_id 
_struct_site.pdbx_auth_comp_id 
_struct_site.pdbx_auth_seq_id 
_struct_site.pdbx_auth_ins_code 
_struct_site.pdbx_num_residues 
_struct_site.details 
AC1 Software A EDO 201 ? 3  'binding site for residue EDO A 201' 
AC2 Software A EDO 202 ? 5  'binding site for residue EDO A 202' 
AC3 Software A EB2 203 ? 10 'binding site for residue EB2 A 203' 
# 
loop_
_struct_site_gen.id 
_struct_site_gen.site_id 
_struct_site_gen.pdbx_num_res 
_struct_site_gen.label_comp_id 
_struct_site_gen.label_asym_id 
_struct_site_gen.label_seq_id 
_struct_site_gen.pdbx_auth_ins_code 
_struct_site_gen.auth_comp_id 
_struct_site_gen.auth_asym_id 
_struct_site_gen.auth_seq_id 
_struct_site_gen.label_atom_id 
_struct_site_gen.label_alt_id 
_struct_site_gen.symmetry 
_struct_site_gen.details 
1  AC1 3  ASN A 103 ? ASN A 130 . ? 1_555 ? 
2  AC1 3  PHE A 106 ? PHE A 133 . ? 1_555 ? 
3  AC1 3  GLU A 127 ? GLU A 154 . ? 1_555 ? 
4  AC2 5  PRO A 59  ? PRO A 86  . ? 1_555 ? 
5  AC2 5  ASP A 79  ? ASP A 106 . ? 1_555 ? 
6  AC2 5  GLY A 81  ? GLY A 108 . ? 1_555 ? 
7  AC2 5  THR A 82  ? THR A 109 . ? 1_555 ? 
8  AC2 5  HOH E .   ? HOH A 303 . ? 1_555 ? 
9  AC3 10 TRP A 54  ? TRP A 81  . ? 1_555 ? 
10 AC3 10 PRO A 55  ? PRO A 82  . ? 1_555 ? 
11 AC3 10 PHE A 56  ? PHE A 83  . ? 1_555 ? 
12 AC3 10 VAL A 60  ? VAL A 87  . ? 1_555 ? 
13 AC3 10 LEU A 65  ? LEU A 92  . ? 1_555 ? 
14 AC3 10 ASN A 113 ? ASN A 140 . ? 1_555 ? 
15 AC3 10 MET A 122 ? MET A 149 . ? 1_555 ? 
16 AC3 10 HOH E .   ? HOH A 309 . ? 1_555 ? 
17 AC3 10 HOH E .   ? HOH A 315 . ? 1_555 ? 
18 AC3 10 HOH E .   ? HOH A 386 . ? 1_555 ? 
# 
_pdbx_validate_close_contact.id               1 
_pdbx_validate_close_contact.PDB_model_num    1 
_pdbx_validate_close_contact.auth_atom_id_1   O 
_pdbx_validate_close_contact.auth_asym_id_1   A 
_pdbx_validate_close_contact.auth_comp_id_1   HOH 
_pdbx_validate_close_contact.auth_seq_id_1    305 
_pdbx_validate_close_contact.PDB_ins_code_1   ? 
_pdbx_validate_close_contact.label_alt_id_1   ? 
_pdbx_validate_close_contact.auth_atom_id_2   O 
_pdbx_validate_close_contact.auth_asym_id_2   A 
_pdbx_validate_close_contact.auth_comp_id_2   HOH 
_pdbx_validate_close_contact.auth_seq_id_2    389 
_pdbx_validate_close_contact.PDB_ins_code_2   ? 
_pdbx_validate_close_contact.label_alt_id_2   ? 
_pdbx_validate_close_contact.dist             2.00 
# 
loop_
_pdbx_validate_symm_contact.id 
_pdbx_validate_symm_contact.PDB_model_num 
_pdbx_validate_symm_contact.auth_atom_id_1 
_pdbx_validate_symm_contact.auth_asym_id_1 
_pdbx_validate_symm_contact.auth_comp_id_1 
_pdbx_validate_symm_contact.auth_seq_id_1 
_pdbx_validate_symm_contact.PDB_ins_code_1 
_pdbx_validate_symm_contact.label_alt_id_1 
_pdbx_validate_symm_contact.site_symmetry_1 
_pdbx_validate_symm_contact.auth_atom_id_2 
_pdbx_validate_symm_contact.auth_asym_id_2 
_pdbx_validate_symm_contact.auth_comp_id_2 
_pdbx_validate_symm_contact.auth_seq_id_2 
_pdbx_validate_symm_contact.PDB_ins_code_2 
_pdbx_validate_symm_contact.label_alt_id_2 
_pdbx_validate_symm_contact.site_symmetry_2 
_pdbx_validate_symm_contact.dist 
1 1 O A HOH 405 ? ? 1_555 O A HOH 407 ? ? 2_555 1.89 
2 1 O A HOH 395 ? ? 1_555 O A HOH 407 ? ? 2_555 2.12 
# 
loop_
_pdbx_unobs_or_zero_occ_residues.id 
_pdbx_unobs_or_zero_occ_residues.PDB_model_num 
_pdbx_unobs_or_zero_occ_residues.polymer_flag 
_pdbx_unobs_or_zero_occ_residues.occupancy_flag 
_pdbx_unobs_or_zero_occ_residues.auth_asym_id 
_pdbx_unobs_or_zero_occ_residues.auth_comp_id 
_pdbx_unobs_or_zero_occ_residues.auth_seq_id 
_pdbx_unobs_or_zero_occ_residues.PDB_ins_code 
_pdbx_unobs_or_zero_occ_residues.label_asym_id 
_pdbx_unobs_or_zero_occ_residues.label_comp_id 
_pdbx_unobs_or_zero_occ_residues.label_seq_id 
1  1 Y 1 A MET 28  ? A MET 1   
2  1 Y 1 A LYS 29  ? A LYS 2   
3  1 Y 1 A LYS 30  ? A LYS 3   
4  1 Y 1 A GLY 31  ? A GLY 4   
5  1 Y 1 A HIS 32  ? A HIS 5   
6  1 Y 1 A HIS 33  ? A HIS 6   
7  1 Y 1 A HIS 34  ? A HIS 7   
8  1 Y 1 A HIS 35  ? A HIS 8   
9  1 Y 1 A HIS 36  ? A HIS 9   
10 1 Y 1 A GLU 167 ? A GLU 140 
11 1 Y 1 A GLU 168 ? A GLU 141 
# 
loop_
_chem_comp_atom.comp_id 
_chem_comp_atom.atom_id 
_chem_comp_atom.type_symbol 
_chem_comp_atom.pdbx_aromatic_flag 
_chem_comp_atom.pdbx_stereo_config 
_chem_comp_atom.pdbx_ordinal 
ALA N    N N N 1   
ALA CA   C N S 2   
ALA C    C N N 3   
ALA O    O N N 4   
ALA CB   C N N 5   
ALA OXT  O N N 6   
ALA H    H N N 7   
ALA H2   H N N 8   
ALA HA   H N N 9   
ALA HB1  H N N 10  
ALA HB2  H N N 11  
ALA HB3  H N N 12  
ALA HXT  H N N 13  
ARG N    N N N 14  
ARG CA   C N S 15  
ARG C    C N N 16  
ARG O    O N N 17  
ARG CB   C N N 18  
ARG CG   C N N 19  
ARG CD   C N N 20  
ARG NE   N N N 21  
ARG CZ   C N N 22  
ARG NH1  N N N 23  
ARG NH2  N N N 24  
ARG OXT  O N N 25  
ARG H    H N N 26  
ARG H2   H N N 27  
ARG HA   H N N 28  
ARG HB2  H N N 29  
ARG HB3  H N N 30  
ARG HG2  H N N 31  
ARG HG3  H N N 32  
ARG HD2  H N N 33  
ARG HD3  H N N 34  
ARG HE   H N N 35  
ARG HH11 H N N 36  
ARG HH12 H N N 37  
ARG HH21 H N N 38  
ARG HH22 H N N 39  
ARG HXT  H N N 40  
ASN N    N N N 41  
ASN CA   C N S 42  
ASN C    C N N 43  
ASN O    O N N 44  
ASN CB   C N N 45  
ASN CG   C N N 46  
ASN OD1  O N N 47  
ASN ND2  N N N 48  
ASN OXT  O N N 49  
ASN H    H N N 50  
ASN H2   H N N 51  
ASN HA   H N N 52  
ASN HB2  H N N 53  
ASN HB3  H N N 54  
ASN HD21 H N N 55  
ASN HD22 H N N 56  
ASN HXT  H N N 57  
ASP N    N N N 58  
ASP CA   C N S 59  
ASP C    C N N 60  
ASP O    O N N 61  
ASP CB   C N N 62  
ASP CG   C N N 63  
ASP OD1  O N N 64  
ASP OD2  O N N 65  
ASP OXT  O N N 66  
ASP H    H N N 67  
ASP H2   H N N 68  
ASP HA   H N N 69  
ASP HB2  H N N 70  
ASP HB3  H N N 71  
ASP HD2  H N N 72  
ASP HXT  H N N 73  
CYS N    N N N 74  
CYS CA   C N R 75  
CYS C    C N N 76  
CYS O    O N N 77  
CYS CB   C N N 78  
CYS SG   S N N 79  
CYS OXT  O N N 80  
CYS H    H N N 81  
CYS H2   H N N 82  
CYS HA   H N N 83  
CYS HB2  H N N 84  
CYS HB3  H N N 85  
CYS HG   H N N 86  
CYS HXT  H N N 87  
EB2 CAU  C N N 88  
EB2 CAV  C N N 89  
EB2 CAW  C N N 90  
EB2 CAX  C N N 91  
EB2 CAY  C N N 92  
EB2 CAZ  C N N 93  
EB2 CAT  C N N 94  
EB2 NAS  N N N 95  
EB2 SAP  S N N 96  
EB2 OAQ  O N N 97  
EB2 OAR  O N N 98  
EB2 CAC  C Y N 99  
EB2 CAB  C Y N 100 
EB2 CAA  C Y N 101 
EB2 CAF  C Y N 102 
EB2 CAE  C Y N 103 
EB2 CAD  C Y N 104 
EB2 CAG  C Y N 105 
EB2 CAH  C Y N 106 
EB2 CAI  C Y N 107 
EB2 CAJ  C Y N 108 
EB2 CAL  C N N 109 
EB2 OAO  O N N 110 
EB2 NAK  N N N 111 
EB2 CAM  C N N 112 
EB2 CAN  C N N 113 
EB2 H1   H N N 114 
EB2 H2   H N N 115 
EB2 H3   H N N 116 
EB2 H4   H N N 117 
EB2 H5   H N N 118 
EB2 H6   H N N 119 
EB2 H7   H N N 120 
EB2 H8   H N N 121 
EB2 H9   H N N 122 
EB2 H10  H N N 123 
EB2 H11  H N N 124 
EB2 H12  H N N 125 
EB2 H13  H N N 126 
EB2 H14  H N N 127 
EB2 H15  H N N 128 
EB2 H16  H N N 129 
EB2 H17  H N N 130 
EB2 H18  H N N 131 
EB2 H19  H N N 132 
EB2 H20  H N N 133 
EB2 H21  H N N 134 
EB2 H22  H N N 135 
EB2 H23  H N N 136 
EB2 H24  H N N 137 
EDO C1   C N N 138 
EDO O1   O N N 139 
EDO C2   C N N 140 
EDO O2   O N N 141 
EDO H11  H N N 142 
EDO H12  H N N 143 
EDO HO1  H N N 144 
EDO H21  H N N 145 
EDO H22  H N N 146 
EDO HO2  H N N 147 
GLN N    N N N 148 
GLN CA   C N S 149 
GLN C    C N N 150 
GLN O    O N N 151 
GLN CB   C N N 152 
GLN CG   C N N 153 
GLN CD   C N N 154 
GLN OE1  O N N 155 
GLN NE2  N N N 156 
GLN OXT  O N N 157 
GLN H    H N N 158 
GLN H2   H N N 159 
GLN HA   H N N 160 
GLN HB2  H N N 161 
GLN HB3  H N N 162 
GLN HG2  H N N 163 
GLN HG3  H N N 164 
GLN HE21 H N N 165 
GLN HE22 H N N 166 
GLN HXT  H N N 167 
GLU N    N N N 168 
GLU CA   C N S 169 
GLU C    C N N 170 
GLU O    O N N 171 
GLU CB   C N N 172 
GLU CG   C N N 173 
GLU CD   C N N 174 
GLU OE1  O N N 175 
GLU OE2  O N N 176 
GLU OXT  O N N 177 
GLU H    H N N 178 
GLU H2   H N N 179 
GLU HA   H N N 180 
GLU HB2  H N N 181 
GLU HB3  H N N 182 
GLU HG2  H N N 183 
GLU HG3  H N N 184 
GLU HE2  H N N 185 
GLU HXT  H N N 186 
GLY N    N N N 187 
GLY CA   C N N 188 
GLY C    C N N 189 
GLY O    O N N 190 
GLY OXT  O N N 191 
GLY H    H N N 192 
GLY H2   H N N 193 
GLY HA2  H N N 194 
GLY HA3  H N N 195 
GLY HXT  H N N 196 
HIS N    N N N 197 
HIS CA   C N S 198 
HIS C    C N N 199 
HIS O    O N N 200 
HIS CB   C N N 201 
HIS CG   C Y N 202 
HIS ND1  N Y N 203 
HIS CD2  C Y N 204 
HIS CE1  C Y N 205 
HIS NE2  N Y N 206 
HIS OXT  O N N 207 
HIS H    H N N 208 
HIS H2   H N N 209 
HIS HA   H N N 210 
HIS HB2  H N N 211 
HIS HB3  H N N 212 
HIS HD1  H N N 213 
HIS HD2  H N N 214 
HIS HE1  H N N 215 
HIS HE2  H N N 216 
HIS HXT  H N N 217 
HOH O    O N N 218 
HOH H1   H N N 219 
HOH H2   H N N 220 
ILE N    N N N 221 
ILE CA   C N S 222 
ILE C    C N N 223 
ILE O    O N N 224 
ILE CB   C N S 225 
ILE CG1  C N N 226 
ILE CG2  C N N 227 
ILE CD1  C N N 228 
ILE OXT  O N N 229 
ILE H    H N N 230 
ILE H2   H N N 231 
ILE HA   H N N 232 
ILE HB   H N N 233 
ILE HG12 H N N 234 
ILE HG13 H N N 235 
ILE HG21 H N N 236 
ILE HG22 H N N 237 
ILE HG23 H N N 238 
ILE HD11 H N N 239 
ILE HD12 H N N 240 
ILE HD13 H N N 241 
ILE HXT  H N N 242 
LEU N    N N N 243 
LEU CA   C N S 244 
LEU C    C N N 245 
LEU O    O N N 246 
LEU CB   C N N 247 
LEU CG   C N N 248 
LEU CD1  C N N 249 
LEU CD2  C N N 250 
LEU OXT  O N N 251 
LEU H    H N N 252 
LEU H2   H N N 253 
LEU HA   H N N 254 
LEU HB2  H N N 255 
LEU HB3  H N N 256 
LEU HG   H N N 257 
LEU HD11 H N N 258 
LEU HD12 H N N 259 
LEU HD13 H N N 260 
LEU HD21 H N N 261 
LEU HD22 H N N 262 
LEU HD23 H N N 263 
LEU HXT  H N N 264 
LYS N    N N N 265 
LYS CA   C N S 266 
LYS C    C N N 267 
LYS O    O N N 268 
LYS CB   C N N 269 
LYS CG   C N N 270 
LYS CD   C N N 271 
LYS CE   C N N 272 
LYS NZ   N N N 273 
LYS OXT  O N N 274 
LYS H    H N N 275 
LYS H2   H N N 276 
LYS HA   H N N 277 
LYS HB2  H N N 278 
LYS HB3  H N N 279 
LYS HG2  H N N 280 
LYS HG3  H N N 281 
LYS HD2  H N N 282 
LYS HD3  H N N 283 
LYS HE2  H N N 284 
LYS HE3  H N N 285 
LYS HZ1  H N N 286 
LYS HZ2  H N N 287 
LYS HZ3  H N N 288 
LYS HXT  H N N 289 
MET N    N N N 290 
MET CA   C N S 291 
MET C    C N N 292 
MET O    O N N 293 
MET CB   C N N 294 
MET CG   C N N 295 
MET SD   S N N 296 
MET CE   C N N 297 
MET OXT  O N N 298 
MET H    H N N 299 
MET H2   H N N 300 
MET HA   H N N 301 
MET HB2  H N N 302 
MET HB3  H N N 303 
MET HG2  H N N 304 
MET HG3  H N N 305 
MET HE1  H N N 306 
MET HE2  H N N 307 
MET HE3  H N N 308 
MET HXT  H N N 309 
PHE N    N N N 310 
PHE CA   C N S 311 
PHE C    C N N 312 
PHE O    O N N 313 
PHE CB   C N N 314 
PHE CG   C Y N 315 
PHE CD1  C Y N 316 
PHE CD2  C Y N 317 
PHE CE1  C Y N 318 
PHE CE2  C Y N 319 
PHE CZ   C Y N 320 
PHE OXT  O N N 321 
PHE H    H N N 322 
PHE H2   H N N 323 
PHE HA   H N N 324 
PHE HB2  H N N 325 
PHE HB3  H N N 326 
PHE HD1  H N N 327 
PHE HD2  H N N 328 
PHE HE1  H N N 329 
PHE HE2  H N N 330 
PHE HZ   H N N 331 
PHE HXT  H N N 332 
PRO N    N N N 333 
PRO CA   C N S 334 
PRO C    C N N 335 
PRO O    O N N 336 
PRO CB   C N N 337 
PRO CG   C N N 338 
PRO CD   C N N 339 
PRO OXT  O N N 340 
PRO H    H N N 341 
PRO HA   H N N 342 
PRO HB2  H N N 343 
PRO HB3  H N N 344 
PRO HG2  H N N 345 
PRO HG3  H N N 346 
PRO HD2  H N N 347 
PRO HD3  H N N 348 
PRO HXT  H N N 349 
SER N    N N N 350 
SER CA   C N S 351 
SER C    C N N 352 
SER O    O N N 353 
SER CB   C N N 354 
SER OG   O N N 355 
SER OXT  O N N 356 
SER H    H N N 357 
SER H2   H N N 358 
SER HA   H N N 359 
SER HB2  H N N 360 
SER HB3  H N N 361 
SER HG   H N N 362 
SER HXT  H N N 363 
THR N    N N N 364 
THR CA   C N S 365 
THR C    C N N 366 
THR O    O N N 367 
THR CB   C N R 368 
THR OG1  O N N 369 
THR CG2  C N N 370 
THR OXT  O N N 371 
THR H    H N N 372 
THR H2   H N N 373 
THR HA   H N N 374 
THR HB   H N N 375 
THR HG1  H N N 376 
THR HG21 H N N 377 
THR HG22 H N N 378 
THR HG23 H N N 379 
THR HXT  H N N 380 
TRP N    N N N 381 
TRP CA   C N S 382 
TRP C    C N N 383 
TRP O    O N N 384 
TRP CB   C N N 385 
TRP CG   C Y N 386 
TRP CD1  C Y N 387 
TRP CD2  C Y N 388 
TRP NE1  N Y N 389 
TRP CE2  C Y N 390 
TRP CE3  C Y N 391 
TRP CZ2  C Y N 392 
TRP CZ3  C Y N 393 
TRP CH2  C Y N 394 
TRP OXT  O N N 395 
TRP H    H N N 396 
TRP H2   H N N 397 
TRP HA   H N N 398 
TRP HB2  H N N 399 
TRP HB3  H N N 400 
TRP HD1  H N N 401 
TRP HE1  H N N 402 
TRP HE3  H N N 403 
TRP HZ2  H N N 404 
TRP HZ3  H N N 405 
TRP HH2  H N N 406 
TRP HXT  H N N 407 
TYR N    N N N 408 
TYR CA   C N S 409 
TYR C    C N N 410 
TYR O    O N N 411 
TYR CB   C N N 412 
TYR CG   C Y N 413 
TYR CD1  C Y N 414 
TYR CD2  C Y N 415 
TYR CE1  C Y N 416 
TYR CE2  C Y N 417 
TYR CZ   C Y N 418 
TYR OH   O N N 419 
TYR OXT  O N N 420 
TYR H    H N N 421 
TYR H2   H N N 422 
TYR HA   H N N 423 
TYR HB2  H N N 424 
TYR HB3  H N N 425 
TYR HD1  H N N 426 
TYR HD2  H N N 427 
TYR HE1  H N N 428 
TYR HE2  H N N 429 
TYR HH   H N N 430 
TYR HXT  H N N 431 
VAL N    N N N 432 
VAL CA   C N S 433 
VAL C    C N N 434 
VAL O    O N N 435 
VAL CB   C N N 436 
VAL CG1  C N N 437 
VAL CG2  C N N 438 
VAL OXT  O N N 439 
VAL H    H N N 440 
VAL H2   H N N 441 
VAL HA   H N N 442 
VAL HB   H N N 443 
VAL HG11 H N N 444 
VAL HG12 H N N 445 
VAL HG13 H N N 446 
VAL HG21 H N N 447 
VAL HG22 H N N 448 
VAL HG23 H N N 449 
VAL HXT  H N N 450 
# 
loop_
_chem_comp_bond.comp_id 
_chem_comp_bond.atom_id_1 
_chem_comp_bond.atom_id_2 
_chem_comp_bond.value_order 
_chem_comp_bond.pdbx_aromatic_flag 
_chem_comp_bond.pdbx_stereo_config 
_chem_comp_bond.pdbx_ordinal 
ALA N   CA   sing N N 1   
ALA N   H    sing N N 2   
ALA N   H2   sing N N 3   
ALA CA  C    sing N N 4   
ALA CA  CB   sing N N 5   
ALA CA  HA   sing N N 6   
ALA C   O    doub N N 7   
ALA C   OXT  sing N N 8   
ALA CB  HB1  sing N N 9   
ALA CB  HB2  sing N N 10  
ALA CB  HB3  sing N N 11  
ALA OXT HXT  sing N N 12  
ARG N   CA   sing N N 13  
ARG N   H    sing N N 14  
ARG N   H2   sing N N 15  
ARG CA  C    sing N N 16  
ARG CA  CB   sing N N 17  
ARG CA  HA   sing N N 18  
ARG C   O    doub N N 19  
ARG C   OXT  sing N N 20  
ARG CB  CG   sing N N 21  
ARG CB  HB2  sing N N 22  
ARG CB  HB3  sing N N 23  
ARG CG  CD   sing N N 24  
ARG CG  HG2  sing N N 25  
ARG CG  HG3  sing N N 26  
ARG CD  NE   sing N N 27  
ARG CD  HD2  sing N N 28  
ARG CD  HD3  sing N N 29  
ARG NE  CZ   sing N N 30  
ARG NE  HE   sing N N 31  
ARG CZ  NH1  sing N N 32  
ARG CZ  NH2  doub N N 33  
ARG NH1 HH11 sing N N 34  
ARG NH1 HH12 sing N N 35  
ARG NH2 HH21 sing N N 36  
ARG NH2 HH22 sing N N 37  
ARG OXT HXT  sing N N 38  
ASN N   CA   sing N N 39  
ASN N   H    sing N N 40  
ASN N   H2   sing N N 41  
ASN CA  C    sing N N 42  
ASN CA  CB   sing N N 43  
ASN CA  HA   sing N N 44  
ASN C   O    doub N N 45  
ASN C   OXT  sing N N 46  
ASN CB  CG   sing N N 47  
ASN CB  HB2  sing N N 48  
ASN CB  HB3  sing N N 49  
ASN CG  OD1  doub N N 50  
ASN CG  ND2  sing N N 51  
ASN ND2 HD21 sing N N 52  
ASN ND2 HD22 sing N N 53  
ASN OXT HXT  sing N N 54  
ASP N   CA   sing N N 55  
ASP N   H    sing N N 56  
ASP N   H2   sing N N 57  
ASP CA  C    sing N N 58  
ASP CA  CB   sing N N 59  
ASP CA  HA   sing N N 60  
ASP C   O    doub N N 61  
ASP C   OXT  sing N N 62  
ASP CB  CG   sing N N 63  
ASP CB  HB2  sing N N 64  
ASP CB  HB3  sing N N 65  
ASP CG  OD1  doub N N 66  
ASP CG  OD2  sing N N 67  
ASP OD2 HD2  sing N N 68  
ASP OXT HXT  sing N N 69  
CYS N   CA   sing N N 70  
CYS N   H    sing N N 71  
CYS N   H2   sing N N 72  
CYS CA  C    sing N N 73  
CYS CA  CB   sing N N 74  
CYS CA  HA   sing N N 75  
CYS C   O    doub N N 76  
CYS C   OXT  sing N N 77  
CYS CB  SG   sing N N 78  
CYS CB  HB2  sing N N 79  
CYS CB  HB3  sing N N 80  
CYS SG  HG   sing N N 81  
CYS OXT HXT  sing N N 82  
EB2 CAX CAY  sing N N 83  
EB2 CAX CAW  sing N N 84  
EB2 CAY CAZ  sing N N 85  
EB2 CAW CAV  sing N N 86  
EB2 CAZ CAT  sing N N 87  
EB2 CAV CAU  sing N N 88  
EB2 CAT CAU  sing N N 89  
EB2 CAT NAS  sing N N 90  
EB2 NAS SAP  sing N N 91  
EB2 OAR SAP  doub N N 92  
EB2 SAP OAQ  doub N N 93  
EB2 SAP CAC  sing N N 94  
EB2 CAC CAD  doub Y N 95  
EB2 CAC CAB  sing Y N 96  
EB2 CAG CAD  sing Y N 97  
EB2 CAG CAH  doub Y N 98  
EB2 CAD CAE  sing Y N 99  
EB2 CAB CAA  doub Y N 100 
EB2 CAH CAI  sing Y N 101 
EB2 CAE CAF  doub Y N 102 
EB2 CAE CAJ  sing Y N 103 
EB2 CAA CAF  sing Y N 104 
EB2 CAI CAJ  doub Y N 105 
EB2 CAF NAK  sing N N 106 
EB2 CAJ CAL  sing N N 107 
EB2 NAK CAL  sing N N 108 
EB2 NAK CAM  sing N N 109 
EB2 CAL OAO  doub N N 110 
EB2 CAN CAM  sing N N 111 
EB2 CAU H1   sing N N 112 
EB2 CAU H2   sing N N 113 
EB2 CAV H3   sing N N 114 
EB2 CAV H4   sing N N 115 
EB2 CAW H5   sing N N 116 
EB2 CAW H6   sing N N 117 
EB2 CAX H7   sing N N 118 
EB2 CAX H8   sing N N 119 
EB2 CAY H9   sing N N 120 
EB2 CAY H10  sing N N 121 
EB2 CAZ H11  sing N N 122 
EB2 CAZ H12  sing N N 123 
EB2 CAT H13  sing N N 124 
EB2 NAS H14  sing N N 125 
EB2 CAB H15  sing N N 126 
EB2 CAA H16  sing N N 127 
EB2 CAG H17  sing N N 128 
EB2 CAH H18  sing N N 129 
EB2 CAI H19  sing N N 130 
EB2 CAM H20  sing N N 131 
EB2 CAM H21  sing N N 132 
EB2 CAN H22  sing N N 133 
EB2 CAN H23  sing N N 134 
EB2 CAN H24  sing N N 135 
EDO C1  O1   sing N N 136 
EDO C1  C2   sing N N 137 
EDO C1  H11  sing N N 138 
EDO C1  H12  sing N N 139 
EDO O1  HO1  sing N N 140 
EDO C2  O2   sing N N 141 
EDO C2  H21  sing N N 142 
EDO C2  H22  sing N N 143 
EDO O2  HO2  sing N N 144 
GLN N   CA   sing N N 145 
GLN N   H    sing N N 146 
GLN N   H2   sing N N 147 
GLN CA  C    sing N N 148 
GLN CA  CB   sing N N 149 
GLN CA  HA   sing N N 150 
GLN C   O    doub N N 151 
GLN C   OXT  sing N N 152 
GLN CB  CG   sing N N 153 
GLN CB  HB2  sing N N 154 
GLN CB  HB3  sing N N 155 
GLN CG  CD   sing N N 156 
GLN CG  HG2  sing N N 157 
GLN CG  HG3  sing N N 158 
GLN CD  OE1  doub N N 159 
GLN CD  NE2  sing N N 160 
GLN NE2 HE21 sing N N 161 
GLN NE2 HE22 sing N N 162 
GLN OXT HXT  sing N N 163 
GLU N   CA   sing N N 164 
GLU N   H    sing N N 165 
GLU N   H2   sing N N 166 
GLU CA  C    sing N N 167 
GLU CA  CB   sing N N 168 
GLU CA  HA   sing N N 169 
GLU C   O    doub N N 170 
GLU C   OXT  sing N N 171 
GLU CB  CG   sing N N 172 
GLU CB  HB2  sing N N 173 
GLU CB  HB3  sing N N 174 
GLU CG  CD   sing N N 175 
GLU CG  HG2  sing N N 176 
GLU CG  HG3  sing N N 177 
GLU CD  OE1  doub N N 178 
GLU CD  OE2  sing N N 179 
GLU OE2 HE2  sing N N 180 
GLU OXT HXT  sing N N 181 
GLY N   CA   sing N N 182 
GLY N   H    sing N N 183 
GLY N   H2   sing N N 184 
GLY CA  C    sing N N 185 
GLY CA  HA2  sing N N 186 
GLY CA  HA3  sing N N 187 
GLY C   O    doub N N 188 
GLY C   OXT  sing N N 189 
GLY OXT HXT  sing N N 190 
HIS N   CA   sing N N 191 
HIS N   H    sing N N 192 
HIS N   H2   sing N N 193 
HIS CA  C    sing N N 194 
HIS CA  CB   sing N N 195 
HIS CA  HA   sing N N 196 
HIS C   O    doub N N 197 
HIS C   OXT  sing N N 198 
HIS CB  CG   sing N N 199 
HIS CB  HB2  sing N N 200 
HIS CB  HB3  sing N N 201 
HIS CG  ND1  sing Y N 202 
HIS CG  CD2  doub Y N 203 
HIS ND1 CE1  doub Y N 204 
HIS ND1 HD1  sing N N 205 
HIS CD2 NE2  sing Y N 206 
HIS CD2 HD2  sing N N 207 
HIS CE1 NE2  sing Y N 208 
HIS CE1 HE1  sing N N 209 
HIS NE2 HE2  sing N N 210 
HIS OXT HXT  sing N N 211 
HOH O   H1   sing N N 212 
HOH O   H2   sing N N 213 
ILE N   CA   sing N N 214 
ILE N   H    sing N N 215 
ILE N   H2   sing N N 216 
ILE CA  C    sing N N 217 
ILE CA  CB   sing N N 218 
ILE CA  HA   sing N N 219 
ILE C   O    doub N N 220 
ILE C   OXT  sing N N 221 
ILE CB  CG1  sing N N 222 
ILE CB  CG2  sing N N 223 
ILE CB  HB   sing N N 224 
ILE CG1 CD1  sing N N 225 
ILE CG1 HG12 sing N N 226 
ILE CG1 HG13 sing N N 227 
ILE CG2 HG21 sing N N 228 
ILE CG2 HG22 sing N N 229 
ILE CG2 HG23 sing N N 230 
ILE CD1 HD11 sing N N 231 
ILE CD1 HD12 sing N N 232 
ILE CD1 HD13 sing N N 233 
ILE OXT HXT  sing N N 234 
LEU N   CA   sing N N 235 
LEU N   H    sing N N 236 
LEU N   H2   sing N N 237 
LEU CA  C    sing N N 238 
LEU CA  CB   sing N N 239 
LEU CA  HA   sing N N 240 
LEU C   O    doub N N 241 
LEU C   OXT  sing N N 242 
LEU CB  CG   sing N N 243 
LEU CB  HB2  sing N N 244 
LEU CB  HB3  sing N N 245 
LEU CG  CD1  sing N N 246 
LEU CG  CD2  sing N N 247 
LEU CG  HG   sing N N 248 
LEU CD1 HD11 sing N N 249 
LEU CD1 HD12 sing N N 250 
LEU CD1 HD13 sing N N 251 
LEU CD2 HD21 sing N N 252 
LEU CD2 HD22 sing N N 253 
LEU CD2 HD23 sing N N 254 
LEU OXT HXT  sing N N 255 
LYS N   CA   sing N N 256 
LYS N   H    sing N N 257 
LYS N   H2   sing N N 258 
LYS CA  C    sing N N 259 
LYS CA  CB   sing N N 260 
LYS CA  HA   sing N N 261 
LYS C   O    doub N N 262 
LYS C   OXT  sing N N 263 
LYS CB  CG   sing N N 264 
LYS CB  HB2  sing N N 265 
LYS CB  HB3  sing N N 266 
LYS CG  CD   sing N N 267 
LYS CG  HG2  sing N N 268 
LYS CG  HG3  sing N N 269 
LYS CD  CE   sing N N 270 
LYS CD  HD2  sing N N 271 
LYS CD  HD3  sing N N 272 
LYS CE  NZ   sing N N 273 
LYS CE  HE2  sing N N 274 
LYS CE  HE3  sing N N 275 
LYS NZ  HZ1  sing N N 276 
LYS NZ  HZ2  sing N N 277 
LYS NZ  HZ3  sing N N 278 
LYS OXT HXT  sing N N 279 
MET N   CA   sing N N 280 
MET N   H    sing N N 281 
MET N   H2   sing N N 282 
MET CA  C    sing N N 283 
MET CA  CB   sing N N 284 
MET CA  HA   sing N N 285 
MET C   O    doub N N 286 
MET C   OXT  sing N N 287 
MET CB  CG   sing N N 288 
MET CB  HB2  sing N N 289 
MET CB  HB3  sing N N 290 
MET CG  SD   sing N N 291 
MET CG  HG2  sing N N 292 
MET CG  HG3  sing N N 293 
MET SD  CE   sing N N 294 
MET CE  HE1  sing N N 295 
MET CE  HE2  sing N N 296 
MET CE  HE3  sing N N 297 
MET OXT HXT  sing N N 298 
PHE N   CA   sing N N 299 
PHE N   H    sing N N 300 
PHE N   H2   sing N N 301 
PHE CA  C    sing N N 302 
PHE CA  CB   sing N N 303 
PHE CA  HA   sing N N 304 
PHE C   O    doub N N 305 
PHE C   OXT  sing N N 306 
PHE CB  CG   sing N N 307 
PHE CB  HB2  sing N N 308 
PHE CB  HB3  sing N N 309 
PHE CG  CD1  doub Y N 310 
PHE CG  CD2  sing Y N 311 
PHE CD1 CE1  sing Y N 312 
PHE CD1 HD1  sing N N 313 
PHE CD2 CE2  doub Y N 314 
PHE CD2 HD2  sing N N 315 
PHE CE1 CZ   doub Y N 316 
PHE CE1 HE1  sing N N 317 
PHE CE2 CZ   sing Y N 318 
PHE CE2 HE2  sing N N 319 
PHE CZ  HZ   sing N N 320 
PHE OXT HXT  sing N N 321 
PRO N   CA   sing N N 322 
PRO N   CD   sing N N 323 
PRO N   H    sing N N 324 
PRO CA  C    sing N N 325 
PRO CA  CB   sing N N 326 
PRO CA  HA   sing N N 327 
PRO C   O    doub N N 328 
PRO C   OXT  sing N N 329 
PRO CB  CG   sing N N 330 
PRO CB  HB2  sing N N 331 
PRO CB  HB3  sing N N 332 
PRO CG  CD   sing N N 333 
PRO CG  HG2  sing N N 334 
PRO CG  HG3  sing N N 335 
PRO CD  HD2  sing N N 336 
PRO CD  HD3  sing N N 337 
PRO OXT HXT  sing N N 338 
SER N   CA   sing N N 339 
SER N   H    sing N N 340 
SER N   H2   sing N N 341 
SER CA  C    sing N N 342 
SER CA  CB   sing N N 343 
SER CA  HA   sing N N 344 
SER C   O    doub N N 345 
SER C   OXT  sing N N 346 
SER CB  OG   sing N N 347 
SER CB  HB2  sing N N 348 
SER CB  HB3  sing N N 349 
SER OG  HG   sing N N 350 
SER OXT HXT  sing N N 351 
THR N   CA   sing N N 352 
THR N   H    sing N N 353 
THR N   H2   sing N N 354 
THR CA  C    sing N N 355 
THR CA  CB   sing N N 356 
THR CA  HA   sing N N 357 
THR C   O    doub N N 358 
THR C   OXT  sing N N 359 
THR CB  OG1  sing N N 360 
THR CB  CG2  sing N N 361 
THR CB  HB   sing N N 362 
THR OG1 HG1  sing N N 363 
THR CG2 HG21 sing N N 364 
THR CG2 HG22 sing N N 365 
THR CG2 HG23 sing N N 366 
THR OXT HXT  sing N N 367 
TRP N   CA   sing N N 368 
TRP N   H    sing N N 369 
TRP N   H2   sing N N 370 
TRP CA  C    sing N N 371 
TRP CA  CB   sing N N 372 
TRP CA  HA   sing N N 373 
TRP C   O    doub N N 374 
TRP C   OXT  sing N N 375 
TRP CB  CG   sing N N 376 
TRP CB  HB2  sing N N 377 
TRP CB  HB3  sing N N 378 
TRP CG  CD1  doub Y N 379 
TRP CG  CD2  sing Y N 380 
TRP CD1 NE1  sing Y N 381 
TRP CD1 HD1  sing N N 382 
TRP CD2 CE2  doub Y N 383 
TRP CD2 CE3  sing Y N 384 
TRP NE1 CE2  sing Y N 385 
TRP NE1 HE1  sing N N 386 
TRP CE2 CZ2  sing Y N 387 
TRP CE3 CZ3  doub Y N 388 
TRP CE3 HE3  sing N N 389 
TRP CZ2 CH2  doub Y N 390 
TRP CZ2 HZ2  sing N N 391 
TRP CZ3 CH2  sing Y N 392 
TRP CZ3 HZ3  sing N N 393 
TRP CH2 HH2  sing N N 394 
TRP OXT HXT  sing N N 395 
TYR N   CA   sing N N 396 
TYR N   H    sing N N 397 
TYR N   H2   sing N N 398 
TYR CA  C    sing N N 399 
TYR CA  CB   sing N N 400 
TYR CA  HA   sing N N 401 
TYR C   O    doub N N 402 
TYR C   OXT  sing N N 403 
TYR CB  CG   sing N N 404 
TYR CB  HB2  sing N N 405 
TYR CB  HB3  sing N N 406 
TYR CG  CD1  doub Y N 407 
TYR CG  CD2  sing Y N 408 
TYR CD1 CE1  sing Y N 409 
TYR CD1 HD1  sing N N 410 
TYR CD2 CE2  doub Y N 411 
TYR CD2 HD2  sing N N 412 
TYR CE1 CZ   doub Y N 413 
TYR CE1 HE1  sing N N 414 
TYR CE2 CZ   sing Y N 415 
TYR CE2 HE2  sing N N 416 
TYR CZ  OH   sing N N 417 
TYR OH  HH   sing N N 418 
TYR OXT HXT  sing N N 419 
VAL N   CA   sing N N 420 
VAL N   H    sing N N 421 
VAL N   H2   sing N N 422 
VAL CA  C    sing N N 423 
VAL CA  CB   sing N N 424 
VAL CA  HA   sing N N 425 
VAL C   O    doub N N 426 
VAL C   OXT  sing N N 427 
VAL CB  CG1  sing N N 428 
VAL CB  CG2  sing N N 429 
VAL CB  HB   sing N N 430 
VAL CG1 HG11 sing N N 431 
VAL CG1 HG12 sing N N 432 
VAL CG1 HG13 sing N N 433 
VAL CG2 HG21 sing N N 434 
VAL CG2 HG22 sing N N 435 
VAL CG2 HG23 sing N N 436 
VAL OXT HXT  sing N N 437 
# 
_atom_sites.entry_id                    5CPE 
_atom_sites.fract_transf_matrix[1][1]   -0.00786351 
_atom_sites.fract_transf_matrix[1][2]   0.02266255 
_atom_sites.fract_transf_matrix[1][3]   0.02338019 
_atom_sites.fract_transf_matrix[2][1]   0.00811489 
_atom_sites.fract_transf_matrix[2][2]   -0.01311551 
_atom_sites.fract_transf_matrix[2][3]   0.01544224 
_atom_sites.fract_transf_matrix[3][1]   0.01823384 
_atom_sites.fract_transf_matrix[3][2]   0.01058535 
_atom_sites.fract_transf_matrix[3][3]   -0.00059146 
_atom_sites.fract_transf_vector[1]      0.400879 
_atom_sites.fract_transf_vector[2]      0.030751 
_atom_sites.fract_transf_vector[3]      0.235155 
# 
loop_
_atom_type.symbol 
C 
N 
O 
S 
# 
loop_
_atom_site.group_PDB 
_atom_site.id 
_atom_site.type_symbol 
_atom_site.label_atom_id 
_atom_site.label_alt_id 
_atom_site.label_comp_id 
_atom_site.label_asym_id 
_atom_site.label_entity_id 
_atom_site.label_seq_id 
_atom_site.pdbx_PDB_ins_code 
_atom_site.Cartn_x 
_atom_site.Cartn_y 
_atom_site.Cartn_z 
_atom_site.occupancy 
_atom_site.B_iso_or_equiv 
_atom_site.pdbx_formal_charge 
_atom_site.auth_seq_id 
_atom_site.auth_comp_id 
_atom_site.auth_asym_id 
_atom_site.auth_atom_id 
_atom_site.pdbx_PDB_model_num 
ATOM   1    N N   . HIS A 1 10  ? 13.272  -23.953 13.972  1.00 25.14 ? 37  HIS A N   1 
ATOM   2    C CA  . HIS A 1 10  ? 12.451  -24.540 12.875  1.00 25.40 ? 37  HIS A CA  1 
ATOM   3    C C   . HIS A 1 10  ? 13.280  -25.340 11.887  1.00 26.39 ? 37  HIS A C   1 
ATOM   4    O O   . HIS A 1 10  ? 14.400  -24.961 11.530  1.00 28.20 ? 37  HIS A O   1 
ATOM   5    C CB  . HIS A 1 10  ? 11.724  -23.443 12.095  1.00 25.61 ? 37  HIS A CB  1 
ATOM   6    C CG  . HIS A 1 10  ? 10.817  -22.622 12.944  1.00 25.83 ? 37  HIS A CG  1 
ATOM   7    N ND1 . HIS A 1 10  ? 9.536   -23.024 13.270  1.00 25.26 ? 37  HIS A ND1 1 
ATOM   8    C CD2 . HIS A 1 10  ? 11.006  -21.423 13.542  1.00 25.45 ? 37  HIS A CD2 1 
ATOM   9    C CE1 . HIS A 1 10  ? 8.974   -22.103 14.033  1.00 27.00 ? 37  HIS A CE1 1 
ATOM   10   N NE2 . HIS A 1 10  ? 9.845   -21.122 14.215  1.00 26.35 ? 37  HIS A NE2 1 
ATOM   11   N N   . LEU A 1 11  ? 12.694  -26.432 11.420  1.00 24.36 ? 38  LEU A N   1 
ATOM   12   C CA  . LEU A 1 11  ? 13.330  -27.298 10.439  1.00 22.10 ? 38  LEU A CA  1 
ATOM   13   C C   . LEU A 1 11  ? 12.980  -26.931 8.995   1.00 19.76 ? 38  LEU A C   1 
ATOM   14   O O   . LEU A 1 11  ? 13.575  -27.440 8.052   1.00 20.75 ? 38  LEU A O   1 
ATOM   15   C CB  . LEU A 1 11  ? 12.951  -28.740 10.756  1.00 22.24 ? 38  LEU A CB  1 
ATOM   16   C CG  . LEU A 1 11  ? 13.647  -29.233 12.035  1.00 23.05 ? 38  LEU A CG  1 
ATOM   17   C CD1 . LEU A 1 11  ? 12.961  -30.493 12.527  1.00 23.48 ? 38  LEU A CD1 1 
ATOM   18   C CD2 . LEU A 1 11  ? 15.126  -29.477 11.801  1.00 24.13 ? 38  LEU A CD2 1 
ATOM   19   N N   . VAL A 1 12  ? 12.014  -26.027 8.849   1.00 16.55 ? 39  VAL A N   1 
ATOM   20   C CA  A VAL A 1 12  ? 11.597  -25.482 7.568   0.50 16.34 ? 39  VAL A CA  1 
ATOM   21   C CA  B VAL A 1 12  ? 11.651  -25.476 7.553   0.50 16.50 ? 39  VAL A CA  1 
ATOM   22   C C   . VAL A 1 12  ? 11.680  -23.953 7.674   1.00 14.93 ? 39  VAL A C   1 
ATOM   23   O O   . VAL A 1 12  ? 11.282  -23.413 8.699   1.00 14.04 ? 39  VAL A O   1 
ATOM   24   C CB  A VAL A 1 12  ? 10.149  -25.946 7.299   0.50 16.92 ? 39  VAL A CB  1 
ATOM   25   C CB  B VAL A 1 12  ? 10.268  -25.992 7.069   0.50 17.39 ? 39  VAL A CB  1 
ATOM   26   C CG1 A VAL A 1 12  ? 9.501   -25.226 6.127   0.50 17.47 ? 39  VAL A CG1 1 
ATOM   27   C CG1 B VAL A 1 12  ? 9.120   -25.494 7.932   0.50 17.39 ? 39  VAL A CG1 1 
ATOM   28   C CG2 A VAL A 1 12  ? 10.148  -27.452 7.062   0.50 16.71 ? 39  VAL A CG2 1 
ATOM   29   C CG2 B VAL A 1 12  ? 10.022  -25.634 5.617   0.50 18.15 ? 39  VAL A CG2 1 
ATOM   30   N N   . PRO A 1 13  ? 12.147  -23.259 6.611   1.00 14.27 ? 40  PRO A N   1 
ATOM   31   C CA  . PRO A 1 13  ? 12.225  -21.789 6.756   1.00 13.62 ? 40  PRO A CA  1 
ATOM   32   C C   . PRO A 1 13  ? 10.883  -21.136 7.003   1.00 11.92 ? 40  PRO A C   1 
ATOM   33   O O   . PRO A 1 13  ? 9.909   -21.483 6.334   1.00 12.37 ? 40  PRO A O   1 
ATOM   34   C CB  . PRO A 1 13  ? 12.804  -21.332 5.416   1.00 14.69 ? 40  PRO A CB  1 
ATOM   35   C CG  . PRO A 1 13  ? 13.495  -22.518 4.857   1.00 15.63 ? 40  PRO A CG  1 
ATOM   36   C CD  . PRO A 1 13  ? 12.690  -23.694 5.306   1.00 15.22 ? 40  PRO A CD  1 
ATOM   37   N N   . ARG A 1 14  ? 10.820  -20.198 7.961   1.00 11.32 ? 41  ARG A N   1 
ATOM   38   C CA  . ARG A 1 14  ? 9.557   -19.508 8.279   1.00 11.20 ? 41  ARG A CA  1 
ATOM   39   C C   . ARG A 1 14  ? 9.541   -18.029 7.927   1.00 11.62 ? 41  ARG A C   1 
ATOM   40   O O   . ARG A 1 14  ? 8.471   -17.422 7.945   1.00 12.66 ? 41  ARG A O   1 
ATOM   41   C CB  . ARG A 1 14  ? 9.212   -19.694 9.762   1.00 10.93 ? 41  ARG A CB  1 
ATOM   42   C CG  . ARG A 1 14  ? 9.150   -21.154 10.205  1.00 11.07 ? 41  ARG A CG  1 
ATOM   43   C CD  . ARG A 1 14  ? 8.150   -21.994 9.431   1.00 11.03 ? 41  ARG A CD  1 
ATOM   44   N NE  . ARG A 1 14  ? 6.802   -21.464 9.545   1.00 11.04 ? 41  ARG A NE  1 
ATOM   45   C CZ  . ARG A 1 14  ? 5.868   -21.855 10.407  1.00 10.96 ? 41  ARG A CZ  1 
ATOM   46   N NH1 . ARG A 1 14  ? 4.688   -21.251 10.395  1.00 10.72 ? 41  ARG A NH1 1 
ATOM   47   N NH2 . ARG A 1 14  ? 6.086   -22.834 11.286  1.00 10.72 ? 41  ARG A NH2 1 
ATOM   48   N N   . GLY A 1 15  ? 10.697  -17.494 7.552   1.00 12.60 ? 42  GLY A N   1 
ATOM   49   C CA  . GLY A 1 15  ? 10.822  -16.108 7.140   1.00 13.17 ? 42  GLY A CA  1 
ATOM   50   C C   . GLY A 1 15  ? 11.057  -15.193 8.304   1.00 13.36 ? 42  GLY A C   1 
ATOM   51   O O   . GLY A 1 15  ? 11.229  -15.619 9.449   1.00 12.61 ? 42  GLY A O   1 
ATOM   52   N N   . SER A 1 16  ? 11.105  -13.902 7.982   1.00 13.08 ? 43  SER A N   1 
ATOM   53   C CA  . SER A 1 16  ? 11.189  -12.872 9.002   1.00 14.28 ? 43  SER A CA  1 
ATOM   54   C C   . SER A 1 16  ? 10.816  -11.558 8.371   1.00 12.51 ? 43  SER A C   1 
ATOM   55   O O   . SER A 1 16  ? 10.758  -11.423 7.155   1.00 11.70 ? 43  SER A O   1 
ATOM   56   C CB  . SER A 1 16  ? 12.551  -12.809 9.718   1.00 18.20 ? 43  SER A CB  1 
ATOM   57   O OG  . SER A 1 16  ? 13.542  -12.289 8.906   1.00 21.04 ? 43  SER A OG  1 
ATOM   58   N N   . ASN A 1 17  ? 10.478  -10.626 9.244   1.00 11.00 ? 44  ASN A N   1 
ATOM   59   C CA  . ASN A 1 17  ? 9.865   -9.369  8.824   1.00 10.93 ? 44  ASN A CA  1 
ATOM   60   C C   . ASN A 1 17  ? 10.794  -8.192  9.048   1.00 10.76 ? 44  ASN A C   1 
ATOM   61   O O   . ASN A 1 17  ? 11.449  -8.111  10.100  1.00 11.41 ? 44  ASN A O   1 
ATOM   62   C CB  . ASN A 1 17  ? 8.579   -9.110  9.582   1.00 11.16 ? 44  ASN A CB  1 
ATOM   63   C CG  . ASN A 1 17  ? 7.547   -10.184 9.335   1.00 11.59 ? 44  ASN A CG  1 
ATOM   64   O OD1 . ASN A 1 17  ? 7.259   -10.506 8.187   1.00 11.30 ? 44  ASN A OD1 1 
ATOM   65   N ND2 . ASN A 1 17  ? 6.992   -10.728 10.400  1.00 11.30 ? 44  ASN A ND2 1 
ATOM   66   N N   . PRO A 1 18  ? 10.795  -7.257  8.099   1.00 11.26 ? 45  PRO A N   1 
ATOM   67   C CA  . PRO A 1 18  ? 11.518  -6.018  8.288   1.00 10.70 ? 45  PRO A CA  1 
ATOM   68   C C   . PRO A 1 18  ? 10.764  -5.056  9.178   1.00 11.11 ? 45  PRO A C   1 
ATOM   69   O O   . PRO A 1 18  ? 9.555   -5.223  9.405   1.00 10.47 ? 45  PRO A O   1 
ATOM   70   C CB  . PRO A 1 18  ? 11.572  -5.430  6.878   1.00 10.84 ? 45  PRO A CB  1 
ATOM   71   C CG  . PRO A 1 18  ? 10.298  -5.892  6.258   1.00 11.19 ? 45  PRO A CG  1 
ATOM   72   C CD  . PRO A 1 18  ? 10.061  -7.260  6.825   1.00 11.21 ? 45  PRO A CD  1 
ATOM   73   N N   . PRO A 1 19  ? 11.445  -3.993  9.632   1.00 10.78 ? 46  PRO A N   1 
ATOM   74   C CA  . PRO A 1 19  ? 10.658  -2.908  10.218  1.00 11.74 ? 46  PRO A CA  1 
ATOM   75   C C   . PRO A 1 19  ? 9.691   -2.370  9.190   1.00 11.71 ? 46  PRO A C   1 
ATOM   76   O O   . PRO A 1 19  ? 9.978   -2.418  8.003   1.00 12.12 ? 46  PRO A O   1 
ATOM   77   C CB  . PRO A 1 19  ? 11.704  -1.847  10.540  1.00 11.96 ? 46  PRO A CB  1 
ATOM   78   C CG  . PRO A 1 19  ? 12.839  -2.162  9.681   1.00 12.62 ? 46  PRO A CG  1 
ATOM   79   C CD  . PRO A 1 19  ? 12.864  -3.631  9.441   1.00 12.21 ? 46  PRO A CD  1 
ATOM   80   N N   . PRO A 1 20  ? 8.564   -1.813  9.635   1.00 12.30 ? 47  PRO A N   1 
ATOM   81   C CA  . PRO A 1 20  ? 7.655   -1.289  8.637   1.00 12.61 ? 47  PRO A CA  1 
ATOM   82   C C   . PRO A 1 20  ? 8.201   -0.042  7.947   1.00 12.24 ? 47  PRO A C   1 
ATOM   83   O O   . PRO A 1 20  ? 9.139   0.578   8.468   1.00 12.06 ? 47  PRO A O   1 
ATOM   84   C CB  . PRO A 1 20  ? 6.409   -0.988  9.447   1.00 13.31 ? 47  PRO A CB  1 
ATOM   85   C CG  . PRO A 1 20  ? 6.944   -0.616  10.768  1.00 13.60 ? 47  PRO A CG  1 
ATOM   86   C CD  . PRO A 1 20  ? 8.084   -1.579  10.996  1.00 13.51 ? 47  PRO A CD  1 
ATOM   87   N N   . PRO A 1 21  ? 7.669   0.303   6.759   1.00 11.53 ? 48  PRO A N   1 
ATOM   88   C CA  . PRO A 1 21  ? 8.189   1.471   6.068   1.00 11.68 ? 48  PRO A CA  1 
ATOM   89   C C   . PRO A 1 21  ? 8.080   2.745   6.906   1.00 11.78 ? 48  PRO A C   1 
ATOM   90   O O   . PRO A 1 21  ? 7.173   2.887   7.722   1.00 11.04 ? 48  PRO A O   1 
ATOM   91   C CB  . PRO A 1 21  ? 7.287   1.578   4.825   1.00 12.23 ? 48  PRO A CB  1 
ATOM   92   C CG  . PRO A 1 21  ? 6.788   0.186   4.612   1.00 11.79 ? 48  PRO A CG  1 
ATOM   93   C CD  . PRO A 1 21  ? 6.549   -0.313  6.004   1.00 11.51 ? 48  PRO A CD  1 
ATOM   94   N N   . GLU A 1 22  ? 8.999   3.675   6.660   1.00 13.04 ? 49  GLU A N   1 
ATOM   95   C CA  . GLU A 1 22  ? 8.954   4.959   7.355   1.00 14.04 ? 49  GLU A CA  1 
ATOM   96   C C   . GLU A 1 22  ? 7.695   5.729   6.937   1.00 13.11 ? 49  GLU A C   1 
ATOM   97   O O   . GLU A 1 22  ? 7.208   5.569   5.834   1.00 11.04 ? 49  GLU A O   1 
ATOM   98   C CB  . GLU A 1 22  ? 10.223  5.763   7.070   1.00 17.70 ? 49  GLU A CB  1 
ATOM   99   C CG  . GLU A 1 22  ? 10.394  6.364   5.696   1.00 22.11 ? 49  GLU A CG  1 
ATOM   100  C CD  . GLU A 1 22  ? 11.649  7.248   5.625   1.00 27.10 ? 49  GLU A CD  1 
ATOM   101  O OE1 . GLU A 1 22  ? 12.600  7.017   6.430   1.00 32.39 ? 49  GLU A OE1 1 
ATOM   102  O OE2 . GLU A 1 22  ? 11.699  8.166   4.776   1.00 32.59 ? 49  GLU A OE2 1 
ATOM   103  N N   . THR A 1 23  ? 7.149   6.507   7.864   1.00 12.71 ? 50  THR A N   1 
ATOM   104  C CA  . THR A 1 23  ? 5.907   7.229   7.619   1.00 12.82 ? 50  THR A CA  1 
ATOM   105  C C   . THR A 1 23  ? 6.026   8.730   7.874   1.00 13.69 ? 50  THR A C   1 
ATOM   106  O O   . THR A 1 23  ? 5.067   9.449   7.644   1.00 13.17 ? 50  THR A O   1 
ATOM   107  C CB  . THR A 1 23  ? 4.762   6.681   8.470   1.00 12.90 ? 50  THR A CB  1 
ATOM   108  O OG1 . THR A 1 23  ? 5.122   6.770   9.851   1.00 14.02 ? 50  THR A OG1 1 
ATOM   109  C CG2 . THR A 1 23  ? 4.438   5.240   8.104   1.00 12.46 ? 50  THR A CG2 1 
ATOM   110  N N   . SER A 1 24  ? 7.189   9.217   8.313   1.00 14.80 ? 51  SER A N   1 
ATOM   111  C CA  . SER A 1 24  ? 7.320   10.649  8.548   1.00 17.92 ? 51  SER A CA  1 
ATOM   112  C C   . SER A 1 24  ? 8.670   11.120  8.042   1.00 19.31 ? 51  SER A C   1 
ATOM   113  O O   . SER A 1 24  ? 9.658   10.358  8.036   1.00 20.01 ? 51  SER A O   1 
ATOM   114  C CB  . SER A 1 24  ? 7.138   10.990  10.027  1.00 20.78 ? 51  SER A CB  1 
ATOM   115  O OG  . SER A 1 24  ? 8.182   10.442  10.758  1.00 25.12 ? 51  SER A OG  1 
ATOM   116  N N   . ASN A 1 25  ? 8.672   12.376  7.603   1.00 20.83 ? 52  ASN A N   1 
ATOM   117  C CA  . ASN A 1 25  ? 9.878   13.055  7.163   1.00 23.47 ? 52  ASN A CA  1 
ATOM   118  C C   . ASN A 1 25  ? 9.990   14.352  7.956   1.00 23.67 ? 52  ASN A C   1 
ATOM   119  O O   . ASN A 1 25  ? 9.381   15.354  7.567   1.00 24.44 ? 52  ASN A O   1 
ATOM   120  C CB  . ASN A 1 25  ? 9.810   13.369  5.680   1.00 24.90 ? 52  ASN A CB  1 
ATOM   121  C CG  . ASN A 1 25  ? 11.110  13.956  5.151   1.00 27.19 ? 52  ASN A CG  1 
ATOM   122  O OD1 . ASN A 1 25  ? 12.022  14.305  5.924   1.00 29.38 ? 52  ASN A OD1 1 
ATOM   123  N ND2 . ASN A 1 25  ? 11.220  14.040  3.837   1.00 28.36 ? 52  ASN A ND2 1 
ATOM   124  N N   . PRO A 1 26  ? 10.755  14.329  9.055   1.00 26.25 ? 53  PRO A N   1 
ATOM   125  C CA  . PRO A 1 26  ? 10.804  15.494  9.937   1.00 28.24 ? 53  PRO A CA  1 
ATOM   126  C C   . PRO A 1 26  ? 11.415  16.739  9.260   1.00 28.87 ? 53  PRO A C   1 
ATOM   127  O O   . PRO A 1 26  ? 11.039  17.865  9.605   1.00 29.76 ? 53  PRO A O   1 
ATOM   128  C CB  . PRO A 1 26  ? 11.670  15.007  11.109  1.00 28.26 ? 53  PRO A CB  1 
ATOM   129  C CG  . PRO A 1 26  ? 12.560  13.963  10.523  1.00 28.28 ? 53  PRO A CG  1 
ATOM   130  C CD  . PRO A 1 26  ? 11.712  13.286  9.471   1.00 27.56 ? 53  PRO A CD  1 
ATOM   131  N N   . ASN A 1 27  ? 12.304  16.525  8.289   1.00 28.52 ? 54  ASN A N   1 
ATOM   132  C CA  . ASN A 1 27  ? 13.031  17.618  7.621   1.00 26.98 ? 54  ASN A CA  1 
ATOM   133  C C   . ASN A 1 27  ? 12.230  18.291  6.532   1.00 26.83 ? 54  ASN A C   1 
ATOM   134  O O   . ASN A 1 27  ? 12.602  19.351  6.028   1.00 24.18 ? 54  ASN A O   1 
ATOM   135  C CB  . ASN A 1 27  ? 14.325  17.091  7.004   1.00 28.49 ? 54  ASN A CB  1 
ATOM   136  C CG  . ASN A 1 27  ? 15.213  16.382  8.013   1.00 31.93 ? 54  ASN A CG  1 
ATOM   137  O OD1 . ASN A 1 27  ? 15.320  16.801  9.162   1.00 35.23 ? 54  ASN A OD1 1 
ATOM   138  N ND2 . ASN A 1 27  ? 15.853  15.309  7.583   1.00 34.52 ? 54  ASN A ND2 1 
ATOM   139  N N   . LYS A 1 28  ? 11.129  17.660  6.144   1.00 25.06 ? 55  LYS A N   1 
ATOM   140  C CA  . LYS A 1 28  ? 10.293  18.173  5.108   1.00 22.93 ? 55  LYS A CA  1 
ATOM   141  C C   . LYS A 1 28  ? 9.296   19.215  5.617   1.00 25.59 ? 55  LYS A C   1 
ATOM   142  O O   . LYS A 1 28  ? 8.640   19.020  6.643   1.00 23.10 ? 55  LYS A O   1 
ATOM   143  C CB  . LYS A 1 28  ? 9.560   16.994  4.435   1.00 20.62 ? 55  LYS A CB  1 
ATOM   144  C CG  . LYS A 1 28  ? 8.486   17.442  3.507   1.00 18.63 ? 55  LYS A CG  1 
ATOM   145  C CD  . LYS A 1 28  ? 7.677   16.278  2.966   1.00 16.75 ? 55  LYS A CD  1 
ATOM   146  C CE  . LYS A 1 28  ? 6.545   16.859  2.150   1.00 15.91 ? 55  LYS A CE  1 
ATOM   147  N NZ  . LYS A 1 28  ? 5.577   17.661  2.947   1.00 15.47 ? 55  LYS A NZ  1 
ATOM   148  N N   . PRO A 1 29  ? 9.130   20.320  4.874   1.00 26.97 ? 56  PRO A N   1 
ATOM   149  C CA  . PRO A 1 29  ? 8.126   21.317  5.258   1.00 28.63 ? 56  PRO A CA  1 
ATOM   150  C C   . PRO A 1 29  ? 6.672   20.854  5.098   1.00 30.48 ? 56  PRO A C   1 
ATOM   151  O O   . PRO A 1 29  ? 6.362   20.101  4.163   1.00 30.41 ? 56  PRO A O   1 
ATOM   152  C CB  . PRO A 1 29  ? 8.408   22.452  4.276   1.00 29.26 ? 56  PRO A CB  1 
ATOM   153  C CG  . PRO A 1 29  ? 8.891   21.753  3.059   1.00 28.60 ? 56  PRO A CG  1 
ATOM   154  C CD  . PRO A 1 29  ? 9.837   20.737  3.645   1.00 28.84 ? 56  PRO A CD  1 
ATOM   155  N N   . LYS A 1 30  ? 5.804   21.290  6.011   1.00 32.07 ? 57  LYS A N   1 
ATOM   156  C CA  . LYS A 1 30  ? 4.370   21.034  5.911   1.00 35.88 ? 57  LYS A CA  1 
ATOM   157  C C   . LYS A 1 30  ? 3.782   21.813  4.726   1.00 39.11 ? 57  LYS A C   1 
ATOM   158  O O   . LYS A 1 30  ? 3.653   23.041  4.781   1.00 42.30 ? 57  LYS A O   1 
ATOM   159  C CB  . LYS A 1 30  ? 3.626   21.395  7.208   1.00 37.30 ? 57  LYS A CB  1 
ATOM   160  C CG  . LYS A 1 30  ? 2.129   21.133  7.136   1.00 40.88 ? 57  LYS A CG  1 
ATOM   161  C CD  . LYS A 1 30  ? 1.468   21.170  8.504   1.00 43.86 ? 57  LYS A CD  1 
ATOM   162  C CE  . LYS A 1 30  ? -0.020  20.856  8.389   1.00 46.23 ? 57  LYS A CE  1 
ATOM   163  N NZ  . LYS A 1 30  ? -0.777  21.128  9.646   1.00 47.92 ? 57  LYS A NZ  1 
ATOM   164  N N   . ARG A 1 31  ? 3.462   21.076  3.664   1.00 38.38 ? 58  ARG A N   1 
ATOM   165  C CA  . ARG A 1 31  ? 2.942   21.617  2.409   1.00 38.72 ? 58  ARG A CA  1 
ATOM   166  C C   . ARG A 1 31  ? 1.676   20.829  2.131   1.00 37.98 ? 58  ARG A C   1 
ATOM   167  O O   . ARG A 1 31  ? 1.709   19.758  1.537   1.00 35.10 ? 58  ARG A O   1 
ATOM   168  C CB  . ARG A 1 31  ? 4.000   21.468  1.297   1.00 41.01 ? 58  ARG A CB  1 
ATOM   169  C CG  . ARG A 1 31  ? 3.574   21.764  -0.146  1.00 42.60 ? 58  ARG A CG  1 
ATOM   170  C CD  . ARG A 1 31  ? 4.687   22.461  -0.953  1.00 44.02 ? 58  ARG A CD  1 
ATOM   171  N NE  . ARG A 1 31  ? 5.051   21.776  -2.206  1.00 44.86 ? 58  ARG A NE  1 
ATOM   172  C CZ  . ARG A 1 31  ? 6.103   22.089  -2.978  1.00 44.36 ? 58  ARG A CZ  1 
ATOM   173  N NH1 . ARG A 1 31  ? 6.342   21.382  -4.083  1.00 43.76 ? 58  ARG A NH1 1 
ATOM   174  N NH2 . ARG A 1 31  ? 6.922   23.102  -2.668  1.00 41.40 ? 58  ARG A NH2 1 
ATOM   175  N N   . GLN A 1 32  ? 0.570   21.355  2.645   1.00 38.09 ? 59  GLN A N   1 
ATOM   176  C CA  . GLN A 1 32  ? -0.757  20.788  2.453   1.00 37.12 ? 59  GLN A CA  1 
ATOM   177  C C   . GLN A 1 32  ? -1.249  21.176  1.054   1.00 34.29 ? 59  GLN A C   1 
ATOM   178  O O   . GLN A 1 32  ? -0.971  22.289  0.585   1.00 35.03 ? 59  GLN A O   1 
ATOM   179  C CB  . GLN A 1 32  ? -1.690  21.346  3.532   1.00 41.21 ? 59  GLN A CB  1 
ATOM   180  C CG  . GLN A 1 32  ? -3.019  20.617  3.690   1.00 44.58 ? 59  GLN A CG  1 
ATOM   181  C CD  . GLN A 1 32  ? -3.725  20.943  5.004   1.00 47.66 ? 59  GLN A CD  1 
ATOM   182  O OE1 . GLN A 1 32  ? -4.923  21.265  5.027   1.00 49.56 ? 59  GLN A OE1 1 
ATOM   183  N NE2 . GLN A 1 32  ? -2.986  20.851  6.109   1.00 47.71 ? 59  GLN A NE2 1 
ATOM   184  N N   . THR A 1 33  ? -1.932  20.254  0.375   1.00 27.92 ? 60  THR A N   1 
ATOM   185  C CA  . THR A 1 33  ? -2.514  20.536  -0.949  1.00 25.91 ? 60  THR A CA  1 
ATOM   186  C C   . THR A 1 33  ? -3.918  19.960  -1.045  1.00 26.15 ? 60  THR A C   1 
ATOM   187  O O   . THR A 1 33  ? -4.259  19.006  -0.339  1.00 23.47 ? 60  THR A O   1 
ATOM   188  C CB  . THR A 1 33  ? -1.663  19.993  -2.131  1.00 25.19 ? 60  THR A CB  1 
ATOM   189  O OG1 . THR A 1 33  ? -1.882  18.580  -2.315  1.00 23.53 ? 60  THR A OG1 1 
ATOM   190  C CG2 . THR A 1 33  ? -0.152  20.274  -1.948  1.00 25.69 ? 60  THR A CG2 1 
ATOM   191  N N   . ASN A 1 34  ? -4.722  20.541  -1.936  1.00 24.52 ? 61  ASN A N   1 
ATOM   192  C CA  . ASN A 1 34  ? -6.073  20.049  -2.193  1.00 24.69 ? 61  ASN A CA  1 
ATOM   193  C C   . ASN A 1 34  ? -6.088  18.594  -2.654  1.00 20.73 ? 61  ASN A C   1 
ATOM   194  O O   . ASN A 1 34  ? -6.974  17.824  -2.255  1.00 19.68 ? 61  ASN A O   1 
ATOM   195  C CB  . ASN A 1 34  ? -6.777  20.931  -3.243  1.00 28.32 ? 61  ASN A CB  1 
ATOM   196  C CG  . ASN A 1 34  ? -7.152  22.312  -2.708  1.00 31.49 ? 61  ASN A CG  1 
ATOM   197  O OD1 . ASN A 1 34  ? -7.007  22.612  -1.513  1.00 34.28 ? 61  ASN A OD1 1 
ATOM   198  N ND2 . ASN A 1 34  ? -7.644  23.160  -3.596  1.00 34.41 ? 61  ASN A ND2 1 
ATOM   199  N N   . GLN A 1 35  ? -5.139  18.202  -3.497  1.00 18.23 ? 62  GLN A N   1 
ATOM   200  C CA  . GLN A 1 35  ? -5.132  16.811  -3.983  1.00 17.75 ? 62  GLN A CA  1 
ATOM   201  C C   . GLN A 1 35  ? -4.740  15.828  -2.886  1.00 16.22 ? 62  GLN A C   1 
ATOM   202  O O   . GLN A 1 35  ? -5.327  14.747  -2.783  1.00 13.97 ? 62  GLN A O   1 
ATOM   203  C CB  . GLN A 1 35  ? -4.240  16.646  -5.185  1.00 18.41 ? 62  GLN A CB  1 
ATOM   204  C CG  . GLN A 1 35  ? -4.809  17.311  -6.433  1.00 20.65 ? 62  GLN A CG  1 
ATOM   205  C CD  . GLN A 1 35  ? -3.973  17.072  -7.644  1.00 22.59 ? 62  GLN A CD  1 
ATOM   206  O OE1 . GLN A 1 35  ? -2.859  16.543  -7.571  1.00 24.34 ? 62  GLN A OE1 1 
ATOM   207  N NE2 . GLN A 1 35  ? -4.504  17.463  -8.793  1.00 25.10 ? 62  GLN A NE2 1 
ATOM   208  N N   . LEU A 1 36  ? -3.750  16.186  -2.081  1.00 15.48 ? 63  LEU A N   1 
ATOM   209  C CA  . LEU A 1 36  ? -3.367  15.311  -0.964  1.00 15.41 ? 63  LEU A CA  1 
ATOM   210  C C   . LEU A 1 36  ? -4.492  15.186  0.074   1.00 15.38 ? 63  LEU A C   1 
ATOM   211  O O   . LEU A 1 36  ? -4.761  14.096  0.582   1.00 13.41 ? 63  LEU A O   1 
ATOM   212  C CB  . LEU A 1 36  ? -2.055  15.783  -0.327  1.00 16.33 ? 63  LEU A CB  1 
ATOM   213  C CG  . LEU A 1 36  ? -0.853  15.468  -1.225  1.00 17.03 ? 63  LEU A CG  1 
ATOM   214  C CD1 . LEU A 1 36  ? 0.338   16.276  -0.721  1.00 17.71 ? 63  LEU A CD1 1 
ATOM   215  C CD2 . LEU A 1 36  ? -0.540  13.983  -1.286  1.00 17.34 ? 63  LEU A CD2 1 
ATOM   216  N N   . GLN A 1 37  ? -5.178  16.300  0.347   1.00 16.33 ? 64  GLN A N   1 
ATOM   217  C CA  . GLN A 1 37  ? -6.332  16.273  1.238   1.00 17.80 ? 64  GLN A CA  1 
ATOM   218  C C   . GLN A 1 37  ? -7.428  15.360  0.690   1.00 15.87 ? 64  GLN A C   1 
ATOM   219  O O   . GLN A 1 37  ? -8.018  14.595  1.446   1.00 15.02 ? 64  GLN A O   1 
ATOM   220  C CB  . GLN A 1 37  ? -6.881  17.680  1.510   1.00 20.39 ? 64  GLN A CB  1 
ATOM   221  C CG  . GLN A 1 37  ? -6.323  18.321  2.777   1.00 24.47 ? 64  GLN A CG  1 
ATOM   222  C CD  . GLN A 1 37  ? -6.902  17.709  4.048   1.00 27.77 ? 64  GLN A CD  1 
ATOM   223  O OE1 . GLN A 1 37  ? -8.064  17.942  4.392   1.00 32.58 ? 64  GLN A OE1 1 
ATOM   224  N NE2 . GLN A 1 37  ? -6.103  16.905  4.738   1.00 31.35 ? 64  GLN A NE2 1 
ATOM   225  N N   . TYR A 1 38  ? -7.669  15.432  -0.624  1.00 14.17 ? 65  TYR A N   1 
ATOM   226  C CA  . TYR A 1 38  ? -8.684  14.594  -1.272  1.00 13.63 ? 65  TYR A CA  1 
ATOM   227  C C   . TYR A 1 38  ? -8.287  13.113  -1.254  1.00 13.11 ? 65  TYR A C   1 
ATOM   228  O O   . TYR A 1 38  ? -9.115  12.245  -0.985  1.00 13.51 ? 65  TYR A O   1 
ATOM   229  C CB  . TYR A 1 38  ? -8.925  15.047  -2.712  1.00 14.38 ? 65  TYR A CB  1 
ATOM   230  C CG  . TYR A 1 38  ? -10.184 14.490  -3.303  1.00 14.63 ? 65  TYR A CG  1 
ATOM   231  C CD1 . TYR A 1 38  ? -11.388 15.159  -3.144  1.00 15.09 ? 65  TYR A CD1 1 
ATOM   232  C CD2 . TYR A 1 38  ? -10.182 13.283  -3.997  1.00 14.33 ? 65  TYR A CD2 1 
ATOM   233  C CE1 . TYR A 1 38  ? -12.557 14.644  -3.661  1.00 14.24 ? 65  TYR A CE1 1 
ATOM   234  C CE2 . TYR A 1 38  ? -11.348 12.760  -4.538  1.00 14.11 ? 65  TYR A CE2 1 
ATOM   235  C CZ  . TYR A 1 38  ? -12.532 13.443  -4.361  1.00 14.20 ? 65  TYR A CZ  1 
ATOM   236  O OH  . TYR A 1 38  ? -13.665 12.915  -4.900  1.00 14.43 ? 65  TYR A OH  1 
ATOM   237  N N   . LEU A 1 39  ? -7.021  12.834  -1.522  1.00 12.73 ? 66  LEU A N   1 
ATOM   238  C CA  . LEU A 1 39  ? -6.495  11.468  -1.363  1.00 12.53 ? 66  LEU A CA  1 
ATOM   239  C C   . LEU A 1 39  ? -6.727  10.880  0.036   1.00 12.82 ? 66  LEU A C   1 
ATOM   240  O O   . LEU A 1 39  ? -7.105  9.713   0.175   1.00 12.57 ? 66  LEU A O   1 
ATOM   241  C CB  . LEU A 1 39  ? -4.998  11.399  -1.720  1.00 12.75 ? 66  LEU A CB  1 
ATOM   242  C CG  . LEU A 1 39  ? -4.665  11.354  -3.214  1.00 13.47 ? 66  LEU A CG  1 
ATOM   243  C CD1 . LEU A 1 39  ? -3.199  11.736  -3.451  1.00 13.82 ? 66  LEU A CD1 1 
ATOM   244  C CD2 . LEU A 1 39  ? -4.983  10.012  -3.860  1.00 14.11 ? 66  LEU A CD2 1 
ATOM   245  N N   . LEU A 1 40  ? -6.510  11.670  1.072   1.00 12.64 ? 67  LEU A N   1 
ATOM   246  C CA  . LEU A 1 40  ? -6.669  11.155  2.436   1.00 12.92 ? 67  LEU A CA  1 
ATOM   247  C C   . LEU A 1 40  ? -8.136  11.010  2.788   1.00 13.55 ? 67  LEU A C   1 
ATOM   248  O O   . LEU A 1 40  ? -8.567  9.950   3.239   1.00 13.48 ? 67  LEU A O   1 
ATOM   249  C CB  . LEU A 1 40  ? -5.976  12.063  3.446   1.00 13.71 ? 67  LEU A CB  1 
ATOM   250  C CG  . LEU A 1 40  ? -6.119  11.594  4.910   1.00 14.20 ? 67  LEU A CG  1 
ATOM   251  C CD1 . LEU A 1 40  ? -5.594  10.179  5.148   1.00 14.31 ? 67  LEU A CD1 1 
ATOM   252  C CD2 . LEU A 1 40  ? -5.384  12.583  5.772   1.00 14.30 ? 67  LEU A CD2 1 
ATOM   253  N N   . ARG A 1 41  ? -8.901  12.067  2.541   1.00 14.16 ? 68  ARG A N   1 
ATOM   254  C CA  . ARG A 1 41  ? -10.284 12.152  3.009   1.00 16.03 ? 68  ARG A CA  1 
ATOM   255  C C   . ARG A 1 41  ? -11.313 11.380  2.183   1.00 15.34 ? 68  ARG A C   1 
ATOM   256  O O   . ARG A 1 41  ? -12.359 10.974  2.732   1.00 16.15 ? 68  ARG A O   1 
ATOM   257  C CB  . ARG A 1 41  ? -10.711 13.637  3.141   1.00 18.90 ? 68  ARG A CB  1 
ATOM   258  C CG  . ARG A 1 41  ? -10.231 14.303  4.421   1.00 22.84 ? 68  ARG A CG  1 
ATOM   259  C CD  . ARG A 1 41  ? -11.160 15.453  4.825   1.00 27.58 ? 68  ARG A CD  1 
ATOM   260  N NE  . ARG A 1 41  ? -10.653 16.705  4.289   1.00 30.43 ? 68  ARG A NE  1 
ATOM   261  C CZ  . ARG A 1 41  ? -11.368 17.797  3.998   1.00 32.14 ? 68  ARG A CZ  1 
ATOM   262  N NH1 . ARG A 1 41  ? -12.691 17.854  4.178   1.00 32.85 ? 68  ARG A NH1 1 
ATOM   263  N NH2 . ARG A 1 41  ? -10.724 18.850  3.503   1.00 32.83 ? 68  ARG A NH2 1 
ATOM   264  N N   . VAL A 1 42  ? -11.049 11.169  0.899   1.00 14.05 ? 69  VAL A N   1 
ATOM   265  C CA  . VAL A 1 42  ? -11.991 10.493  -0.006  1.00 14.59 ? 69  VAL A CA  1 
ATOM   266  C C   . VAL A 1 42  ? -11.396 9.218   -0.598  1.00 14.33 ? 69  VAL A C   1 
ATOM   267  O O   . VAL A 1 42  ? -11.970 8.126   -0.441  1.00 15.31 ? 69  VAL A O   1 
ATOM   268  C CB  . VAL A 1 42  ? -12.457 11.456  -1.139  1.00 14.94 ? 69  VAL A CB  1 
ATOM   269  C CG1 . VAL A 1 42  ? -13.431 10.767  -2.091  1.00 15.76 ? 69  VAL A CG1 1 
ATOM   270  C CG2 . VAL A 1 42  ? -13.067 12.712  -0.545  1.00 15.35 ? 69  VAL A CG2 1 
ATOM   271  N N   . VAL A 1 43  ? -10.261 9.309   -1.278  1.00 14.10 ? 70  VAL A N   1 
ATOM   272  C CA  . VAL A 1 43  ? -9.771  8.143   -2.044  1.00 13.54 ? 70  VAL A CA  1 
ATOM   273  C C   . VAL A 1 43  ? -9.363  6.996   -1.107  1.00 13.88 ? 70  VAL A C   1 
ATOM   274  O O   . VAL A 1 43  ? -9.832  5.872   -1.269  1.00 12.67 ? 70  VAL A O   1 
ATOM   275  C CB  . VAL A 1 43  ? -8.607  8.481   -2.992  1.00 13.71 ? 70  VAL A CB  1 
ATOM   276  C CG1 . VAL A 1 43  ? -8.144  7.250   -3.767  1.00 13.85 ? 70  VAL A CG1 1 
ATOM   277  C CG2 . VAL A 1 43  ? -9.038  9.590   -3.967  1.00 13.83 ? 70  VAL A CG2 1 
ATOM   278  N N   . LEU A 1 44  ? -8.478  7.282   -0.158  1.00 13.58 ? 71  LEU A N   1 
ATOM   279  C CA  . LEU A 1 44  ? -8.011  6.236   0.758   1.00 14.21 ? 71  LEU A CA  1 
ATOM   280  C C   . LEU A 1 44  ? -9.159  5.699   1.610   1.00 13.49 ? 71  LEU A C   1 
ATOM   281  O O   . LEU A 1 44  ? -9.279  4.502   1.810   1.00 12.42 ? 71  LEU A O   1 
ATOM   282  C CB  . LEU A 1 44  ? -6.841  6.727   1.613   1.00 16.12 ? 71  LEU A CB  1 
ATOM   283  C CG  . LEU A 1 44  ? -6.231  5.583   2.471   1.00 17.66 ? 71  LEU A CG  1 
ATOM   284  C CD1 . LEU A 1 44  ? -4.727  5.515   2.364   1.00 20.56 ? 71  LEU A CD1 1 
ATOM   285  C CD2 . LEU A 1 44  ? -6.673  5.750   3.916   1.00 18.51 ? 71  LEU A CD2 1 
ATOM   286  N N   . LYS A 1 45  ? -10.026 6.573   2.092   1.00 13.92 ? 72  LYS A N   1 
ATOM   287  C CA  . LYS A 1 45  ? -11.164 6.125   2.907   1.00 14.93 ? 72  LYS A CA  1 
ATOM   288  C C   . LYS A 1 45  ? -12.075 5.164   2.130   1.00 14.11 ? 72  LYS A C   1 
ATOM   289  O O   . LYS A 1 45  ? -12.496 4.112   2.643   1.00 12.78 ? 72  LYS A O   1 
ATOM   290  C CB  . LYS A 1 45  ? -11.941 7.344   3.453   1.00 17.86 ? 72  LYS A CB  1 
ATOM   291  C CG  . LYS A 1 45  ? -12.500 7.132   4.839   1.00 20.04 ? 72  LYS A CG  1 
ATOM   292  C CD  . LYS A 1 45  ? -12.829 8.434   5.559   1.00 22.15 ? 72  LYS A CD  1 
ATOM   293  C CE  . LYS A 1 45  ? -14.275 8.795   5.425   1.00 21.19 ? 72  LYS A CE  1 
ATOM   294  N NZ  . LYS A 1 45  ? -14.510 10.111  6.080   1.00 20.50 ? 72  LYS A NZ  1 
ATOM   295  N N   . THR A 1 46  ? -12.356 5.494   0.876   1.00 13.18 ? 73  THR A N   1 
ATOM   296  C CA  . THR A 1 46  ? -13.157 4.622   0.029   1.00 13.57 ? 73  THR A CA  1 
ATOM   297  C C   . THR A 1 46  ? -12.482 3.280   -0.208  1.00 12.81 ? 73  THR A C   1 
ATOM   298  O O   . THR A 1 46  ? -13.108 2.208   -0.130  1.00 13.35 ? 73  THR A O   1 
ATOM   299  C CB  . THR A 1 46  ? -13.465 5.315   -1.310  1.00 14.09 ? 73  THR A CB  1 
ATOM   300  O OG1 . THR A 1 46  ? -14.147 6.545   -1.027  1.00 15.44 ? 73  THR A OG1 1 
ATOM   301  C CG2 . THR A 1 46  ? -14.306 4.430   -2.194  1.00 14.96 ? 73  THR A CG2 1 
ATOM   302  N N   . LEU A 1 47  ? -11.196 3.330   -0.526  1.00 12.50 ? 74  LEU A N   1 
ATOM   303  C CA  . LEU A 1 47  ? -10.447 2.090   -0.717  1.00 12.09 ? 74  LEU A CA  1 
ATOM   304  C C   . LEU A 1 47  ? -10.399 1.225   0.549   1.00 10.92 ? 74  LEU A C   1 
ATOM   305  O O   . LEU A 1 47  ? -10.524 -0.006  0.497   1.00 10.32 ? 74  LEU A O   1 
ATOM   306  C CB  . LEU A 1 47  ? -9.018  2.390   -1.192  1.00 13.59 ? 74  LEU A CB  1 
ATOM   307  C CG  . LEU A 1 47  ? -8.788  2.433   -2.706  1.00 15.80 ? 74  LEU A CG  1 
ATOM   308  C CD1 . LEU A 1 47  ? -8.872  1.039   -3.288  1.00 16.57 ? 74  LEU A CD1 1 
ATOM   309  C CD2 . LEU A 1 47  ? -9.729  3.347   -3.458  1.00 16.80 ? 74  LEU A CD2 1 
ATOM   310  N N   . TRP A 1 48  ? -10.211 1.871   1.689   1.00 9.41  ? 75  TRP A N   1 
ATOM   311  C CA  . TRP A 1 48  ? -10.066 1.174   2.961   1.00 8.78  ? 75  TRP A CA  1 
ATOM   312  C C   . TRP A 1 48  ? -11.313 0.338   3.271   1.00 9.03  ? 75  TRP A C   1 
ATOM   313  O O   . TRP A 1 48  ? -11.215 -0.771  3.802   1.00 9.22  ? 75  TRP A O   1 
ATOM   314  C CB  . TRP A 1 48  ? -9.815  2.170   4.106   1.00 8.46  ? 75  TRP A CB  1 
ATOM   315  C CG  . TRP A 1 48  ? -9.429  1.511   5.368   1.00 8.47  ? 75  TRP A CG  1 
ATOM   316  C CD1 . TRP A 1 48  ? -10.234 0.904   6.284   1.00 8.12  ? 75  TRP A CD1 1 
ATOM   317  C CD2 . TRP A 1 48  ? -8.108  1.387   5.853   1.00 8.40  ? 75  TRP A CD2 1 
ATOM   318  N NE1 . TRP A 1 48  ? -9.494  0.392   7.304   1.00 8.51  ? 75  TRP A NE1 1 
ATOM   319  C CE2 . TRP A 1 48  ? -8.169  0.666   7.062   1.00 8.42  ? 75  TRP A CE2 1 
ATOM   320  C CE3 . TRP A 1 48  ? -6.862  1.791   5.358   1.00 8.85  ? 75  TRP A CE3 1 
ATOM   321  C CZ2 . TRP A 1 48  ? -7.038  0.384   7.811   1.00 8.77  ? 75  TRP A CZ2 1 
ATOM   322  C CZ3 . TRP A 1 48  ? -5.747  1.475   6.076   1.00 8.85  ? 75  TRP A CZ3 1 
ATOM   323  C CH2 . TRP A 1 48  ? -5.828  0.782   7.284   1.00 8.67  ? 75  TRP A CH2 1 
ATOM   324  N N   . LYS A 1 49  ? -12.482 0.877   2.965   1.00 8.89  ? 76  LYS A N   1 
ATOM   325  C CA  . LYS A 1 49  ? -13.737 0.232   3.299   1.00 9.50  ? 76  LYS A CA  1 
ATOM   326  C C   . LYS A 1 49  ? -14.235 -0.786  2.281   1.00 9.47  ? 76  LYS A C   1 
ATOM   327  O O   . LYS A 1 49  ? -15.238 -1.474  2.500   1.00 9.94  ? 76  LYS A O   1 
ATOM   328  C CB  . LYS A 1 49  ? -14.785 1.308   3.555   1.00 9.61  ? 76  LYS A CB  1 
ATOM   329  C CG  . LYS A 1 49  ? -14.402 2.239   4.705   1.00 10.38 ? 76  LYS A CG  1 
ATOM   330  C CD  . LYS A 1 49  ? -15.565 3.156   5.036   1.00 10.82 ? 76  LYS A CD  1 
ATOM   331  C CE  . LYS A 1 49  ? -15.201 4.058   6.216   1.00 11.38 ? 76  LYS A CE  1 
ATOM   332  N NZ  . LYS A 1 49  ? -16.335 4.952   6.617   1.00 11.63 ? 76  LYS A NZ  1 
ATOM   333  N N   . HIS A 1 50  ? -13.539 -0.906  1.155   1.00 9.01  ? 77  HIS A N   1 
ATOM   334  C CA  . HIS A 1 50  ? -13.902 -1.910  0.162   1.00 9.32  ? 77  HIS A CA  1 
ATOM   335  C C   . HIS A 1 50  ? -13.802 -3.303  0.764   1.00 9.53  ? 77  HIS A C   1 
ATOM   336  O O   . HIS A 1 50  ? -12.921 -3.607  1.571   1.00 8.65  ? 77  HIS A O   1 
ATOM   337  C CB  . HIS A 1 50  ? -12.981 -1.783  -1.041  1.00 9.62  ? 77  HIS A CB  1 
ATOM   338  C CG  . HIS A 1 50  ? -13.406 -2.582  -2.240  1.00 9.98  ? 77  HIS A CG  1 
ATOM   339  N ND1 . HIS A 1 50  ? -13.142 -3.921  -2.369  1.00 10.22 ? 77  HIS A ND1 1 
ATOM   340  C CD2 . HIS A 1 50  ? -14.024 -2.218  -3.391  1.00 10.81 ? 77  HIS A CD2 1 
ATOM   341  C CE1 . HIS A 1 50  ? -13.588 -4.364  -3.526  1.00 11.14 ? 77  HIS A CE1 1 
ATOM   342  N NE2 . HIS A 1 50  ? -14.120 -3.345  -4.175  1.00 11.45 ? 77  HIS A NE2 1 
ATOM   343  N N   . GLN A 1 51  ? -14.685 -4.194  0.335   1.00 10.52 ? 78  GLN A N   1 
ATOM   344  C CA  . GLN A 1 51  ? -14.742 -5.534  0.896   1.00 11.72 ? 78  GLN A CA  1 
ATOM   345  C C   . GLN A 1 51  ? -13.445 -6.343  0.764   1.00 10.66 ? 78  GLN A C   1 
ATOM   346  O O   . GLN A 1 51  ? -13.185 -7.222  1.563   1.00 10.04 ? 78  GLN A O   1 
ATOM   347  C CB  . GLN A 1 51  ? -15.878 -6.345  0.259   1.00 14.56 ? 78  GLN A CB  1 
ATOM   348  C CG  . GLN A 1 51  ? -15.821 -6.505  -1.253  1.00 18.03 ? 78  GLN A CG  1 
ATOM   349  C CD  . GLN A 1 51  ? -16.856 -7.476  -1.823  1.00 24.65 ? 78  GLN A CD  1 
ATOM   350  O OE1 . GLN A 1 51  ? -17.355 -8.364  -1.131  1.00 27.45 ? 78  GLN A OE1 1 
ATOM   351  N NE2 . GLN A 1 51  ? -17.147 -7.323  -3.115  1.00 29.68 ? 78  GLN A NE2 1 
ATOM   352  N N   . PHE A 1 52  ? -12.654 -6.028  -0.256  1.00 9.68  ? 79  PHE A N   1 
ATOM   353  C CA  . PHE A 1 52  ? -11.376 -6.701  -0.516  1.00 9.26  ? 79  PHE A CA  1 
ATOM   354  C C   . PHE A 1 52  ? -10.145 -5.993  0.050   1.00 8.76  ? 79  PHE A C   1 
ATOM   355  O O   . PHE A 1 52  ? -9.005  -6.432  -0.202  1.00 8.79  ? 79  PHE A O   1 
ATOM   356  C CB  . PHE A 1 52  ? -11.175 -6.911  -2.027  1.00 9.71  ? 79  PHE A CB  1 
ATOM   357  C CG  . PHE A 1 52  ? -12.146 -7.881  -2.682  1.00 10.21 ? 79  PHE A CG  1 
ATOM   358  C CD1 . PHE A 1 52  ? -12.918 -8.793  -1.971  1.00 10.46 ? 79  PHE A CD1 1 
ATOM   359  C CD2 . PHE A 1 52  ? -12.227 -7.879  -4.047  1.00 11.02 ? 79  PHE A CD2 1 
ATOM   360  C CE1 . PHE A 1 52  ? -13.767 -9.673  -2.626  1.00 11.73 ? 79  PHE A CE1 1 
ATOM   361  C CE2 . PHE A 1 52  ? -13.047 -8.777  -4.720  1.00 11.68 ? 79  PHE A CE2 1 
ATOM   362  C CZ  . PHE A 1 52  ? -13.822 -9.656  -4.016  1.00 11.27 ? 79  PHE A CZ  1 
ATOM   363  N N   . ALA A 1 53  ? -10.347 -4.930  0.821   1.00 8.39  ? 80  ALA A N   1 
ATOM   364  C CA  . ALA A 1 53  ? -9.201  -4.128  1.283   1.00 7.91  ? 80  ALA A CA  1 
ATOM   365  C C   . ALA A 1 53  ? -8.379  -4.742  2.398   1.00 7.96  ? 80  ALA A C   1 
ATOM   366  O O   . ALA A 1 53  ? -7.200  -4.428  2.532   1.00 7.15  ? 80  ALA A O   1 
ATOM   367  C CB  . ALA A 1 53  ? -9.692  -2.771  1.731   1.00 8.26  ? 80  ALA A CB  1 
ATOM   368  N N   . TRP A 1 54  ? -9.003  -5.532  3.277   1.00 8.09  ? 81  TRP A N   1 
ATOM   369  C CA  . TRP A 1 54  ? -8.346  -5.893  4.521   1.00 8.34  ? 81  TRP A CA  1 
ATOM   370  C C   . TRP A 1 54  ? -6.958  -6.540  4.384   1.00 7.74  ? 81  TRP A C   1 
ATOM   371  O O   . TRP A 1 54  ? -6.077  -6.241  5.197   1.00 7.96  ? 81  TRP A O   1 
ATOM   372  C CB  . TRP A 1 54  ? -9.267  -6.695  5.470   1.00 9.11  ? 81  TRP A CB  1 
ATOM   373  C CG  . TRP A 1 54  ? -9.620  -8.003  4.962   1.00 10.02 ? 81  TRP A CG  1 
ATOM   374  C CD1 . TRP A 1 54  ? -10.734 -8.337  4.256   1.00 10.32 ? 81  TRP A CD1 1 
ATOM   375  C CD2 . TRP A 1 54  ? -8.863  -9.192  5.110   1.00 10.76 ? 81  TRP A CD2 1 
ATOM   376  N NE1 . TRP A 1 54  ? -10.709 -9.669  3.939   1.00 11.25 ? 81  TRP A NE1 1 
ATOM   377  C CE2 . TRP A 1 54  ? -9.579  -10.222 4.483   1.00 11.45 ? 81  TRP A CE2 1 
ATOM   378  C CE3 . TRP A 1 54  ? -7.649  -9.499  5.736   1.00 11.64 ? 81  TRP A CE3 1 
ATOM   379  C CZ2 . TRP A 1 54  ? -9.105  -11.547 4.441   1.00 12.81 ? 81  TRP A CZ2 1 
ATOM   380  C CZ3 . TRP A 1 54  ? -7.172  -10.814 5.673   1.00 12.77 ? 81  TRP A CZ3 1 
ATOM   381  C CH2 . TRP A 1 54  ? -7.910  -11.817 5.043   1.00 12.87 ? 81  TRP A CH2 1 
ATOM   382  N N   . PRO A 1 55  ? -6.736  -7.395  3.373   1.00 7.36  ? 82  PRO A N   1 
ATOM   383  C CA  . PRO A 1 55  ? -5.389  -7.970  3.291   1.00 7.28  ? 82  PRO A CA  1 
ATOM   384  C C   . PRO A 1 55  ? -4.289  -6.976  3.011   1.00 7.17  ? 82  PRO A C   1 
ATOM   385  O O   . PRO A 1 55  ? -3.118  -7.323  3.189   1.00 8.23  ? 82  PRO A O   1 
ATOM   386  C CB  . PRO A 1 55  ? -5.489  -8.928  2.090   1.00 7.41  ? 82  PRO A CB  1 
ATOM   387  C CG  . PRO A 1 55  ? -6.963  -9.267  2.003   1.00 7.42  ? 82  PRO A CG  1 
ATOM   388  C CD  . PRO A 1 55  ? -7.611  -7.949  2.322   1.00 7.62  ? 82  PRO A CD  1 
ATOM   389  N N   . PHE A 1 56  ? -4.679  -5.791  2.545   1.00 6.94  ? 83  PHE A N   1 
ATOM   390  C CA  . PHE A 1 56  ? -3.756  -4.723  2.122   1.00 7.13  ? 83  PHE A CA  1 
ATOM   391  C C   . PHE A 1 56  ? -3.632  -3.623  3.173   1.00 7.44  ? 83  PHE A C   1 
ATOM   392  O O   . PHE A 1 56  ? -2.921  -2.625  2.943   1.00 8.44  ? 83  PHE A O   1 
ATOM   393  C CB  . PHE A 1 56  ? -4.255  -4.123  0.809   1.00 7.19  ? 83  PHE A CB  1 
ATOM   394  C CG  . PHE A 1 56  ? -4.403  -5.134  -0.276  1.00 7.19  ? 83  PHE A CG  1 
ATOM   395  C CD1 . PHE A 1 56  ? -5.608  -5.879  -0.408  1.00 7.58  ? 83  PHE A CD1 1 
ATOM   396  C CD2 . PHE A 1 56  ? -3.342  -5.418  -1.108  1.00 7.79  ? 83  PHE A CD2 1 
ATOM   397  C CE1 . PHE A 1 56  ? -5.726  -6.835  -1.377  1.00 7.97  ? 83  PHE A CE1 1 
ATOM   398  C CE2 . PHE A 1 56  ? -3.478  -6.382  -2.092  1.00 8.03  ? 83  PHE A CE2 1 
ATOM   399  C CZ  . PHE A 1 56  ? -4.661  -7.110  -2.188  1.00 8.02  ? 83  PHE A CZ  1 
ATOM   400  N N   . GLN A 1 57  ? -4.294  -3.774  4.305   1.00 7.88  ? 84  GLN A N   1 
ATOM   401  C CA  . GLN A 1 57  ? -4.350  -2.696  5.301   1.00 8.18  ? 84  GLN A CA  1 
ATOM   402  C C   . GLN A 1 57  ? -3.153  -2.599  6.236   1.00 8.58  ? 84  GLN A C   1 
ATOM   403  O O   . GLN A 1 57  ? -3.018  -1.627  6.976   1.00 9.61  ? 84  GLN A O   1 
ATOM   404  C CB  . GLN A 1 57  ? -5.628  -2.830  6.134   1.00 8.27  ? 84  GLN A CB  1 
ATOM   405  C CG  . GLN A 1 57  ? -6.850  -2.338  5.372   1.00 8.65  ? 84  GLN A CG  1 
ATOM   406  C CD  . GLN A 1 57  ? -8.147  -2.644  6.065   1.00 9.04  ? 84  GLN A CD  1 
ATOM   407  O OE1 . GLN A 1 57  ? -8.161  -3.270  7.126   1.00 10.27 ? 84  GLN A OE1 1 
ATOM   408  N NE2 . GLN A 1 57  ? -9.239  -2.238  5.465   1.00 9.68  ? 84  GLN A NE2 1 
ATOM   409  N N   . GLN A 1 58  ? -2.317  -3.620  6.284   1.00 8.26  ? 85  GLN A N   1 
ATOM   410  C CA  . GLN A 1 58  ? -1.170  -3.650  7.202   1.00 8.59  ? 85  GLN A CA  1 
ATOM   411  C C   . GLN A 1 58  ? -0.014  -4.335  6.473   1.00 8.08  ? 85  GLN A C   1 
ATOM   412  O O   . GLN A 1 58  ? -0.237  -5.083  5.510   1.00 8.01  ? 85  GLN A O   1 
ATOM   413  C CB  . GLN A 1 58  ? -1.488  -4.406  8.493   1.00 9.82  ? 85  GLN A CB  1 
ATOM   414  C CG  . GLN A 1 58  ? -2.004  -5.798  8.277   1.00 11.19 ? 85  GLN A CG  1 
ATOM   415  C CD  . GLN A 1 58  ? -3.451  -5.817  7.811   1.00 13.03 ? 85  GLN A CD  1 
ATOM   416  O OE1 . GLN A 1 58  ? -4.305  -5.096  8.381   1.00 15.92 ? 85  GLN A OE1 1 
ATOM   417  N NE2 . GLN A 1 58  ? -3.731  -6.576  6.739   1.00 13.66 ? 85  GLN A NE2 1 
ATOM   418  N N   . PRO A 1 59  ? 1.222   -4.167  6.984   1.00 8.01  ? 86  PRO A N   1 
ATOM   419  C CA  . PRO A 1 59  ? 2.349   -4.849  6.369   1.00 7.96  ? 86  PRO A CA  1 
ATOM   420  C C   . PRO A 1 59  ? 2.156   -6.359  6.397   1.00 8.25  ? 86  PRO A C   1 
ATOM   421  O O   . PRO A 1 59  ? 1.627   -6.920  7.365   1.00 9.25  ? 86  PRO A O   1 
ATOM   422  C CB  . PRO A 1 59  ? 3.546   -4.410  7.238   1.00 7.98  ? 86  PRO A CB  1 
ATOM   423  C CG  . PRO A 1 59  ? 3.112   -3.116  7.821   1.00 8.12  ? 86  PRO A CG  1 
ATOM   424  C CD  . PRO A 1 59  ? 1.657   -3.268  8.064   1.00 8.08  ? 86  PRO A CD  1 
ATOM   425  N N   . VAL A 1 60  ? 2.615   -7.013  5.336   1.00 8.64  ? 87  VAL A N   1 
ATOM   426  C CA  . VAL A 1 60  ? 2.634   -8.477  5.289   1.00 8.47  ? 87  VAL A CA  1 
ATOM   427  C C   . VAL A 1 60  ? 3.503   -9.022  6.426   1.00 8.53  ? 87  VAL A C   1 
ATOM   428  O O   . VAL A 1 60  ? 4.643   -8.622  6.581   1.00 8.70  ? 87  VAL A O   1 
ATOM   429  C CB  . VAL A 1 60  ? 3.230   -8.947  3.950   1.00 8.98  ? 87  VAL A CB  1 
ATOM   430  C CG1 . VAL A 1 60  ? 3.632   -10.426 4.000   1.00 9.67  ? 87  VAL A CG1 1 
ATOM   431  C CG2 . VAL A 1 60  ? 2.260   -8.670  2.799   1.00 9.54  ? 87  VAL A CG2 1 
ATOM   432  N N   . ASP A 1 61  ? 2.923   -9.914  7.211   1.00 8.88  ? 88  ASP A N   1 
ATOM   433  C CA  . ASP A 1 61  ? 3.657   -10.683 8.205   1.00 9.50  ? 88  ASP A CA  1 
ATOM   434  C C   . ASP A 1 61  ? 4.000   -12.008 7.551   1.00 9.51  ? 88  ASP A C   1 
ATOM   435  O O   . ASP A 1 61  ? 3.157   -12.912 7.466   1.00 9.40  ? 88  ASP A O   1 
ATOM   436  C CB  . ASP A 1 61  ? 2.830   -10.868 9.485   1.00 10.13 ? 88  ASP A CB  1 
ATOM   437  C CG  . ASP A 1 61  ? 3.610   -11.508 10.595  1.00 10.90 ? 88  ASP A CG  1 
ATOM   438  O OD1 . ASP A 1 61  ? 4.529   -12.319 10.336  1.00 11.14 ? 88  ASP A OD1 1 
ATOM   439  O OD2 . ASP A 1 61  ? 3.331   -11.192 11.782  1.00 13.22 ? 88  ASP A OD2 1 
ATOM   440  N N   . ALA A 1 62  ? 5.218   -12.093 7.053   1.00 9.15  ? 89  ALA A N   1 
ATOM   441  C CA  . ALA A 1 62  ? 5.682   -13.268 6.309   1.00 9.29  ? 89  ALA A CA  1 
ATOM   442  C C   . ALA A 1 62  ? 5.587   -14.540 7.128   1.00 9.53  ? 89  ALA A C   1 
ATOM   443  O O   . ALA A 1 62  ? 5.347   -15.598 6.576   1.00 10.14 ? 89  ALA A O   1 
ATOM   444  C CB  . ALA A 1 62  ? 7.122   -13.069 5.854   1.00 9.39  ? 89  ALA A CB  1 
ATOM   445  N N   . VAL A 1 63  ? 5.806   -14.426 8.435   1.00 9.68  ? 90  VAL A N   1 
ATOM   446  C CA  . VAL A 1 63  ? 5.819   -15.577 9.312   1.00 10.32 ? 90  VAL A CA  1 
ATOM   447  C C   . VAL A 1 63  ? 4.410   -16.046 9.574   1.00 9.96  ? 90  VAL A C   1 
ATOM   448  O O   . VAL A 1 63  ? 4.083   -17.206 9.334   1.00 9.85  ? 90  VAL A O   1 
ATOM   449  C CB  . VAL A 1 63  ? 6.546   -15.296 10.639  1.00 11.17 ? 90  VAL A CB  1 
ATOM   450  C CG1 . VAL A 1 63  ? 6.505   -16.540 11.524  1.00 11.81 ? 90  VAL A CG1 1 
ATOM   451  C CG2 . VAL A 1 63  ? 7.979   -14.826 10.385  1.00 11.48 ? 90  VAL A CG2 1 
ATOM   452  N N   . LYS A 1 64  ? 3.558   -15.146 10.052  1.00 9.94  ? 91  LYS A N   1 
ATOM   453  C CA  . LYS A 1 64  ? 2.159   -15.519 10.368  1.00 10.28 ? 91  LYS A CA  1 
ATOM   454  C C   . LYS A 1 64  ? 1.326   -15.870 9.150   1.00 10.13 ? 91  LYS A C   1 
ATOM   455  O O   . LYS A 1 64  ? 0.395   -16.674 9.238   1.00 10.45 ? 91  LYS A O   1 
ATOM   456  C CB  . LYS A 1 64  ? 1.484   -14.425 11.201  1.00 11.74 ? 91  LYS A CB  1 
ATOM   457  C CG  . LYS A 1 64  ? 1.986   -14.365 12.617  1.00 13.29 ? 91  LYS A CG  1 
ATOM   458  C CD  . LYS A 1 64  ? 1.202   -13.330 13.423  1.00 15.23 ? 91  LYS A CD  1 
ATOM   459  C CE  . LYS A 1 64  ? 1.928   -12.952 14.691  1.00 18.23 ? 91  LYS A CE  1 
ATOM   460  N NZ  . LYS A 1 64  ? 2.008   -14.073 15.657  1.00 19.52 ? 91  LYS A NZ  1 
ATOM   461  N N   . LEU A 1 65  ? 1.606   -15.259 8.001   1.00 8.58  ? 92  LEU A N   1 
ATOM   462  C CA  . LEU A 1 65  ? 0.885   -15.621 6.783   1.00 8.92  ? 92  LEU A CA  1 
ATOM   463  C C   . LEU A 1 65  ? 1.510   -16.825 6.063   1.00 8.73  ? 92  LEU A C   1 
ATOM   464  O O   . LEU A 1 65  ? 0.965   -17.250 5.017   1.00 10.03 ? 92  LEU A O   1 
ATOM   465  C CB  . LEU A 1 65  ? 0.796   -14.447 5.821   1.00 8.92  ? 92  LEU A CB  1 
ATOM   466  C CG  . LEU A 1 65  ? 0.037   -13.206 6.281   1.00 9.36  ? 92  LEU A CG  1 
ATOM   467  C CD1 . LEU A 1 65  ? 0.046   -12.165 5.183   1.00 9.29  ? 92  LEU A CD1 1 
ATOM   468  C CD2 . LEU A 1 65  ? -1.394  -13.520 6.660   1.00 10.02 ? 92  LEU A CD2 1 
ATOM   469  N N   . ASN A 1 66  ? 2.589   -17.408 6.596   1.00 8.82  ? 93  ASN A N   1 
ATOM   470  C CA  . ASN A 1 66  ? 3.265   -18.525 5.918   1.00 9.37  ? 93  ASN A CA  1 
ATOM   471  C C   . ASN A 1 66  ? 3.644   -18.211 4.488   1.00 9.68  ? 93  ASN A C   1 
ATOM   472  O O   . ASN A 1 66  ? 3.428   -19.003 3.573   1.00 10.21 ? 93  ASN A O   1 
ATOM   473  C CB  . ASN A 1 66  ? 2.447   -19.826 6.030   1.00 9.71  ? 93  ASN A CB  1 
ATOM   474  C CG  . ASN A 1 66  ? 2.510   -20.422 7.411   1.00 9.62  ? 93  ASN A CG  1 
ATOM   475  O OD1 . ASN A 1 66  ? 3.329   -20.016 8.237   1.00 10.76 ? 93  ASN A OD1 1 
ATOM   476  N ND2 . ASN A 1 66  ? 1.644   -21.390 7.678   1.00 9.60  ? 93  ASN A ND2 1 
ATOM   477  N N   . LEU A 1 67  ? 4.283   -17.062 4.352   1.00 10.17 ? 94  LEU A N   1 
ATOM   478  C CA  . LEU A 1 67  ? 4.873   -16.598 3.100   1.00 10.53 ? 94  LEU A CA  1 
ATOM   479  C C   . LEU A 1 67  ? 6.371   -16.392 3.362   1.00 11.80 ? 94  LEU A C   1 
ATOM   480  O O   . LEU A 1 67  ? 6.852   -15.273 3.351   1.00 10.76 ? 94  LEU A O   1 
ATOM   481  C CB  . LEU A 1 67  ? 4.186   -15.299 2.671   1.00 10.76 ? 94  LEU A CB  1 
ATOM   482  C CG  . LEU A 1 67  ? 2.652   -15.342 2.536   1.00 11.40 ? 94  LEU A CG  1 
ATOM   483  C CD1 . LEU A 1 67  ? 2.120   -13.963 2.162   1.00 11.58 ? 94  LEU A CD1 1 
ATOM   484  C CD2 . LEU A 1 67  ? 2.211   -16.416 1.557   1.00 11.77 ? 94  LEU A CD2 1 
ATOM   485  N N   . PRO A 1 68  ? 7.111   -17.491 3.656   1.00 13.26 ? 95  PRO A N   1 
ATOM   486  C CA  . PRO A 1 68  ? 8.448   -17.304 4.246   1.00 14.67 ? 95  PRO A CA  1 
ATOM   487  C C   . PRO A 1 68  ? 9.462   -16.577 3.371   1.00 15.78 ? 95  PRO A C   1 
ATOM   488  O O   . PRO A 1 68  ? 10.349  -15.915 3.912   1.00 18.38 ? 95  PRO A O   1 
ATOM   489  C CB  . PRO A 1 68  ? 8.914   -18.741 4.555   1.00 15.32 ? 95  PRO A CB  1 
ATOM   490  C CG  . PRO A 1 68  ? 7.966   -19.643 3.927   1.00 16.04 ? 95  PRO A CG  1 
ATOM   491  C CD  . PRO A 1 68  ? 6.700   -18.906 3.654   1.00 15.06 ? 95  PRO A CD  1 
ATOM   492  N N   . ASP A 1 69  ? 9.266   -16.602 2.049   1.00 15.43 ? 96  ASP A N   1 
ATOM   493  C CA  . ASP A 1 69  ? 10.143  -15.914 1.095   1.00 16.00 ? 96  ASP A CA  1 
ATOM   494  C C   . ASP A 1 69  ? 9.603   -14.568 0.639   1.00 13.72 ? 96  ASP A C   1 
ATOM   495  O O   . ASP A 1 69  ? 10.121  -14.015 -0.330  1.00 14.38 ? 96  ASP A O   1 
ATOM   496  C CB  . ASP A 1 69  ? 10.349  -16.788 -0.151  1.00 17.66 ? 96  ASP A CB  1 
ATOM   497  C CG  . ASP A 1 69  ? 9.064   -17.086 -0.877  1.00 21.25 ? 96  ASP A CG  1 
ATOM   498  O OD1 . ASP A 1 69  ? 7.979   -16.957 -0.267  1.00 20.70 ? 96  ASP A OD1 1 
ATOM   499  O OD2 . ASP A 1 69  ? 9.142   -17.505 -2.052  1.00 26.36 ? 96  ASP A OD2 1 
ATOM   500  N N   . TYR A 1 70  ? 8.569   -14.042 1.308   1.00 12.13 ? 97  TYR A N   1 
ATOM   501  C CA  . TYR A 1 70  ? 7.950   -12.787 0.842   1.00 10.50 ? 97  TYR A CA  1 
ATOM   502  C C   . TYR A 1 70  ? 8.982   -11.673 0.700   1.00 10.79 ? 97  TYR A C   1 
ATOM   503  O O   . TYR A 1 70  ? 9.022   -11.013 -0.339  1.00 10.63 ? 97  TYR A O   1 
ATOM   504  C CB  . TYR A 1 70  ? 6.782   -12.355 1.751   1.00 9.83  ? 97  TYR A CB  1 
ATOM   505  C CG  . TYR A 1 70  ? 6.015   -11.174 1.200   1.00 9.24  ? 97  TYR A CG  1 
ATOM   506  C CD1 . TYR A 1 70  ? 4.997   -11.368 0.274   1.00 9.32  ? 97  TYR A CD1 1 
ATOM   507  C CD2 . TYR A 1 70  ? 6.342   -9.866  1.551   1.00 8.99  ? 97  TYR A CD2 1 
ATOM   508  C CE1 . TYR A 1 70  ? 4.304   -10.294 -0.265  1.00 8.91  ? 97  TYR A CE1 1 
ATOM   509  C CE2 . TYR A 1 70  ? 5.660   -8.783  1.028   1.00 8.54  ? 97  TYR A CE2 1 
ATOM   510  C CZ  . TYR A 1 70  ? 4.644   -9.009  0.114   1.00 9.01  ? 97  TYR A CZ  1 
ATOM   511  O OH  . TYR A 1 70  ? 3.968   -7.967  -0.447  1.00 9.29  ? 97  TYR A OH  1 
ATOM   512  N N   . TYR A 1 71  ? 9.786   -11.465 1.741   1.00 11.71 ? 98  TYR A N   1 
ATOM   513  C CA  . TYR A 1 71  ? 10.717  -10.331 1.764   1.00 12.23 ? 98  TYR A CA  1 
ATOM   514  C C   . TYR A 1 71  ? 12.035  -10.614 1.050   1.00 14.23 ? 98  TYR A C   1 
ATOM   515  O O   . TYR A 1 71  ? 12.826  -9.685  0.859   1.00 15.74 ? 98  TYR A O   1 
ATOM   516  C CB  . TYR A 1 71  ? 10.900  -9.771  3.175   1.00 12.60 ? 98  TYR A CB  1 
ATOM   517  C CG  . TYR A 1 71  ? 9.635   -9.112  3.691   1.00 12.27 ? 98  TYR A CG  1 
ATOM   518  C CD1 . TYR A 1 71  ? 9.226   -7.876  3.205   1.00 12.19 ? 98  TYR A CD1 1 
ATOM   519  C CD2 . TYR A 1 71  ? 8.830   -9.719  4.665   1.00 11.31 ? 98  TYR A CD2 1 
ATOM   520  C CE1 . TYR A 1 71  ? 8.080   -7.259  3.656   1.00 12.21 ? 98  TYR A CE1 1 
ATOM   521  C CE2 . TYR A 1 71  ? 7.673   -9.098  5.127   1.00 11.06 ? 98  TYR A CE2 1 
ATOM   522  C CZ  . TYR A 1 71  ? 7.295   -7.853  4.620   1.00 11.83 ? 98  TYR A CZ  1 
ATOM   523  O OH  . TYR A 1 71  ? 6.171   -7.149  5.035   1.00 11.59 ? 98  TYR A OH  1 
ATOM   524  N N   . LYS A 1 72  ? 12.238  -11.856 0.615   1.00 14.85 ? 99  LYS A N   1 
ATOM   525  C CA  . LYS A 1 72  ? 13.259  -12.156 -0.404  1.00 17.40 ? 99  LYS A CA  1 
ATOM   526  C C   . LYS A 1 72  ? 12.849  -11.558 -1.737  1.00 17.14 ? 99  LYS A C   1 
ATOM   527  O O   . LYS A 1 72  ? 13.692  -11.022 -2.471  1.00 19.37 ? 99  LYS A O   1 
ATOM   528  C CB  . LYS A 1 72  ? 13.461  -13.653 -0.642  1.00 20.25 ? 99  LYS A CB  1 
ATOM   529  C CG  . LYS A 1 72  ? 14.088  -14.430 0.486   1.00 24.34 ? 99  LYS A CG  1 
ATOM   530  C CD  . LYS A 1 72  ? 14.618  -15.784 0.029   1.00 27.17 ? 99  LYS A CD  1 
ATOM   531  C CE  . LYS A 1 72  ? 15.064  -16.626 1.223   1.00 30.54 ? 99  LYS A CE  1 
ATOM   532  N NZ  . LYS A 1 72  ? 13.937  -16.895 2.167   1.00 32.30 ? 99  LYS A NZ  1 
ATOM   533  N N   . ILE A 1 73  ? 11.561  -11.673 -2.050  1.00 15.11 ? 100 ILE A N   1 
ATOM   534  C CA  . ILE A 1 73  ? 11.044  -11.340 -3.375  1.00 14.03 ? 100 ILE A CA  1 
ATOM   535  C C   . ILE A 1 73  ? 10.619  -9.856  -3.464  1.00 13.26 ? 100 ILE A C   1 
ATOM   536  O O   . ILE A 1 73  ? 10.813  -9.200  -4.506  1.00 14.50 ? 100 ILE A O   1 
ATOM   537  C CB  . ILE A 1 73  ? 9.882   -12.301 -3.740  1.00 14.32 ? 100 ILE A CB  1 
ATOM   538  C CG1 . ILE A 1 73  ? 10.439  -13.742 -3.904  1.00 16.46 ? 100 ILE A CG1 1 
ATOM   539  C CG2 . ILE A 1 73  ? 9.146   -11.826 -4.984  1.00 13.67 ? 100 ILE A CG2 1 
ATOM   540  C CD1 . ILE A 1 73  ? 9.394   -14.828 -3.974  1.00 17.95 ? 100 ILE A CD1 1 
ATOM   541  N N   . ILE A 1 74  ? 10.042  -9.329  -2.386  1.00 11.78 ? 101 ILE A N   1 
ATOM   542  C CA  . ILE A 1 74  ? 9.515   -7.979  -2.364  1.00 11.55 ? 101 ILE A CA  1 
ATOM   543  C C   . ILE A 1 74  ? 10.502  -7.076  -1.639  1.00 12.64 ? 101 ILE A C   1 
ATOM   544  O O   . ILE A 1 74  ? 10.644  -7.129  -0.405  1.00 12.75 ? 101 ILE A O   1 
ATOM   545  C CB  . ILE A 1 74  ? 8.121   -7.975  -1.700  1.00 10.49 ? 101 ILE A CB  1 
ATOM   546  C CG1 . ILE A 1 74  ? 7.122   -8.807  -2.525  1.00 10.39 ? 101 ILE A CG1 1 
ATOM   547  C CG2 . ILE A 1 74  ? 7.603   -6.562  -1.506  1.00 10.78 ? 101 ILE A CG2 1 
ATOM   548  C CD1 . ILE A 1 74  ? 6.955   -8.391  -3.983  1.00 10.35 ? 101 ILE A CD1 1 
ATOM   549  N N   . LYS A 1 75  ? 11.186  -6.251  -2.433  1.00 14.05 ? 102 LYS A N   1 
ATOM   550  C CA  . LYS A 1 75  ? 12.211  -5.354  -1.916  1.00 16.40 ? 102 LYS A CA  1 
ATOM   551  C C   . LYS A 1 75  ? 11.664  -4.027  -1.386  1.00 14.62 ? 102 LYS A C   1 
ATOM   552  O O   . LYS A 1 75  ? 12.268  -3.397  -0.524  1.00 14.12 ? 102 LYS A O   1 
ATOM   553  C CB  . LYS A 1 75  ? 13.264  -5.064  -2.993  1.00 19.71 ? 102 LYS A CB  1 
ATOM   554  C CG  . LYS A 1 75  ? 13.844  -6.276  -3.690  1.00 24.18 ? 102 LYS A CG  1 
ATOM   555  C CD  . LYS A 1 75  ? 14.501  -7.253  -2.743  1.00 28.06 ? 102 LYS A CD  1 
ATOM   556  C CE  . LYS A 1 75  ? 15.120  -8.377  -3.553  1.00 32.04 ? 102 LYS A CE  1 
ATOM   557  N NZ  . LYS A 1 75  ? 15.752  -9.411  -2.690  1.00 35.82 ? 102 LYS A NZ  1 
ATOM   558  N N   . THR A 1 76  ? 10.502  -3.617  -1.888  1.00 13.82 ? 103 THR A N   1 
ATOM   559  C CA  . THR A 1 76  ? 9.870   -2.365  -1.494  1.00 13.59 ? 103 THR A CA  1 
ATOM   560  C C   . THR A 1 76  ? 8.443   -2.643  -1.021  1.00 12.25 ? 103 THR A C   1 
ATOM   561  O O   . THR A 1 76  ? 7.490   -2.395  -1.747  1.00 11.65 ? 103 THR A O   1 
ATOM   562  C CB  . THR A 1 76  ? 9.891   -1.348  -2.668  1.00 15.16 ? 103 THR A CB  1 
ATOM   563  O OG1 . THR A 1 76  ? 11.242  -1.257  -3.153  1.00 17.44 ? 103 THR A OG1 1 
ATOM   564  C CG2 . THR A 1 76  ? 9.435   0.028   -2.220  1.00 15.98 ? 103 THR A CG2 1 
ATOM   565  N N   . PRO A 1 77  ? 8.288   -3.143  0.210   1.00 11.10 ? 104 PRO A N   1 
ATOM   566  C CA  . PRO A 1 77  ? 6.947   -3.420  0.729   1.00 10.61 ? 104 PRO A CA  1 
ATOM   567  C C   . PRO A 1 77  ? 6.100   -2.164  0.819   1.00 9.91  ? 104 PRO A C   1 
ATOM   568  O O   . PRO A 1 77  ? 6.619   -1.061  1.044   1.00 9.88  ? 104 PRO A O   1 
ATOM   569  C CB  . PRO A 1 77  ? 7.195   -3.989  2.125   1.00 11.51 ? 104 PRO A CB  1 
ATOM   570  C CG  . PRO A 1 77  ? 8.658   -4.059  2.308   1.00 12.02 ? 104 PRO A CG  1 
ATOM   571  C CD  . PRO A 1 77  ? 9.345   -3.385  1.202   1.00 11.51 ? 104 PRO A CD  1 
ATOM   572  N N   . MET A 1 78  ? 4.789   -2.338  0.667   1.00 9.08  ? 105 MET A N   1 
ATOM   573  C CA  . MET A 1 78  ? 3.866   -1.230  0.892   1.00 8.82  ? 105 MET A CA  1 
ATOM   574  C C   . MET A 1 78  ? 2.485   -1.752  1.236   1.00 8.89  ? 105 MET A C   1 
ATOM   575  O O   . MET A 1 78  ? 2.103   -2.820  0.807   1.00 9.34  ? 105 MET A O   1 
ATOM   576  C CB  . MET A 1 78  ? 3.822   -0.357  -0.344  1.00 8.67  ? 105 MET A CB  1 
ATOM   577  C CG  . MET A 1 78  ? 3.022   0.938   -0.192  1.00 8.94  ? 105 MET A CG  1 
ATOM   578  S SD  . MET A 1 78  ? 3.531   1.996   1.170   1.00 9.03  ? 105 MET A SD  1 
ATOM   579  C CE  . MET A 1 78  ? 5.290   2.162   0.803   1.00 9.79  ? 105 MET A CE  1 
ATOM   580  N N   . ASP A 1 79  ? 1.754   -0.982  2.037   1.00 8.28  ? 106 ASP A N   1 
ATOM   581  C CA  . ASP A 1 79  ? 0.407   -1.371  2.504   1.00 8.42  ? 106 ASP A CA  1 
ATOM   582  C C   . ASP A 1 79  ? -0.393  -0.090  2.746   1.00 8.37  ? 106 ASP A C   1 
ATOM   583  O O   . ASP A 1 79  ? 0.188   0.991   2.863   1.00 7.51  ? 106 ASP A O   1 
ATOM   584  C CB  . ASP A 1 79  ? 0.492   -2.167  3.797   1.00 8.46  ? 106 ASP A CB  1 
ATOM   585  C CG  . ASP A 1 79  ? 1.073   -1.349  4.914   1.00 8.68  ? 106 ASP A CG  1 
ATOM   586  O OD1 . ASP A 1 79  ? 2.309   -1.207  4.960   1.00 8.80  ? 106 ASP A OD1 1 
ATOM   587  O OD2 . ASP A 1 79  ? 0.279   -0.767  5.696   1.00 8.86  ? 106 ASP A OD2 1 
ATOM   588  N N   . MET A 1 80  ? -1.724  -0.205  2.838   1.00 8.81  ? 107 MET A N   1 
ATOM   589  C CA  . MET A 1 80  ? -2.571  0.972   2.975   1.00 9.53  ? 107 MET A CA  1 
ATOM   590  C C   . MET A 1 80  ? -2.448  1.664   4.328   1.00 8.59  ? 107 MET A C   1 
ATOM   591  O O   . MET A 1 80  ? -2.671  2.866   4.414   1.00 8.22  ? 107 MET A O   1 
ATOM   592  C CB  . MET A 1 80  ? -4.031  0.644   2.665   1.00 12.21 ? 107 MET A CB  1 
ATOM   593  C CG  . MET A 1 80  ? -4.258  0.397   1.197   1.00 14.57 ? 107 MET A CG  1 
ATOM   594  S SD  . MET A 1 80  ? -5.955  0.698   0.658   1.00 25.12 ? 107 MET A SD  1 
ATOM   595  C CE  . MET A 1 80  ? -6.669  -0.406  1.754   1.00 17.86 ? 107 MET A CE  1 
ATOM   596  N N   . GLY A 1 81  ? -2.086  0.937   5.383   1.00 7.67  ? 108 GLY A N   1 
ATOM   597  C CA  . GLY A 1 81  ? -1.848  1.576   6.652   1.00 7.56  ? 108 GLY A CA  1 
ATOM   598  C C   . GLY A 1 81  ? -0.664  2.518   6.600   1.00 7.50  ? 108 GLY A C   1 
ATOM   599  O O   . GLY A 1 81  ? -0.691  3.609   7.182   1.00 7.95  ? 108 GLY A O   1 
ATOM   600  N N   . THR A 1 82  ? 0.386   2.088   5.905   1.00 6.98  ? 109 THR A N   1 
ATOM   601  C CA  . THR A 1 82  ? 1.553   2.952   5.684   1.00 6.95  ? 109 THR A CA  1 
ATOM   602  C C   . THR A 1 82  ? 1.174   4.195   4.861   1.00 6.91  ? 109 THR A C   1 
ATOM   603  O O   . THR A 1 82  ? 1.577   5.315   5.192   1.00 7.27  ? 109 THR A O   1 
ATOM   604  C CB  . THR A 1 82  ? 2.666   2.171   5.006   1.00 7.10  ? 109 THR A CB  1 
ATOM   605  O OG1 . THR A 1 82  ? 3.136   1.149   5.907   1.00 7.40  ? 109 THR A OG1 1 
ATOM   606  C CG2 . THR A 1 82  ? 3.811   3.100   4.627   1.00 7.32  ? 109 THR A CG2 1 
ATOM   607  N N   . ILE A 1 83  ? 0.408   3.991   3.803   1.00 6.93  ? 110 ILE A N   1 
ATOM   608  C CA  . ILE A 1 83  ? -0.016  5.128   2.951   1.00 7.08  ? 110 ILE A CA  1 
ATOM   609  C C   . ILE A 1 83  ? -0.855  6.117   3.767   1.00 7.30  ? 110 ILE A C   1 
ATOM   610  O O   . ILE A 1 83  ? -0.699  7.325   3.671   1.00 7.31  ? 110 ILE A O   1 
ATOM   611  C CB  . ILE A 1 83  ? -0.791  4.634   1.706   1.00 7.42  ? 110 ILE A CB  1 
ATOM   612  C CG1 . ILE A 1 83  ? 0.145   3.801   0.811   1.00 7.48  ? 110 ILE A CG1 1 
ATOM   613  C CG2 . ILE A 1 83  ? -1.367  5.840   0.940   1.00 7.82  ? 110 ILE A CG2 1 
ATOM   614  C CD1 . ILE A 1 83  ? -0.505  3.079   -0.354  1.00 7.66  ? 110 ILE A CD1 1 
ATOM   615  N N   . LYS A 1 84  ? -1.760  5.572   4.550   1.00 7.29  ? 111 LYS A N   1 
ATOM   616  C CA  . LYS A 1 84  ? -2.587  6.393   5.433   1.00 7.96  ? 111 LYS A CA  1 
ATOM   617  C C   . LYS A 1 84  ? -1.734  7.248   6.357   1.00 7.92  ? 111 LYS A C   1 
ATOM   618  O O   . LYS A 1 84  ? -1.971  8.443   6.492   1.00 8.22  ? 111 LYS A O   1 
ATOM   619  C CB  . LYS A 1 84  ? -3.543  5.490   6.238   1.00 8.20  ? 111 LYS A CB  1 
ATOM   620  C CG  . LYS A 1 84  ? -4.490  6.253   7.166   1.00 9.04  ? 111 LYS A CG  1 
ATOM   621  C CD  . LYS A 1 84  ? -5.535  5.322   7.770   1.00 9.45  ? 111 LYS A CD  1 
ATOM   622  C CE  . LYS A 1 84  ? -6.452  6.025   8.771   1.00 9.93  ? 111 LYS A CE  1 
ATOM   623  N NZ  . LYS A 1 84  ? -5.785  6.214   10.053  1.00 10.40 ? 111 LYS A NZ  1 
ATOM   624  N N   . LYS A 1 85  ? -0.736  6.645   7.009   1.00 7.99  ? 112 LYS A N   1 
ATOM   625  C CA  . LYS A 1 85  ? 0.135   7.381   7.903   1.00 8.81  ? 112 LYS A CA  1 
ATOM   626  C C   . LYS A 1 85  ? 0.971   8.427   7.168   1.00 8.72  ? 112 LYS A C   1 
ATOM   627  O O   . LYS A 1 85  ? 1.157   9.550   7.653   1.00 8.70  ? 112 LYS A O   1 
ATOM   628  C CB  . LYS A 1 85  ? 1.034   6.433   8.681   1.00 10.19 ? 112 LYS A CB  1 
ATOM   629  C CG  . LYS A 1 85  ? 0.283   5.605   9.708   1.00 12.16 ? 112 LYS A CG  1 
ATOM   630  C CD  . LYS A 1 85  ? 1.202   4.709   10.530  1.00 14.52 ? 112 LYS A CD  1 
ATOM   631  C CE  . LYS A 1 85  ? 0.452   4.043   11.696  1.00 16.92 ? 112 LYS A CE  1 
ATOM   632  N NZ  . LYS A 1 85  ? -0.233  5.008   12.625  1.00 18.78 ? 112 LYS A NZ  1 
ATOM   633  N N   . ARG A 1 86  ? 1.478   8.069   5.997   1.00 8.02  ? 113 ARG A N   1 
ATOM   634  C CA  . ARG A 1 86  ? 2.219   9.038   5.150   1.00 8.20  ? 113 ARG A CA  1 
ATOM   635  C C   . ARG A 1 86  ? 1.366   10.245  4.785   1.00 8.77  ? 113 ARG A C   1 
ATOM   636  O O   . ARG A 1 86  ? 1.832   11.386  4.877   1.00 8.65  ? 113 ARG A O   1 
ATOM   637  C CB  . ARG A 1 86  ? 2.781   8.362   3.896   1.00 8.16  ? 113 ARG A CB  1 
ATOM   638  C CG  . ARG A 1 86  ? 3.962   7.466   4.203   1.00 8.22  ? 113 ARG A CG  1 
ATOM   639  C CD  . ARG A 1 86  ? 4.472   6.661   3.017   1.00 8.37  ? 113 ARG A CD  1 
ATOM   640  N NE  . ARG A 1 86  ? 5.700   5.971   3.404   1.00 8.33  ? 113 ARG A NE  1 
ATOM   641  C CZ  . ARG A 1 86  ? 6.616   5.470   2.577   1.00 9.06  ? 113 ARG A CZ  1 
ATOM   642  N NH1 . ARG A 1 86  ? 6.468   5.496   1.268   1.00 9.21  ? 113 ARG A NH1 1 
ATOM   643  N NH2 . ARG A 1 86  ? 7.709   4.904   3.115   1.00 9.82  ? 113 ARG A NH2 1 
ATOM   644  N N   . LEU A 1 87  ? 0.119   10.026  4.411   1.00 8.68  ? 114 LEU A N   1 
ATOM   645  C CA  . LEU A 1 87  ? -0.780  11.147  4.168   1.00 9.26  ? 114 LEU A CA  1 
ATOM   646  C C   . LEU A 1 87  ? -1.001  11.975  5.447   1.00 9.59  ? 114 LEU A C   1 
ATOM   647  O O   . LEU A 1 87  ? -0.898  13.199  5.427   1.00 10.98 ? 114 LEU A O   1 
ATOM   648  C CB  . LEU A 1 87  ? -2.118  10.672  3.587   1.00 9.03  ? 114 LEU A CB  1 
ATOM   649  C CG  . LEU A 1 87  ? -2.108  10.213  2.113   1.00 9.34  ? 114 LEU A CG  1 
ATOM   650  C CD1 . LEU A 1 87  ? -3.311  9.355   1.794   1.00 9.38  ? 114 LEU A CD1 1 
ATOM   651  C CD2 . LEU A 1 87  ? -2.045  11.441  1.175   1.00 9.72  ? 114 LEU A CD2 1 
ATOM   652  N N   . GLU A 1 88  ? -1.265  11.311  6.555   1.00 9.67  ? 115 GLU A N   1 
ATOM   653  C CA  . GLU A 1 88  ? -1.499  12.000  7.824   1.00 10.41 ? 115 GLU A CA  1 
ATOM   654  C C   . GLU A 1 88  ? -0.320  12.835  8.273   1.00 11.26 ? 115 GLU A C   1 
ATOM   655  O O   . GLU A 1 88  ? -0.500  13.947  8.846   1.00 12.95 ? 115 GLU A O   1 
ATOM   656  C CB  . GLU A 1 88  ? -1.820  10.990  8.917   1.00 10.56 ? 115 GLU A CB  1 
ATOM   657  C CG  . GLU A 1 88  ? -3.173  10.359  8.733   1.00 10.46 ? 115 GLU A CG  1 
ATOM   658  C CD  . GLU A 1 88  ? -3.336  9.048   9.473   1.00 10.68 ? 115 GLU A CD  1 
ATOM   659  O OE1 . GLU A 1 88  ? -2.360  8.511   10.006  1.00 11.57 ? 115 GLU A OE1 1 
ATOM   660  O OE2 . GLU A 1 88  ? -4.475  8.563   9.518   1.00 11.00 ? 115 GLU A OE2 1 
ATOM   661  N N   . ASN A 1 89  ? 0.888   12.356  7.991   1.00 11.35 ? 116 ASN A N   1 
ATOM   662  C CA  . ASN A 1 89  ? 2.109   12.986  8.423   1.00 12.15 ? 116 ASN A CA  1 
ATOM   663  C C   . ASN A 1 89  ? 2.693   13.937  7.379   1.00 12.45 ? 116 ASN A C   1 
ATOM   664  O O   . ASN A 1 89  ? 3.816   14.420  7.565   1.00 14.45 ? 116 ASN A O   1 
ATOM   665  C CB  . ASN A 1 89  ? 3.132   11.911  8.787   1.00 13.19 ? 116 ASN A CB  1 
ATOM   666  C CG  . ASN A 1 89  ? 2.675   11.021  9.936   1.00 14.05 ? 116 ASN A CG  1 
ATOM   667  O OD1 . ASN A 1 89  ? 1.763   11.364  10.694  1.00 16.32 ? 116 ASN A OD1 1 
ATOM   668  N ND2 . ASN A 1 89  ? 3.315   9.875   10.087  1.00 15.30 ? 116 ASN A ND2 1 
ATOM   669  N N   . ASN A 1 90  ? 1.954   14.189  6.301   1.00 12.01 ? 117 ASN A N   1 
ATOM   670  C CA  . ASN A 1 90  ? 2.406   15.059  5.217   1.00 13.03 ? 117 ASN A CA  1 
ATOM   671  C C   . ASN A 1 90  ? 3.777   14.618  4.665   1.00 11.90 ? 117 ASN A C   1 
ATOM   672  O O   . ASN A 1 90  ? 4.635   15.430  4.320   1.00 12.83 ? 117 ASN A O   1 
ATOM   673  C CB  . ASN A 1 90  ? 2.441   16.520  5.706   1.00 13.89 ? 117 ASN A CB  1 
ATOM   674  C CG  . ASN A 1 90  ? 2.393   17.525  4.565   1.00 16.50 ? 117 ASN A CG  1 
ATOM   675  O OD1 . ASN A 1 90  ? 3.283   18.386  4.438   1.00 19.12 ? 117 ASN A OD1 1 
ATOM   676  N ND2 . ASN A 1 90  ? 1.397   17.408  3.704   1.00 18.06 ? 117 ASN A ND2 1 
ATOM   677  N N   . TYR A 1 91  ? 3.979   13.305  4.586   1.00 10.80 ? 118 TYR A N   1 
ATOM   678  C CA  . TYR A 1 91  ? 5.203   12.733  4.040   1.00 10.41 ? 118 TYR A CA  1 
ATOM   679  C C   . TYR A 1 91  ? 5.366   12.996  2.535   1.00 10.10 ? 118 TYR A C   1 
ATOM   680  O O   . TYR A 1 91  ? 6.501   13.095  2.030   1.00 11.09 ? 118 TYR A O   1 
ATOM   681  C CB  . TYR A 1 91  ? 5.157   11.234  4.323   1.00 10.47 ? 118 TYR A CB  1 
ATOM   682  C CG  . TYR A 1 91  ? 6.306   10.403  3.865   1.00 10.75 ? 118 TYR A CG  1 
ATOM   683  C CD1 . TYR A 1 91  ? 6.304   9.834   2.609   1.00 11.97 ? 118 TYR A CD1 1 
ATOM   684  C CD2 . TYR A 1 91  ? 7.357   10.118  4.716   1.00 12.39 ? 118 TYR A CD2 1 
ATOM   685  C CE1 . TYR A 1 91  ? 7.324   9.026   2.195   1.00 12.68 ? 118 TYR A CE1 1 
ATOM   686  C CE2 . TYR A 1 91  ? 8.392   9.308   4.313   1.00 12.83 ? 118 TYR A CE2 1 
ATOM   687  C CZ  . TYR A 1 91  ? 8.361   8.751   3.053   1.00 13.36 ? 118 TYR A CZ  1 
ATOM   688  O OH  . TYR A 1 91  ? 9.400   7.943   2.625   1.00 17.93 ? 118 TYR A OH  1 
ATOM   689  N N   . TYR A 1 92  ? 4.251   13.041  1.805   1.00 9.77  ? 119 TYR A N   1 
ATOM   690  C CA  . TYR A 1 92  ? 4.291   13.197  0.357   1.00 9.67  ? 119 TYR A CA  1 
ATOM   691  C C   . TYR A 1 92  ? 4.312   14.667  -0.050  1.00 10.03 ? 119 TYR A C   1 
ATOM   692  O O   . TYR A 1 92  ? 3.581   15.487  0.501   1.00 10.86 ? 119 TYR A O   1 
ATOM   693  C CB  . TYR A 1 92  ? 3.077   12.581  -0.308  1.00 9.65  ? 119 TYR A CB  1 
ATOM   694  C CG  . TYR A 1 92  ? 2.865   11.121  -0.033  1.00 9.26  ? 119 TYR A CG  1 
ATOM   695  C CD1 . TYR A 1 92  ? 3.796   10.182  -0.456  1.00 9.42  ? 119 TYR A CD1 1 
ATOM   696  C CD2 . TYR A 1 92  ? 1.707   10.667  0.602   1.00 9.09  ? 119 TYR A CD2 1 
ATOM   697  C CE1 . TYR A 1 92  ? 3.576   8.814   -0.255  1.00 9.12  ? 119 TYR A CE1 1 
ATOM   698  C CE2 . TYR A 1 92  ? 1.493   9.324   0.809   1.00 9.17  ? 119 TYR A CE2 1 
ATOM   699  C CZ  . TYR A 1 92  ? 2.421   8.395   0.399   1.00 9.43  ? 119 TYR A CZ  1 
ATOM   700  O OH  . TYR A 1 92  ? 2.187   7.059   0.622   1.00 9.99  ? 119 TYR A OH  1 
ATOM   701  N N   . TRP A 1 93  ? 5.142   14.952  -1.042  1.00 10.39 ? 120 TRP A N   1 
ATOM   702  C CA  . TRP A 1 93  ? 5.230   16.270  -1.644  1.00 11.57 ? 120 TRP A CA  1 
ATOM   703  C C   . TRP A 1 93  ? 4.072   16.538  -2.588  1.00 11.44 ? 120 TRP A C   1 
ATOM   704  O O   . TRP A 1 93  ? 3.674   17.699  -2.792  1.00 13.19 ? 120 TRP A O   1 
ATOM   705  C CB  . TRP A 1 93  ? 6.518   16.381  -2.441  1.00 11.56 ? 120 TRP A CB  1 
ATOM   706  C CG  . TRP A 1 93  ? 7.730   16.541  -1.621  1.00 12.08 ? 120 TRP A CG  1 
ATOM   707  C CD1 . TRP A 1 93  ? 8.605   15.577  -1.261  1.00 12.50 ? 120 TRP A CD1 1 
ATOM   708  C CD2 . TRP A 1 93  ? 8.224   17.768  -1.066  1.00 12.44 ? 120 TRP A CD2 1 
ATOM   709  N NE1 . TRP A 1 93  ? 9.631   16.122  -0.504  1.00 12.55 ? 120 TRP A NE1 1 
ATOM   710  C CE2 . TRP A 1 93  ? 9.405   17.464  -0.373  1.00 12.52 ? 120 TRP A CE2 1 
ATOM   711  C CE3 . TRP A 1 93  ? 7.776   19.099  -1.086  1.00 13.25 ? 120 TRP A CE3 1 
ATOM   712  C CZ2 . TRP A 1 93  ? 10.164  18.443  0.269   1.00 12.56 ? 120 TRP A CZ2 1 
ATOM   713  C CZ3 . TRP A 1 93  ? 8.521   20.055  -0.447  1.00 14.03 ? 120 TRP A CZ3 1 
ATOM   714  C CH2 . TRP A 1 93  ? 9.696   19.718  0.235   1.00 13.82 ? 120 TRP A CH2 1 
ATOM   715  N N   . ASN A 1 94  ? 3.533   15.482  -3.196  1.00 11.91 ? 121 ASN A N   1 
ATOM   716  C CA  . ASN A 1 94  ? 2.486   15.626  -4.199  1.00 11.94 ? 121 ASN A CA  1 
ATOM   717  C C   . ASN A 1 94  ? 1.692   14.351  -4.354  1.00 11.85 ? 121 ASN A C   1 
ATOM   718  O O   . ASN A 1 94  ? 2.031   13.307  -3.773  1.00 11.83 ? 121 ASN A O   1 
ATOM   719  C CB  . ASN A 1 94  ? 3.073   16.075  -5.554  1.00 12.82 ? 121 ASN A CB  1 
ATOM   720  C CG  . ASN A 1 94  ? 4.116   15.131  -6.103  1.00 13.45 ? 121 ASN A CG  1 
ATOM   721  O OD1 . ASN A 1 94  ? 3.922   13.927  -6.149  1.00 14.86 ? 121 ASN A OD1 1 
ATOM   722  N ND2 . ASN A 1 94  ? 5.259   15.683  -6.515  1.00 14.95 ? 121 ASN A ND2 1 
ATOM   723  N N   . ALA A 1 95  ? 0.607   14.458  -5.109  1.00 12.38 ? 122 ALA A N   1 
ATOM   724  C CA  . ALA A 1 95  ? -0.291  13.319  -5.308  1.00 12.51 ? 122 ALA A CA  1 
ATOM   725  C C   . ALA A 1 95  ? 0.401   12.176  -5.996  1.00 12.15 ? 122 ALA A C   1 
ATOM   726  O O   . ALA A 1 95  ? 0.109   11.036  -5.718  1.00 11.40 ? 122 ALA A O   1 
ATOM   727  C CB  . ALA A 1 95  ? -1.516  13.738  -6.101  1.00 13.01 ? 122 ALA A CB  1 
ATOM   728  N N   . GLN A 1 96  ? 1.316   12.484  -6.912  1.00 11.80 ? 123 GLN A N   1 
ATOM   729  C CA  . GLN A 1 96  ? 1.999   11.464  -7.697  1.00 13.11 ? 123 GLN A CA  1 
ATOM   730  C C   . GLN A 1 96  ? 2.795   10.515  -6.818  1.00 11.69 ? 123 GLN A C   1 
ATOM   731  O O   . GLN A 1 96  ? 2.819   9.322   -7.066  1.00 11.18 ? 123 GLN A O   1 
ATOM   732  C CB  . GLN A 1 96  ? 2.902   12.106  -8.774  1.00 15.15 ? 123 GLN A CB  1 
ATOM   733  C CG  . GLN A 1 96  ? 2.182   13.052  -9.725  1.00 18.56 ? 123 GLN A CG  1 
ATOM   734  C CD  . GLN A 1 96  ? 2.322   14.544  -9.369  1.00 20.60 ? 123 GLN A CD  1 
ATOM   735  O OE1 . GLN A 1 96  ? 1.630   15.061  -8.472  1.00 20.34 ? 123 GLN A OE1 1 
ATOM   736  N NE2 . GLN A 1 96  ? 3.170   15.258  -10.123 1.00 24.42 ? 123 GLN A NE2 1 
ATOM   737  N N   . GLU A 1 97  ? 3.419   11.037  -5.763  1.00 11.06 ? 124 GLU A N   1 
ATOM   738  C CA  . GLU A 1 97  ? 4.169   10.166  -4.852  1.00 10.56 ? 124 GLU A CA  1 
ATOM   739  C C   . GLU A 1 97  ? 3.232   9.168   -4.140  1.00 9.76  ? 124 GLU A C   1 
ATOM   740  O O   . GLU A 1 97  ? 3.609   8.020   -3.890  1.00 10.18 ? 124 GLU A O   1 
ATOM   741  C CB  . GLU A 1 97  ? 4.938   10.992  -3.807  1.00 11.25 ? 124 GLU A CB  1 
ATOM   742  C CG  . GLU A 1 97  ? 6.101   11.741  -4.397  1.00 12.16 ? 124 GLU A CG  1 
ATOM   743  C CD  . GLU A 1 97  ? 6.962   12.374  -3.336  1.00 12.92 ? 124 GLU A CD  1 
ATOM   744  O OE1 . GLU A 1 97  ? 6.416   12.837  -2.317  1.00 14.95 ? 124 GLU A OE1 1 
ATOM   745  O OE2 . GLU A 1 97  ? 8.180   12.392  -3.529  1.00 14.69 ? 124 GLU A OE2 1 
ATOM   746  N N   . CYS A 1 98  ? 2.055   9.647   -3.750  1.00 9.30  ? 125 CYS A N   1 
ATOM   747  C CA  . CYS A 1 98  ? 1.052   8.812   -3.096  1.00 9.57  ? 125 CYS A CA  1 
ATOM   748  C C   . CYS A 1 98  ? 0.561   7.736   -4.056  1.00 9.29  ? 125 CYS A C   1 
ATOM   749  O O   . CYS A 1 98  ? 0.533   6.549   -3.731  1.00 8.72  ? 125 CYS A O   1 
ATOM   750  C CB  . CYS A 1 98  ? -0.084  9.691   -2.566  1.00 9.53  ? 125 CYS A CB  1 
ATOM   751  S SG  . CYS A 1 98  ? -1.381  8.734   -1.794  1.00 10.36 ? 125 CYS A SG  1 
ATOM   752  N N   . ILE A 1 99  ? 0.197   8.168   -5.257  1.00 9.39  ? 126 ILE A N   1 
ATOM   753  C CA  . ILE A 1 99  ? -0.210  7.255   -6.311  1.00 9.56  ? 126 ILE A CA  1 
ATOM   754  C C   . ILE A 1 99  ? 0.862   6.179   -6.575  1.00 9.65  ? 126 ILE A C   1 
ATOM   755  O O   . ILE A 1 99  ? 0.521   4.982   -6.708  1.00 9.62  ? 126 ILE A O   1 
ATOM   756  C CB  . ILE A 1 99  ? -0.575  8.039   -7.588  1.00 9.88  ? 126 ILE A CB  1 
ATOM   757  C CG1 . ILE A 1 99  ? -1.846  8.871   -7.331  1.00 10.37 ? 126 ILE A CG1 1 
ATOM   758  C CG2 . ILE A 1 99  ? -0.740  7.080   -8.764  1.00 9.85  ? 126 ILE A CG2 1 
ATOM   759  C CD1 . ILE A 1 99  ? -2.079  9.997   -8.316  1.00 11.10 ? 126 ILE A CD1 1 
ATOM   760  N N   . GLN A 1 100 ? 2.147   6.568   -6.573  1.00 10.22 ? 127 GLN A N   1 
ATOM   761  C CA  A GLN A 1 100 ? 3.225   5.591   -6.761  0.50 10.67 ? 127 GLN A CA  1 
ATOM   762  C CA  B GLN A 1 100 ? 3.245   5.616   -6.742  0.50 10.84 ? 127 GLN A CA  1 
ATOM   763  C C   . GLN A 1 100 ? 3.242   4.543   -5.641  1.00 9.96  ? 127 GLN A C   1 
ATOM   764  O O   . GLN A 1 100 ? 3.490   3.382   -5.898  1.00 10.05 ? 127 GLN A O   1 
ATOM   765  C CB  A GLN A 1 100 ? 4.603   6.245   -6.891  0.50 12.00 ? 127 GLN A CB  1 
ATOM   766  C CB  B GLN A 1 100 ? 4.596   6.342   -6.773  0.50 12.55 ? 127 GLN A CB  1 
ATOM   767  C CG  A GLN A 1 100 ? 5.732   5.222   -7.141  0.50 13.44 ? 127 GLN A CG  1 
ATOM   768  C CG  B GLN A 1 100 ? 5.787   5.410   -7.003  0.50 14.86 ? 127 GLN A CG  1 
ATOM   769  C CD  A GLN A 1 100 ? 5.451   4.260   -8.296  0.50 14.91 ? 127 GLN A CD  1 
ATOM   770  C CD  B GLN A 1 100 ? 7.085   6.163   -7.190  0.50 16.88 ? 127 GLN A CD  1 
ATOM   771  O OE1 A GLN A 1 100 ? 5.348   3.024   -8.122  0.50 16.76 ? 127 GLN A OE1 1 
ATOM   772  O OE1 B GLN A 1 100 ? 7.163   7.355   -6.905  0.50 20.22 ? 127 GLN A OE1 1 
ATOM   773  N NE2 A GLN A 1 100 ? 5.318   4.822   -9.488  0.50 15.61 ? 127 GLN A NE2 1 
ATOM   774  N NE2 B GLN A 1 100 ? 8.109   5.474   -7.688  0.50 19.51 ? 127 GLN A NE2 1 
ATOM   775  N N   . ASP A 1 101 ? 3.002   4.952   -4.401  1.00 9.04  ? 128 ASP A N   1 
ATOM   776  C CA  . ASP A 1 101 ? 2.915   3.976   -3.315  1.00 8.46  ? 128 ASP A CA  1 
ATOM   777  C C   . ASP A 1 101 ? 1.745   3.009   -3.484  1.00 8.14  ? 128 ASP A C   1 
ATOM   778  O O   . ASP A 1 101 ? 1.892   1.838   -3.221  1.00 7.60  ? 128 ASP A O   1 
ATOM   779  C CB  . ASP A 1 101 ? 2.832   4.663   -1.956  1.00 8.98  ? 128 ASP A CB  1 
ATOM   780  C CG  . ASP A 1 101 ? 4.185   5.060   -1.398  1.00 9.75  ? 128 ASP A CG  1 
ATOM   781  O OD1 . ASP A 1 101 ? 5.259   4.740   -1.949  1.00 10.59 ? 128 ASP A OD1 1 
ATOM   782  O OD2 . ASP A 1 101 ? 4.192   5.677   -0.325  1.00 9.93  ? 128 ASP A OD2 1 
ATOM   783  N N   . PHE A 1 102 ? 0.575   3.484   -3.919  1.00 8.15  ? 129 PHE A N   1 
ATOM   784  C CA  . PHE A 1 102 ? -0.518  2.563   -4.236  1.00 8.33  ? 129 PHE A CA  1 
ATOM   785  C C   . PHE A 1 102 ? -0.083  1.579   -5.318  1.00 8.54  ? 129 PHE A C   1 
ATOM   786  O O   . PHE A 1 102 ? -0.319  0.385   -5.213  1.00 8.38  ? 129 PHE A O   1 
ATOM   787  C CB  . PHE A 1 102 ? -1.799  3.287   -4.659  1.00 8.64  ? 129 PHE A CB  1 
ATOM   788  C CG  . PHE A 1 102 ? -2.660  3.728   -3.530  1.00 9.03  ? 129 PHE A CG  1 
ATOM   789  C CD1 . PHE A 1 102 ? -3.542  2.853   -2.943  1.00 8.99  ? 129 PHE A CD1 1 
ATOM   790  C CD2 . PHE A 1 102 ? -2.610  5.049   -3.068  1.00 9.26  ? 129 PHE A CD2 1 
ATOM   791  C CE1 . PHE A 1 102 ? -4.364  3.270   -1.908  1.00 9.72  ? 129 PHE A CE1 1 
ATOM   792  C CE2 . PHE A 1 102 ? -3.461  5.470   -2.047  1.00 10.03 ? 129 PHE A CE2 1 
ATOM   793  C CZ  . PHE A 1 102 ? -4.317  4.572   -1.469  1.00 9.53  ? 129 PHE A CZ  1 
ATOM   794  N N   . ASN A 1 103 ? 0.563   2.085   -6.365  1.00 8.58  ? 130 ASN A N   1 
ATOM   795  C CA  . ASN A 1 103 ? 1.044   1.248   -7.422  1.00 9.66  ? 130 ASN A CA  1 
ATOM   796  C C   . ASN A 1 103 ? 2.042   0.204   -6.931  1.00 8.91  ? 130 ASN A C   1 
ATOM   797  O O   . ASN A 1 103 ? 1.957   -0.960  -7.342  1.00 9.15  ? 130 ASN A O   1 
ATOM   798  C CB  . ASN A 1 103 ? 1.668   2.078   -8.543  1.00 11.11 ? 130 ASN A CB  1 
ATOM   799  C CG  . ASN A 1 103 ? 2.122   1.218   -9.702  1.00 13.78 ? 130 ASN A CG  1 
ATOM   800  O OD1 . ASN A 1 103 ? 1.305   0.703   -10.489 1.00 17.43 ? 130 ASN A OD1 1 
ATOM   801  N ND2 . ASN A 1 103 ? 3.418   1.001   -9.772  1.00 14.98 ? 130 ASN A ND2 1 
ATOM   802  N N   . THR A 1 104 ? 2.968   0.588   -6.054  1.00 8.33  ? 131 THR A N   1 
ATOM   803  C CA  . THR A 1 104 ? 3.909   -0.359  -5.446  1.00 8.26  ? 131 THR A CA  1 
ATOM   804  C C   . THR A 1 104 ? 3.148   -1.438  -4.688  1.00 8.17  ? 131 THR A C   1 
ATOM   805  O O   . THR A 1 104 ? 3.453   -2.627  -4.802  1.00 8.13  ? 131 THR A O   1 
ATOM   806  C CB  . THR A 1 104 ? 4.908   0.361   -4.529  1.00 8.64  ? 131 THR A CB  1 
ATOM   807  O OG1 . THR A 1 104 ? 5.701   1.242   -5.340  1.00 9.79  ? 131 THR A OG1 1 
ATOM   808  C CG2 . THR A 1 104 ? 5.800   -0.585  -3.751  1.00 8.48  ? 131 THR A CG2 1 
ATOM   809  N N   . MET A 1 105 ? 2.140   -1.040  -3.935  1.00 8.04  ? 132 MET A N   1 
ATOM   810  C CA  . MET A 1 105 ? 1.349   -2.026  -3.168  1.00 7.78  ? 132 MET A CA  1 
ATOM   811  C C   . MET A 1 105 ? 0.671   -3.048  -4.095  1.00 7.60  ? 132 MET A C   1 
ATOM   812  O O   . MET A 1 105 ? 0.753   -4.265  -3.859  1.00 6.97  ? 132 MET A O   1 
ATOM   813  C CB  . MET A 1 105 ? 0.275   -1.315  -2.327  1.00 7.97  ? 132 MET A CB  1 
ATOM   814  C CG  . MET A 1 105 ? -0.622  -2.248  -1.539  1.00 8.14  ? 132 MET A CG  1 
ATOM   815  S SD  . MET A 1 105 ? -1.840  -1.311  -0.618  1.00 8.38  ? 132 MET A SD  1 
ATOM   816  C CE  . MET A 1 105 ? -2.937  -0.806  -1.916  1.00 9.76  ? 132 MET A CE  1 
ATOM   817  N N   . PHE A 1 106 ? 0.007   -2.568  -5.153  1.00 7.54  ? 133 PHE A N   1 
ATOM   818  C CA  . PHE A 1 106 ? -0.688  -3.511  -6.057  1.00 8.00  ? 133 PHE A CA  1 
ATOM   819  C C   . PHE A 1 106 ? 0.319   -4.391  -6.811  1.00 8.03  ? 133 PHE A C   1 
ATOM   820  O O   . PHE A 1 106 ? 0.122   -5.622  -6.880  1.00 8.43  ? 133 PHE A O   1 
ATOM   821  C CB  . PHE A 1 106 ? -1.625  -2.786  -7.041  1.00 8.41  ? 133 PHE A CB  1 
ATOM   822  C CG  . PHE A 1 106 ? -2.720  -2.015  -6.369  1.00 9.11  ? 133 PHE A CG  1 
ATOM   823  C CD1 . PHE A 1 106 ? -3.572  -2.642  -5.483  1.00 9.76  ? 133 PHE A CD1 1 
ATOM   824  C CD2 . PHE A 1 106 ? -2.913  -0.681  -6.667  1.00 9.60  ? 133 PHE A CD2 1 
ATOM   825  C CE1 . PHE A 1 106 ? -4.604  -1.948  -4.880  1.00 9.86  ? 133 PHE A CE1 1 
ATOM   826  C CE2 . PHE A 1 106 ? -3.931  0.026   -6.060  1.00 10.11 ? 133 PHE A CE2 1 
ATOM   827  C CZ  . PHE A 1 106 ? -4.753  -0.597  -5.154  1.00 9.77  ? 133 PHE A CZ  1 
ATOM   828  N N   . THR A 1 107 ? 1.353   -3.766  -7.370  1.00 8.57  ? 134 THR A N   1 
ATOM   829  C CA  . THR A 1 107 ? 2.353   -4.519  -8.154  1.00 8.60  ? 134 THR A CA  1 
ATOM   830  C C   . THR A 1 107 ? 3.117   -5.508  -7.289  1.00 8.27  ? 134 THR A C   1 
ATOM   831  O O   . THR A 1 107 ? 3.413   -6.599  -7.759  1.00 7.78  ? 134 THR A O   1 
ATOM   832  C CB  . THR A 1 107 ? 3.308   -3.639  -8.980  1.00 9.49  ? 134 THR A CB  1 
ATOM   833  O OG1 . THR A 1 107 ? 4.014   -2.756  -8.130  1.00 10.47 ? 134 THR A OG1 1 
ATOM   834  C CG2 . THR A 1 107 ? 2.544   -2.848  -9.991  1.00 9.96  ? 134 THR A CG2 1 
ATOM   835  N N   . ASN A 1 108 ? 3.357   -5.197  -6.017  1.00 7.93  ? 135 ASN A N   1 
ATOM   836  C CA  . ASN A 1 108 ? 3.951   -6.200  -5.122  1.00 7.80  ? 135 ASN A CA  1 
ATOM   837  C C   . ASN A 1 108 ? 3.122   -7.479  -5.074  1.00 7.62  ? 135 ASN A C   1 
ATOM   838  O O   . ASN A 1 108 ? 3.656   -8.581  -5.081  1.00 7.45  ? 135 ASN A O   1 
ATOM   839  C CB  . ASN A 1 108 ? 4.114   -5.681  -3.684  1.00 8.08  ? 135 ASN A CB  1 
ATOM   840  C CG  . ASN A 1 108 ? 5.253   -4.706  -3.523  1.00 8.48  ? 135 ASN A CG  1 
ATOM   841  O OD1 . ASN A 1 108 ? 6.089   -4.533  -4.403  1.00 8.94  ? 135 ASN A OD1 1 
ATOM   842  N ND2 . ASN A 1 108 ? 5.251   -4.014  -2.397  1.00 8.45  ? 135 ASN A ND2 1 
ATOM   843  N N   . CYS A 1 109 ? 1.805   -7.324  -5.005  1.00 7.52  ? 136 CYS A N   1 
ATOM   844  C CA  . CYS A 1 109 ? 0.896   -8.438  -4.953  1.00 7.77  ? 136 CYS A CA  1 
ATOM   845  C C   . CYS A 1 109 ? 1.012   -9.280  -6.234  1.00 7.79  ? 136 CYS A C   1 
ATOM   846  O O   . CYS A 1 109 ? 1.057   -10.535 -6.189  1.00 7.77  ? 136 CYS A O   1 
ATOM   847  C CB  . CYS A 1 109 ? -0.526  -7.946  -4.738  1.00 8.25  ? 136 CYS A CB  1 
ATOM   848  S SG  . CYS A 1 109 ? -1.696  -9.254  -4.472  1.00 8.95  ? 136 CYS A SG  1 
ATOM   849  N N   . TYR A 1 110 ? 1.099   -8.584  -7.357  1.00 7.77  ? 137 TYR A N   1 
ATOM   850  C CA  . TYR A 1 110 ? 1.227   -9.248  -8.658  1.00 7.93  ? 137 TYR A CA  1 
ATOM   851  C C   . TYR A 1 110 ? 2.578   -9.936  -8.833  1.00 8.26  ? 137 TYR A C   1 
ATOM   852  O O   . TYR A 1 110 ? 2.659   -10.982 -9.465  1.00 8.04  ? 137 TYR A O   1 
ATOM   853  C CB  . TYR A 1 110 ? 0.995   -8.263  -9.800  1.00 7.80  ? 137 TYR A CB  1 
ATOM   854  C CG  . TYR A 1 110 ? -0.297  -7.446  -9.720  1.00 8.22  ? 137 TYR A CG  1 
ATOM   855  C CD1 . TYR A 1 110 ? -1.428  -7.942  -9.095  1.00 8.28  ? 137 TYR A CD1 1 
ATOM   856  C CD2 . TYR A 1 110 ? -0.364  -6.199  -10.300 1.00 8.38  ? 137 TYR A CD2 1 
ATOM   857  C CE1 . TYR A 1 110 ? -2.602  -7.191  -9.039  1.00 8.79  ? 137 TYR A CE1 1 
ATOM   858  C CE2 . TYR A 1 110 ? -1.518  -5.442  -10.222 1.00 8.57  ? 137 TYR A CE2 1 
ATOM   859  C CZ  . TYR A 1 110 ? -2.627  -5.944  -9.608  1.00 8.88  ? 137 TYR A CZ  1 
ATOM   860  O OH  . TYR A 1 110 ? -3.788  -5.173  -9.553  1.00 9.70  ? 137 TYR A OH  1 
ATOM   861  N N   . ILE A 1 111 ? 3.621   -9.355  -8.279  1.00 7.74  ? 138 ILE A N   1 
ATOM   862  C CA  . ILE A 1 111 ? 4.973   -9.906  -8.354  1.00 8.14  ? 138 ILE A CA  1 
ATOM   863  C C   . ILE A 1 111 ? 5.052   -11.199 -7.552  1.00 8.26  ? 138 ILE A C   1 
ATOM   864  O O   . ILE A 1 111 ? 5.581   -12.220 -8.024  1.00 8.14  ? 138 ILE A O   1 
ATOM   865  C CB  . ILE A 1 111 ? 6.007   -8.878  -7.865  1.00 8.69  ? 138 ILE A CB  1 
ATOM   866  C CG1 . ILE A 1 111 ? 6.149   -7.745  -8.883  1.00 8.69  ? 138 ILE A CG1 1 
ATOM   867  C CG2 . ILE A 1 111 ? 7.355   -9.541  -7.651  1.00 9.39  ? 138 ILE A CG2 1 
ATOM   868  C CD1 . ILE A 1 111 ? 6.856   -6.505  -8.394  1.00 9.02  ? 138 ILE A CD1 1 
ATOM   869  N N   . TYR A 1 112 ? 4.548   -11.147 -6.320  1.00 8.23  ? 139 TYR A N   1 
ATOM   870  C CA  . TYR A 1 112 ? 4.734   -12.257 -5.392  1.00 8.67  ? 139 TYR A CA  1 
ATOM   871  C C   . TYR A 1 112 ? 3.859   -13.476 -5.736  1.00 9.42  ? 139 TYR A C   1 
ATOM   872  O O   . TYR A 1 112 ? 4.290   -14.655 -5.662  1.00 10.33 ? 139 TYR A O   1 
ATOM   873  C CB  . TYR A 1 112 ? 4.540   -11.811 -3.915  1.00 8.78  ? 139 TYR A CB  1 
ATOM   874  C CG  . TYR A 1 112 ? 4.785   -12.974 -2.998  1.00 9.36  ? 139 TYR A CG  1 
ATOM   875  C CD1 . TYR A 1 112 ? 6.083   -13.427 -2.754  1.00 9.99  ? 139 TYR A CD1 1 
ATOM   876  C CD2 . TYR A 1 112 ? 3.722   -13.652 -2.422  1.00 10.14 ? 139 TYR A CD2 1 
ATOM   877  C CE1 . TYR A 1 112 ? 6.302   -14.529 -1.966  1.00 10.53 ? 139 TYR A CE1 1 
ATOM   878  C CE2 . TYR A 1 112 ? 3.938   -14.748 -1.618  1.00 10.90 ? 139 TYR A CE2 1 
ATOM   879  C CZ  . TYR A 1 112 ? 5.219   -15.179 -1.392  1.00 11.19 ? 139 TYR A CZ  1 
ATOM   880  O OH  . TYR A 1 112 ? 5.412   -16.305 -0.599  1.00 14.15 ? 139 TYR A OH  1 
ATOM   881  N N   . ASN A 1 113 ? 2.612   -13.200 -6.120  1.00 9.96  ? 140 ASN A N   1 
ATOM   882  C CA  . ASN A 1 113 ? 1.601   -14.225 -6.268  1.00 10.74 ? 140 ASN A CA  1 
ATOM   883  C C   . ASN A 1 113 ? 1.433   -14.651 -7.698  1.00 12.35 ? 140 ASN A C   1 
ATOM   884  O O   . ASN A 1 113 ? 1.993   -14.034 -8.565  1.00 14.74 ? 140 ASN A O   1 
ATOM   885  C CB  . ASN A 1 113 ? 0.295   -13.711 -5.680  1.00 10.30 ? 140 ASN A CB  1 
ATOM   886  C CG  . ASN A 1 113 ? 0.437   -13.418 -4.211  1.00 9.94  ? 140 ASN A CG  1 
ATOM   887  O OD1 . ASN A 1 113 ? 0.526   -14.338 -3.400  1.00 10.74 ? 140 ASN A OD1 1 
ATOM   888  N ND2 . ASN A 1 113 ? 0.527   -12.145 -3.853  1.00 9.51  ? 140 ASN A ND2 1 
ATOM   889  N N   . LYS A 1 114 ? 0.698   -15.735 -7.902  1.00 14.43 ? 141 LYS A N   1 
ATOM   890  C CA  . LYS A 1 114 ? 0.456   -16.270 -9.240  1.00 16.18 ? 141 LYS A CA  1 
ATOM   891  C C   . LYS A 1 114 ? -0.717  -15.479 -9.843  1.00 14.84 ? 141 LYS A C   1 
ATOM   892  O O   . LYS A 1 114 ? -1.652  -15.147 -9.098  1.00 13.18 ? 141 LYS A O   1 
ATOM   893  C CB  . LYS A 1 114 ? 0.156   -17.770 -9.151  1.00 19.55 ? 141 LYS A CB  1 
ATOM   894  C CG  . LYS A 1 114 ? 1.334   -18.538 -8.552  1.00 23.69 ? 141 LYS A CG  1 
ATOM   895  C CD  . LYS A 1 114 ? 1.144   -20.036 -8.482  1.00 27.52 ? 141 LYS A CD  1 
ATOM   896  C CE  . LYS A 1 114 ? 2.506   -20.717 -8.403  1.00 30.11 ? 141 LYS A CE  1 
ATOM   897  N NZ  . LYS A 1 114 ? 3.101   -20.910 -9.769  1.00 32.23 ? 141 LYS A NZ  1 
ATOM   898  N N   . PRO A 1 115 ? -0.684  -15.184 -11.160 1.00 13.75 ? 142 PRO A N   1 
ATOM   899  C CA  . PRO A 1 115 ? -1.783  -14.423 -11.785 1.00 13.10 ? 142 PRO A CA  1 
ATOM   900  C C   . PRO A 1 115 ? -3.192  -14.941 -11.479 1.00 12.22 ? 142 PRO A C   1 
ATOM   901  O O   . PRO A 1 115 ? -4.110  -14.146 -11.422 1.00 11.77 ? 142 PRO A O   1 
ATOM   902  C CB  . PRO A 1 115 ? -1.474  -14.521 -13.275 1.00 13.46 ? 142 PRO A CB  1 
ATOM   903  C CG  . PRO A 1 115 ? 0.021   -14.540 -13.290 1.00 14.15 ? 142 PRO A CG  1 
ATOM   904  C CD  . PRO A 1 115 ? 0.420   -15.378 -12.130 1.00 13.79 ? 142 PRO A CD  1 
ATOM   905  N N   . GLY A 1 116 ? -3.365  -16.250 -11.297 1.00 11.87 ? 143 GLY A N   1 
ATOM   906  C CA  . GLY A 1 116 ? -4.696  -16.815 -11.026 1.00 11.85 ? 143 GLY A CA  1 
ATOM   907  C C   . GLY A 1 116 ? -5.144  -16.857 -9.576  1.00 11.70 ? 143 GLY A C   1 
ATOM   908  O O   . GLY A 1 116 ? -6.244  -17.328 -9.275  1.00 10.90 ? 143 GLY A O   1 
ATOM   909  N N   . ASP A 1 117 ? -4.320  -16.326 -8.671  1.00 11.44 ? 144 ASP A N   1 
ATOM   910  C CA  . ASP A 1 117 ? -4.597  -16.423 -7.250  1.00 11.70 ? 144 ASP A CA  1 
ATOM   911  C C   . ASP A 1 117 ? -5.744  -15.508 -6.772  1.00 10.58 ? 144 ASP A C   1 
ATOM   912  O O   . ASP A 1 117 ? -5.974  -14.422 -7.333  1.00 10.29 ? 144 ASP A O   1 
ATOM   913  C CB  . ASP A 1 117 ? -3.342  -16.103 -6.417  1.00 12.83 ? 144 ASP A CB  1 
ATOM   914  C CG  . ASP A 1 117 ? -2.262  -17.198 -6.484  1.00 15.12 ? 144 ASP A CG  1 
ATOM   915  O OD1 . ASP A 1 117 ? -2.548  -18.341 -6.918  1.00 16.90 ? 144 ASP A OD1 1 
ATOM   916  O OD2 . ASP A 1 117 ? -1.092  -16.903 -6.061  1.00 15.81 ? 144 ASP A OD2 1 
ATOM   917  N N   . ASP A 1 118 ? -6.445  -15.945 -5.731  1.00 10.42 ? 145 ASP A N   1 
ATOM   918  C CA  . ASP A 1 118 ? -7.534  -15.155 -5.158  1.00 10.57 ? 145 ASP A CA  1 
ATOM   919  C C   . ASP A 1 118 ? -7.025  -13.756 -4.739  1.00 9.66  ? 145 ASP A C   1 
ATOM   920  O O   . ASP A 1 118 ? -7.680  -12.757 -4.994  1.00 9.48  ? 145 ASP A O   1 
ATOM   921  C CB  . ASP A 1 118 ? -8.167  -15.809 -3.927  1.00 11.16 ? 145 ASP A CB  1 
ATOM   922  C CG  . ASP A 1 118 ? -8.935  -17.104 -4.220  1.00 12.55 ? 145 ASP A CG  1 
ATOM   923  O OD1 . ASP A 1 118 ? -9.210  -17.427 -5.392  1.00 13.33 ? 145 ASP A OD1 1 
ATOM   924  O OD2 . ASP A 1 118 ? -9.291  -17.792 -3.229  1.00 15.86 ? 145 ASP A OD2 1 
ATOM   925  N N   . ILE A 1 119 ? -5.874  -13.689 -4.067  1.00 8.89  ? 146 ILE A N   1 
ATOM   926  C CA  . ILE A 1 119 ? -5.369  -12.384 -3.591  1.00 8.51  ? 146 ILE A CA  1 
ATOM   927  C C   . ILE A 1 119 ? -5.134  -11.410 -4.770  1.00 8.37  ? 146 ILE A C   1 
ATOM   928  O O   . ILE A 1 119 ? -5.260  -10.178 -4.638  1.00 7.79  ? 146 ILE A O   1 
ATOM   929  C CB  . ILE A 1 119 ? -4.105  -12.549 -2.693  1.00 8.66  ? 146 ILE A CB  1 
ATOM   930  C CG1 . ILE A 1 119 ? -3.790  -11.253 -1.912  1.00 8.65  ? 146 ILE A CG1 1 
ATOM   931  C CG2 . ILE A 1 119 ? -2.920  -12.971 -3.550  1.00 8.64  ? 146 ILE A CG2 1 
ATOM   932  C CD1 . ILE A 1 119 ? -4.767  -10.923 -0.797  1.00 9.14  ? 146 ILE A CD1 1 
ATOM   933  N N   . VAL A 1 120 ? -4.764  -11.954 -5.944  1.00 7.83  ? 147 VAL A N   1 
ATOM   934  C CA  . VAL A 1 120 ? -4.557  -11.141 -7.137  1.00 7.90  ? 147 VAL A CA  1 
ATOM   935  C C   . VAL A 1 120 ? -5.874  -10.602 -7.684  1.00 8.15  ? 147 VAL A C   1 
ATOM   936  O O   . VAL A 1 120 ? -5.931  -9.449  -8.114  1.00 8.62  ? 147 VAL A O   1 
ATOM   937  C CB  . VAL A 1 120 ? -3.755  -11.921 -8.218  1.00 8.10  ? 147 VAL A CB  1 
ATOM   938  C CG1 . VAL A 1 120 ? -3.699  -11.137 -9.518  1.00 7.96  ? 147 VAL A CG1 1 
ATOM   939  C CG2 . VAL A 1 120 ? -2.322  -12.123 -7.718  1.00 8.39  ? 147 VAL A CG2 1 
ATOM   940  N N   . LEU A 1 121 ? -6.922  -11.420 -7.641  1.00 8.60  ? 148 LEU A N   1 
ATOM   941  C CA  . LEU A 1 121 ? -8.250  -10.916 -8.027  1.00 9.15  ? 148 LEU A CA  1 
ATOM   942  C C   . LEU A 1 121 ? -8.633  -9.740  -7.130  1.00 8.72  ? 148 LEU A C   1 
ATOM   943  O O   . LEU A 1 121 ? -9.101  -8.707  -7.611  1.00 8.98  ? 148 LEU A O   1 
ATOM   944  C CB  . LEU A 1 121 ? -9.305  -12.004 -7.961  1.00 10.61 ? 148 LEU A CB  1 
ATOM   945  C CG  . LEU A 1 121 ? -10.770 -11.577 -8.164  1.00 11.97 ? 148 LEU A CG  1 
ATOM   946  C CD1 . LEU A 1 121 ? -11.474 -10.879 -7.017  1.00 13.26 ? 148 LEU A CD1 1 
ATOM   947  C CD2 . LEU A 1 121 ? -10.959 -10.819 -9.412  1.00 13.50 ? 148 LEU A CD2 1 
ATOM   948  N N   . MET A 1 122 ? -8.390  -9.911  -5.830  1.00 8.43  ? 149 MET A N   1 
ATOM   949  C CA  . MET A 1 122 ? -8.714  -8.860  -4.854  1.00 8.45  ? 149 MET A CA  1 
ATOM   950  C C   . MET A 1 122 ? -7.929  -7.574  -5.145  1.00 8.22  ? 149 MET A C   1 
ATOM   951  O O   . MET A 1 122 ? -8.490  -6.479  -5.207  1.00 8.46  ? 149 MET A O   1 
ATOM   952  C CB  . MET A 1 122 ? -8.449  -9.360  -3.448  1.00 8.80  ? 149 MET A CB  1 
ATOM   953  C CG  . MET A 1 122 ? -9.371  -10.484 -3.037  1.00 9.33  ? 149 MET A CG  1 
ATOM   954  S SD  . MET A 1 122 ? -8.993  -11.249 -1.460  1.00 10.66 ? 149 MET A SD  1 
ATOM   955  C CE  . MET A 1 122 ? -9.749  -10.100 -0.311  1.00 9.60  ? 149 MET A CE  1 
ATOM   956  N N   . ALA A 1 123 ? -6.640  -7.691  -5.387  1.00 7.90  ? 150 ALA A N   1 
ATOM   957  C CA  . ALA A 1 123 ? -5.807  -6.545  -5.709  1.00 7.74  ? 150 ALA A CA  1 
ATOM   958  C C   . ALA A 1 123 ? -6.271  -5.834  -6.972  1.00 7.93  ? 150 ALA A C   1 
ATOM   959  O O   . ALA A 1 123 ? -6.316  -4.622  -7.023  1.00 8.13  ? 150 ALA A O   1 
ATOM   960  C CB  . ALA A 1 123 ? -4.358  -6.993  -5.850  1.00 7.57  ? 150 ALA A CB  1 
ATOM   961  N N   . GLU A 1 124 ? -6.579  -6.619  -8.008  1.00 8.19  ? 151 GLU A N   1 
ATOM   962  C CA  . GLU A 1 124 ? -7.040  -6.060  -9.286  1.00 9.11  ? 151 GLU A CA  1 
ATOM   963  C C   . GLU A 1 124 ? -8.340  -5.247  -9.105  1.00 9.08  ? 151 GLU A C   1 
ATOM   964  O O   . GLU A 1 124 ? -8.475  -4.189  -9.707  1.00 9.59  ? 151 GLU A O   1 
ATOM   965  C CB  . GLU A 1 124 ? -7.242  -7.175  -10.320 1.00 9.18  ? 151 GLU A CB  1 
ATOM   966  C CG  . GLU A 1 124 ? -5.961  -7.778  -10.864 1.00 9.81  ? 151 GLU A CG  1 
ATOM   967  C CD  . GLU A 1 124 ? -6.185  -8.894  -11.862 1.00 10.91 ? 151 GLU A CD  1 
ATOM   968  O OE1 . GLU A 1 124 ? -7.349  -9.214  -12.201 1.00 11.92 ? 151 GLU A OE1 1 
ATOM   969  O OE2 . GLU A 1 124 ? -5.155  -9.407  -12.364 1.00 11.75 ? 151 GLU A OE2 1 
ATOM   970  N N   . ALA A 1 125 ? -9.255  -5.753  -8.292  1.00 9.59  ? 152 ALA A N   1 
ATOM   971  C CA  . ALA A 1 125 ? -10.530 -5.039  -8.036  1.00 9.80  ? 152 ALA A CA  1 
ATOM   972  C C   . ALA A 1 125 ? -10.268 -3.749  -7.323  1.00 10.49 ? 152 ALA A C   1 
ATOM   973  O O   . ALA A 1 125 ? -10.825 -2.726  -7.671  1.00 10.10 ? 152 ALA A O   1 
ATOM   974  C CB  . ALA A 1 125 ? -11.474 -5.872  -7.233  1.00 10.20 ? 152 ALA A CB  1 
ATOM   975  N N   . LEU A 1 126 ? -9.378  -3.792  -6.330  1.00 10.13 ? 153 LEU A N   1 
ATOM   976  C CA  . LEU A 1 126 ? -8.983  -2.563  -5.621  1.00 10.79 ? 153 LEU A CA  1 
ATOM   977  C C   . LEU A 1 126 ? -8.270  -1.568  -6.511  1.00 10.86 ? 153 LEU A C   1 
ATOM   978  O O   . LEU A 1 126 ? -8.491  -0.367  -6.407  1.00 10.80 ? 153 LEU A O   1 
ATOM   979  C CB  . LEU A 1 126 ? -8.092  -2.898  -4.427  1.00 11.74 ? 153 LEU A CB  1 
ATOM   980  C CG  . LEU A 1 126 ? -8.715  -3.633  -3.290  1.00 12.49 ? 153 LEU A CG  1 
ATOM   981  C CD1 . LEU A 1 126 ? -7.582  -4.089  -2.376  1.00 12.75 ? 153 LEU A CD1 1 
ATOM   982  C CD2 . LEU A 1 126 ? -9.714  -2.733  -2.552  1.00 13.30 ? 153 LEU A CD2 1 
ATOM   983  N N   . GLU A 1 127 ? -7.385  -2.047  -7.372  1.00 10.21 ? 154 GLU A N   1 
ATOM   984  C CA  . GLU A 1 127 ? -6.666  -1.190  -8.278  1.00 10.71 ? 154 GLU A CA  1 
ATOM   985  C C   . GLU A 1 127 ? -7.604  -0.498  -9.276  1.00 11.55 ? 154 GLU A C   1 
ATOM   986  O O   . GLU A 1 127 ? -7.413  0.683   -9.580  1.00 11.09 ? 154 GLU A O   1 
ATOM   987  C CB  . GLU A 1 127 ? -5.584  -1.988  -9.028  1.00 11.55 ? 154 GLU A CB  1 
ATOM   988  C CG  . GLU A 1 127 ? -4.730  -1.112  -9.912  1.00 12.27 ? 154 GLU A CG  1 
ATOM   989  C CD  . GLU A 1 127 ? -3.659  -1.876  -10.642 1.00 13.58 ? 154 GLU A CD  1 
ATOM   990  O OE1 . GLU A 1 127 ? -3.913  -3.012  -11.108 1.00 14.51 ? 154 GLU A OE1 1 
ATOM   991  O OE2 . GLU A 1 127 ? -2.557  -1.306  -10.771 1.00 17.10 ? 154 GLU A OE2 1 
ATOM   992  N N   . LYS A 1 128 ? -8.602  -1.241  -9.750  1.00 12.34 ? 155 LYS A N   1 
ATOM   993  C CA  . LYS A 1 128 ? -9.581  -0.673  -10.682 1.00 13.81 ? 155 LYS A CA  1 
ATOM   994  C C   . LYS A 1 128 ? -10.335 0.455   -9.998  1.00 12.81 ? 155 LYS A C   1 
ATOM   995  O O   . LYS A 1 128 ? -10.496 1.527   -10.606 1.00 13.49 ? 155 LYS A O   1 
ATOM   996  C CB  . LYS A 1 128 ? -10.546 -1.739  -11.203 1.00 16.15 ? 155 LYS A CB  1 
ATOM   997  C CG  . LYS A 1 128 ? -11.492 -1.167  -12.227 1.00 20.44 ? 155 LYS A CG  1 
ATOM   998  C CD  . LYS A 1 128 ? -12.299 -2.214  -12.953 1.00 23.21 ? 155 LYS A CD  1 
ATOM   999  C CE  . LYS A 1 128 ? -13.476 -1.536  -13.659 1.00 26.45 ? 155 LYS A CE  1 
ATOM   1000 N NZ  . LYS A 1 128 ? -13.063 -0.287  -14.385 1.00 28.00 ? 155 LYS A NZ  1 
ATOM   1001 N N   . LEU A 1 129 ? -10.762 0.245   -8.758  1.00 11.91 ? 156 LEU A N   1 
ATOM   1002 C CA  . LEU A 1 129 ? -11.451 1.320   -8.021  1.00 11.77 ? 156 LEU A CA  1 
ATOM   1003 C C   . LEU A 1 129 ? -10.527 2.505   -7.798  1.00 11.28 ? 156 LEU A C   1 
ATOM   1004 O O   . LEU A 1 129 ? -10.911 3.678   -7.967  1.00 10.46 ? 156 LEU A O   1 
ATOM   1005 C CB  . LEU A 1 129 ? -11.974 0.807   -6.706  1.00 12.49 ? 156 LEU A CB  1 
ATOM   1006 C CG  . LEU A 1 129 ? -12.670 1.792   -5.760  1.00 13.43 ? 156 LEU A CG  1 
ATOM   1007 C CD1 . LEU A 1 129 ? -13.889 2.379   -6.464  1.00 14.24 ? 156 LEU A CD1 1 
ATOM   1008 C CD2 . LEU A 1 129 ? -13.026 1.100   -4.472  1.00 14.02 ? 156 LEU A CD2 1 
ATOM   1009 N N   . PHE A 1 130 ? -9.290  2.220   -7.408  1.00 11.21 ? 157 PHE A N   1 
ATOM   1010 C CA  . PHE A 1 130 ? -8.327  3.291   -7.197  1.00 11.28 ? 157 PHE A CA  1 
ATOM   1011 C C   . PHE A 1 130 ? -8.169  4.178   -8.445  1.00 11.96 ? 157 PHE A C   1 
ATOM   1012 O O   . PHE A 1 130 ? -8.179  5.416   -8.374  1.00 11.63 ? 157 PHE A O   1 
ATOM   1013 C CB  . PHE A 1 130 ? -6.956  2.704   -6.766  1.00 11.55 ? 157 PHE A CB  1 
ATOM   1014 C CG  . PHE A 1 130 ? -5.932  3.761   -6.496  1.00 11.86 ? 157 PHE A CG  1 
ATOM   1015 C CD1 . PHE A 1 130 ? -6.095  4.603   -5.412  1.00 12.63 ? 157 PHE A CD1 1 
ATOM   1016 C CD2 . PHE A 1 130 ? -4.848  3.962   -7.340  1.00 13.36 ? 157 PHE A CD2 1 
ATOM   1017 C CE1 . PHE A 1 130 ? -5.182  5.618   -5.146  1.00 13.38 ? 157 PHE A CE1 1 
ATOM   1018 C CE2 . PHE A 1 130 ? -3.924  4.972   -7.061  1.00 13.39 ? 157 PHE A CE2 1 
ATOM   1019 C CZ  . PHE A 1 130 ? -4.097  5.788   -5.976  1.00 13.70 ? 157 PHE A CZ  1 
ATOM   1020 N N   . LEU A 1 131 ? -8.051  3.540   -9.599  1.00 12.47 ? 158 LEU A N   1 
ATOM   1021 C CA  . LEU A 1 131 ? -7.811  4.259   -10.845 1.00 14.54 ? 158 LEU A CA  1 
ATOM   1022 C C   . LEU A 1 131 ? -9.015  5.124   -11.185 1.00 15.09 ? 158 LEU A C   1 
ATOM   1023 O O   . LEU A 1 131 ? -8.845  6.208   -11.730 1.00 16.60 ? 158 LEU A O   1 
ATOM   1024 C CB  . LEU A 1 131 ? -7.512  3.262   -11.955 1.00 15.01 ? 158 LEU A CB  1 
ATOM   1025 C CG  . LEU A 1 131 ? -6.130  2.634   -11.867 1.00 16.55 ? 158 LEU A CG  1 
ATOM   1026 C CD1 . LEU A 1 131 ? -5.927  1.597   -12.968 1.00 17.98 ? 158 LEU A CD1 1 
ATOM   1027 C CD2 . LEU A 1 131 ? -5.041  3.692   -11.867 1.00 17.12 ? 158 LEU A CD2 1 
ATOM   1028 N N   . GLN A 1 132 ? -10.207 4.642   -10.863 1.00 15.72 ? 159 GLN A N   1 
ATOM   1029 C CA  . GLN A 1 132 ? -11.436 5.454   -11.002 1.00 17.75 ? 159 GLN A CA  1 
ATOM   1030 C C   . GLN A 1 132 ? -11.365 6.663   -10.083 1.00 16.93 ? 159 GLN A C   1 
ATOM   1031 O O   . GLN A 1 132 ? -11.633 7.805   -10.503 1.00 18.54 ? 159 GLN A O   1 
ATOM   1032 C CB  . GLN A 1 132 ? -12.681 4.677   -10.619 1.00 19.92 ? 159 GLN A CB  1 
ATOM   1033 C CG  . GLN A 1 132 ? -13.070 3.528   -11.531 1.00 25.34 ? 159 GLN A CG  1 
ATOM   1034 C CD  . GLN A 1 132 ? -14.223 2.734   -10.946 1.00 30.52 ? 159 GLN A CD  1 
ATOM   1035 O OE1 . GLN A 1 132 ? -15.064 3.276   -10.194 1.00 33.71 ? 159 GLN A OE1 1 
ATOM   1036 N NE2 . GLN A 1 132 ? -14.273 1.449   -11.270 1.00 31.63 ? 159 GLN A NE2 1 
ATOM   1037 N N   . LYS A 1 133 ? -11.040 6.418   -8.821  1.00 15.74 ? 160 LYS A N   1 
ATOM   1038 C CA  . LYS A 1 133 ? -11.058 7.496   -7.829  1.00 16.12 ? 160 LYS A CA  1 
ATOM   1039 C C   . LYS A 1 133 ? -10.019 8.570   -8.120  1.00 16.11 ? 160 LYS A C   1 
ATOM   1040 O O   . LYS A 1 133 ? -10.252 9.728   -7.840  1.00 15.84 ? 160 LYS A O   1 
ATOM   1041 C CB  . LYS A 1 133 ? -10.819 6.978   -6.416  1.00 17.65 ? 160 LYS A CB  1 
ATOM   1042 C CG  . LYS A 1 133 ? -11.793 5.937   -5.863  1.00 20.15 ? 160 LYS A CG  1 
ATOM   1043 C CD  . LYS A 1 133 ? -13.237 6.355   -5.788  1.00 20.23 ? 160 LYS A CD  1 
ATOM   1044 C CE  . LYS A 1 133 ? -13.471 7.456   -4.766  1.00 20.53 ? 160 LYS A CE  1 
ATOM   1045 N NZ  . LYS A 1 133 ? -14.857 7.968   -4.955  1.00 20.29 ? 160 LYS A NZ  1 
ATOM   1046 N N   . ILE A 1 134 ? -8.843  8.218   -8.650  1.00 15.90 ? 161 ILE A N   1 
ATOM   1047 C CA  . ILE A 1 134 ? -7.862  9.284   -8.922  1.00 17.32 ? 161 ILE A CA  1 
ATOM   1048 C C   . ILE A 1 134 ? -8.289  10.208  -10.080 1.00 17.70 ? 161 ILE A C   1 
ATOM   1049 O O   . ILE A 1 134 ? -7.815  11.332  -10.151 1.00 18.40 ? 161 ILE A O   1 
ATOM   1050 C CB  . ILE A 1 134 ? -6.386  8.800   -9.023  1.00 19.23 ? 161 ILE A CB  1 
ATOM   1051 C CG1 . ILE A 1 134 ? -6.174  7.860   -10.191 1.00 19.52 ? 161 ILE A CG1 1 
ATOM   1052 C CG2 . ILE A 1 134 ? -5.951  8.175   -7.707  1.00 19.17 ? 161 ILE A CG2 1 
ATOM   1053 C CD1 . ILE A 1 134 ? -4.739  7.345   -10.299 1.00 21.12 ? 161 ILE A CD1 1 
ATOM   1054 N N   . ASN A 1 135 ? -9.223  9.770   -10.930 1.00 19.96 ? 162 ASN A N   1 
ATOM   1055 C CA  . ASN A 1 135 ? -9.860  10.685  -11.901 1.00 22.03 ? 162 ASN A CA  1 
ATOM   1056 C C   . ASN A 1 135 ? -10.686 11.796  -11.237 1.00 21.03 ? 162 ASN A C   1 
ATOM   1057 O O   . ASN A 1 135 ? -11.009 12.787  -11.892 1.00 22.70 ? 162 ASN A O   1 
ATOM   1058 C CB  . ASN A 1 135 ? -10.750 9.932   -12.900 1.00 24.08 ? 162 ASN A CB  1 
ATOM   1059 C CG  . ASN A 1 135 ? -9.970  9.153   -13.944 1.00 27.40 ? 162 ASN A CG  1 
ATOM   1060 O OD1 . ASN A 1 135 ? -8.802  9.429   -14.225 1.00 29.27 ? 162 ASN A OD1 1 
ATOM   1061 N ND2 . ASN A 1 135 ? -10.642 8.177   -14.559 1.00 31.41 ? 162 ASN A ND2 1 
ATOM   1062 N N   . GLU A 1 136 ? -11.011 11.658  -9.949  1.00 19.33 ? 163 GLU A N   1 
ATOM   1063 C CA  . GLU A 1 136 ? -11.730 12.703  -9.191  1.00 19.91 ? 163 GLU A CA  1 
ATOM   1064 C C   . GLU A 1 136 ? -10.878 13.814  -8.617  1.00 21.78 ? 163 GLU A C   1 
ATOM   1065 O O   . GLU A 1 136 ? -11.430 14.822  -8.104  1.00 24.07 ? 163 GLU A O   1 
ATOM   1066 C CB  . GLU A 1 136 ? -12.437 12.084  -8.002  1.00 18.89 ? 163 GLU A CB  1 
ATOM   1067 C CG  . GLU A 1 136 ? -13.380 10.977  -8.335  1.00 17.52 ? 163 GLU A CG  1 
ATOM   1068 C CD  . GLU A 1 136 ? -13.753 10.143  -7.124  1.00 16.58 ? 163 GLU A CD  1 
ATOM   1069 O OE1 . GLU A 1 136 ? -13.487 10.552  -5.953  1.00 17.79 ? 163 GLU A OE1 1 
ATOM   1070 O OE2 . GLU A 1 136 ? -14.334 9.079   -7.404  1.00 15.86 ? 163 GLU A OE2 1 
ATOM   1071 N N   . LEU A 1 137 ? -9.555  13.662  -8.627  1.00 21.90 ? 164 LEU A N   1 
ATOM   1072 C CA  . LEU A 1 137 ? -8.699  14.606  -7.918  1.00 23.72 ? 164 LEU A CA  1 
ATOM   1073 C C   . LEU A 1 137 ? -8.990  16.044  -8.364  1.00 26.40 ? 164 LEU A C   1 
ATOM   1074 O O   . LEU A 1 137 ? -9.201  16.284  -9.558  1.00 27.83 ? 164 LEU A O   1 
ATOM   1075 C CB  . LEU A 1 137 ? -7.214  14.284  -8.120  1.00 23.56 ? 164 LEU A CB  1 
ATOM   1076 C CG  . LEU A 1 137 ? -6.673  13.037  -7.433  1.00 23.81 ? 164 LEU A CG  1 
ATOM   1077 C CD1 . LEU A 1 137 ? -5.221  12.860  -7.842  1.00 23.70 ? 164 LEU A CD1 1 
ATOM   1078 C CD2 . LEU A 1 137 ? -6.794  13.138  -5.938  1.00 24.19 ? 164 LEU A CD2 1 
ATOM   1079 N N   . PRO A 1 138 ? -9.033  16.992  -7.410  1.00 29.21 ? 165 PRO A N   1 
ATOM   1080 C CA  . PRO A 1 138 ? -9.261  18.391  -7.812  1.00 31.12 ? 165 PRO A CA  1 
ATOM   1081 C C   . PRO A 1 138 ? -8.108  18.966  -8.621  1.00 35.35 ? 165 PRO A C   1 
ATOM   1082 O O   . PRO A 1 138 ? -7.033  18.390  -8.659  1.00 34.80 ? 165 PRO A O   1 
ATOM   1083 C CB  . PRO A 1 138 ? -9.396  19.131  -6.470  1.00 31.79 ? 165 PRO A CB  1 
ATOM   1084 C CG  . PRO A 1 138 ? -8.768  18.234  -5.452  1.00 30.68 ? 165 PRO A CG  1 
ATOM   1085 C CD  . PRO A 1 138 ? -9.032  16.842  -5.942  1.00 29.02 ? 165 PRO A CD  1 
ATOM   1086 N N   . THR A 1 139 ? -8.345  20.101  -9.270  1.00 38.24 ? 166 THR A N   1 
ATOM   1087 C CA  . THR A 1 139 ? -7.274  20.851  -9.916  1.00 41.75 ? 166 THR A CA  1 
ATOM   1088 C C   . THR A 1 139 ? -6.445  21.575  -8.856  1.00 42.11 ? 166 THR A C   1 
ATOM   1089 O O   . THR A 1 139 ? -5.240  21.348  -8.729  1.00 46.78 ? 166 THR A O   1 
ATOM   1090 C CB  . THR A 1 139 ? -7.845  21.873  -10.913 1.00 42.54 ? 166 THR A CB  1 
ATOM   1091 O OG1 . THR A 1 139 ? -8.807  22.703  -10.250 1.00 44.29 ? 166 THR A OG1 1 
ATOM   1092 C CG2 . THR A 1 139 ? -8.515  21.147  -12.088 1.00 43.46 ? 166 THR A CG2 1 
HETATM 1093 C C1  . EDO B 2 .   ? -1.797  3.320   -9.621  1.00 31.77 ? 201 EDO A C1  1 
HETATM 1094 O O1  . EDO B 2 .   ? -0.751  3.466   -10.606 1.00 35.23 ? 201 EDO A O1  1 
HETATM 1095 C C2  . EDO B 2 .   ? -2.484  1.965   -9.780  1.00 30.31 ? 201 EDO A C2  1 
HETATM 1096 O O2  . EDO B 2 .   ? -1.522  0.908   -9.626  1.00 27.94 ? 201 EDO A O2  1 
HETATM 1097 C C1  . EDO C 2 .   ? 1.074   0.692   9.581   1.00 28.47 ? 202 EDO A C1  1 
HETATM 1098 O O1  . EDO C 2 .   ? 0.505   -0.100  8.539   1.00 25.25 ? 202 EDO A O1  1 
HETATM 1099 C C2  . EDO C 2 .   ? 2.508   0.261   9.832   1.00 29.72 ? 202 EDO A C2  1 
HETATM 1100 O O2  . EDO C 2 .   ? 3.279   1.379   10.302  1.00 32.18 ? 202 EDO A O2  1 
HETATM 1101 C CAU . EB2 D 3 .   ? -6.075  -14.605 0.568   1.00 17.09 ? 203 EB2 A CAU 1 
HETATM 1102 C CAV . EB2 D 3 .   ? -7.104  -13.911 -0.256  1.00 18.03 ? 203 EB2 A CAV 1 
HETATM 1103 C CAW . EB2 D 3 .   ? -8.342  -14.814 -0.282  1.00 17.33 ? 203 EB2 A CAW 1 
HETATM 1104 C CAX . EB2 D 3 .   ? -9.331  -14.509 0.858   1.00 18.13 ? 203 EB2 A CAX 1 
HETATM 1105 C CAY . EB2 D 3 .   ? -8.716  -14.092 2.201   1.00 17.58 ? 203 EB2 A CAY 1 
HETATM 1106 C CAZ . EB2 D 3 .   ? -7.551  -14.903 2.631   1.00 16.90 ? 203 EB2 A CAZ 1 
HETATM 1107 C CAT . EB2 D 3 .   ? -6.210  -14.326 2.085   1.00 16.92 ? 203 EB2 A CAT 1 
HETATM 1108 N NAS . EB2 D 3 .   ? -5.055  -15.043 2.683   1.00 14.57 ? 203 EB2 A NAS 1 
HETATM 1109 S SAP . EB2 D 3 .   ? -4.171  -14.479 3.830   1.00 13.07 ? 203 EB2 A SAP 1 
HETATM 1110 O OAQ . EB2 D 3 .   ? -3.073  -15.424 4.275   1.00 14.26 ? 203 EB2 A OAQ 1 
HETATM 1111 O OAR . EB2 D 3 .   ? -4.841  -13.686 4.801   1.00 13.31 ? 203 EB2 A OAR 1 
HETATM 1112 C CAC . EB2 D 3 .   ? -3.158  -13.245 2.946   1.00 11.25 ? 203 EB2 A CAC 1 
HETATM 1113 C CAB . EB2 D 3 .   ? -3.202  -11.897 3.354   1.00 9.69  ? 203 EB2 A CAB 1 
HETATM 1114 C CAA . EB2 D 3 .   ? -2.438  -10.926 2.698   1.00 9.10  ? 203 EB2 A CAA 1 
HETATM 1115 C CAF . EB2 D 3 .   ? -1.660  -11.235 1.651   1.00 8.91  ? 203 EB2 A CAF 1 
HETATM 1116 C CAE . EB2 D 3 .   ? -1.630  -12.531 1.226   1.00 8.89  ? 203 EB2 A CAE 1 
HETATM 1117 C CAD . EB2 D 3 .   ? -2.305  -13.540 1.856   1.00 9.68  ? 203 EB2 A CAD 1 
HETATM 1118 C CAG . EB2 D 3 .   ? -2.151  -14.826 1.273   1.00 9.69  ? 203 EB2 A CAG 1 
HETATM 1119 C CAH . EB2 D 3 .   ? -1.295  -14.980 0.172   1.00 9.82  ? 203 EB2 A CAH 1 
HETATM 1120 C CAI . EB2 D 3 .   ? -0.619  -13.866 -0.382  1.00 9.67  ? 203 EB2 A CAI 1 
HETATM 1121 C CAJ . EB2 D 3 .   ? -0.809  -12.631 0.186   1.00 9.40  ? 203 EB2 A CAJ 1 
HETATM 1122 C CAL . EB2 D 3 .   ? -0.342  -11.351 -0.041  1.00 8.84  ? 203 EB2 A CAL 1 
HETATM 1123 O OAO . EB2 D 3 .   ? 0.345   -10.920 -0.974  1.00 9.28  ? 203 EB2 A OAO 1 
HETATM 1124 N NAK . EB2 D 3 .   ? -0.880  -10.505 0.853   1.00 8.82  ? 203 EB2 A NAK 1 
HETATM 1125 C CAM . EB2 D 3 .   ? -0.628  -9.061  0.933   1.00 9.01  ? 203 EB2 A CAM 1 
HETATM 1126 C CAN . EB2 D 3 .   ? -1.634  -8.283  0.070   1.00 8.80  ? 203 EB2 A CAN 1 
HETATM 1127 O O   . HOH E 4 .   ? 3.602   -21.979 -11.709 1.00 35.32 ? 301 HOH A O   1 
HETATM 1128 O O   . HOH E 4 .   ? -14.870 8.182   -9.700  1.00 23.97 ? 302 HOH A O   1 
HETATM 1129 O O   . HOH E 4 .   ? 4.616   1.771   8.135   1.00 13.87 ? 303 HOH A O   1 
HETATM 1130 O O   . HOH E 4 .   ? -2.156  -8.425  5.803   1.00 30.10 ? 304 HOH A O   1 
HETATM 1131 O O   . HOH E 4 .   ? -0.815  17.476  -4.421  1.00 29.39 ? 305 HOH A O   1 
HETATM 1132 O O   . HOH E 4 .   ? 12.598  -17.931 4.168   1.00 28.98 ? 306 HOH A O   1 
HETATM 1133 O O   . HOH E 4 .   ? -2.608  -8.761  -12.128 1.00 18.14 ? 307 HOH A O   1 
HETATM 1134 O O   . HOH E 4 .   ? 3.844   18.104  0.923   1.00 24.15 ? 308 HOH A O   1 
HETATM 1135 O O   . HOH E 4 .   ? 1.708   -8.548  -1.752  1.00 7.99  ? 309 HOH A O   1 
HETATM 1136 O O   . HOH E 4 .   ? 6.322   -3.041  -6.809  1.00 12.56 ? 310 HOH A O   1 
HETATM 1137 O O   . HOH E 4 .   ? -14.725 -7.805  3.671   1.00 31.05 ? 311 HOH A O   1 
HETATM 1138 O O   . HOH E 4 .   ? -7.868  -18.801 -1.192  1.00 31.57 ? 312 HOH A O   1 
HETATM 1139 O O   . HOH E 4 .   ? -4.706  -11.954 -13.086 1.00 15.43 ? 313 HOH A O   1 
HETATM 1140 O O   . HOH E 4 .   ? 9.208   12.968  2.417   1.00 23.36 ? 314 HOH A O   1 
HETATM 1141 O O   . HOH E 4 .   ? -1.388  -17.511 3.733   1.00 33.86 ? 315 HOH A O   1 
HETATM 1142 O O   . HOH E 4 .   ? 1.402   -6.406  10.005  1.00 17.87 ? 316 HOH A O   1 
HETATM 1143 O O   . HOH E 4 .   ? -6.495  -13.974 -10.159 1.00 10.01 ? 317 HOH A O   1 
HETATM 1144 O O   . HOH E 4 .   ? 0.460   -4.968  0.853   1.00 13.89 ? 318 HOH A O   1 
HETATM 1145 O O   . HOH E 4 .   ? 6.547   3.381   -3.908  1.00 18.11 ? 319 HOH A O   1 
HETATM 1146 O O   . HOH E 4 .   ? 6.586   14.049  7.139   1.00 21.22 ? 320 HOH A O   1 
HETATM 1147 O O   . HOH E 4 .   ? 0.525   -12.335 -10.479 1.00 10.93 ? 321 HOH A O   1 
HETATM 1148 O O   . HOH E 4 .   ? 3.732   -5.291  0.026   1.00 9.98  ? 322 HOH A O   1 
HETATM 1149 O O   . HOH E 4 .   ? 6.728   -15.866 -5.501  1.00 25.33 ? 323 HOH A O   1 
HETATM 1150 O O   . HOH E 4 .   ? -13.352 -2.601  -8.695  1.00 20.88 ? 324 HOH A O   1 
HETATM 1151 O O   . HOH E 4 .   ? 2.788   -13.176 18.121  1.00 34.56 ? 325 HOH A O   1 
HETATM 1152 O O   . HOH E 4 .   ? -6.733  10.019  9.005   1.00 13.33 ? 326 HOH A O   1 
HETATM 1153 O O   . HOH E 4 .   ? -15.762 1.534   -0.093  1.00 20.91 ? 327 HOH A O   1 
HETATM 1154 O O   . HOH E 4 .   ? -2.691  -0.907  9.601   1.00 27.66 ? 328 HOH A O   1 
HETATM 1155 O O   . HOH E 4 .   ? -4.285  -3.844  10.821  1.00 38.17 ? 329 HOH A O   1 
HETATM 1156 O O   . HOH E 4 .   ? 9.278   7.192   -0.014  1.00 34.42 ? 330 HOH A O   1 
HETATM 1157 O O   . HOH E 4 .   ? -9.402  18.744  -1.357  1.00 31.79 ? 331 HOH A O   1 
HETATM 1158 O O   . HOH E 4 .   ? 11.792  -17.720 11.138  1.00 30.66 ? 332 HOH A O   1 
HETATM 1159 O O   . HOH E 4 .   ? -17.900 3.160   8.021   1.00 12.83 ? 333 HOH A O   1 
HETATM 1160 O O   . HOH E 4 .   ? -2.742  6.026   11.168  1.00 14.97 ? 334 HOH A O   1 
HETATM 1161 O O   . HOH E 4 .   ? 10.533  12.710  -2.092  1.00 25.46 ? 335 HOH A O   1 
HETATM 1162 O O   . HOH E 4 .   ? 0.525   -5.991  -1.695  1.00 10.05 ? 336 HOH A O   1 
HETATM 1163 O O   . HOH E 4 .   ? -0.528  -6.183  2.975   1.00 9.55  ? 337 HOH A O   1 
HETATM 1164 O O   . HOH E 4 .   ? -7.201  -10.098 -14.831 1.00 25.07 ? 338 HOH A O   1 
HETATM 1165 O O   . HOH E 4 .   ? -5.998  3.660   11.128  1.00 25.48 ? 339 HOH A O   1 
HETATM 1166 O O   . HOH E 4 .   ? -2.610  15.119  10.230  1.00 29.58 ? 340 HOH A O   1 
HETATM 1167 O O   . HOH E 4 .   ? 9.024   0.305   1.467   1.00 17.14 ? 341 HOH A O   1 
HETATM 1168 O O   . HOH E 4 .   ? -1.466  -16.303 -3.307  1.00 15.79 ? 342 HOH A O   1 
HETATM 1169 O O   . HOH E 4 .   ? 12.102  15.552  0.683   1.00 22.49 ? 343 HOH A O   1 
HETATM 1170 O O   . HOH E 4 .   ? 7.974   4.643   -0.946  1.00 29.55 ? 344 HOH A O   1 
HETATM 1171 O O   . HOH E 4 .   ? 10.502  3.330   4.310   1.00 24.95 ? 345 HOH A O   1 
HETATM 1172 O O   . HOH E 4 .   ? -0.043  9.309   11.385  1.00 18.34 ? 346 HOH A O   1 
HETATM 1173 O O   . HOH E 4 .   ? 11.836  -13.745 2.916   1.00 30.04 ? 347 HOH A O   1 
HETATM 1174 O O   . HOH E 4 .   ? 9.094   -2.719  5.348   1.00 12.85 ? 348 HOH A O   1 
HETATM 1175 O O   . HOH E 4 .   ? 6.992   -4.844  8.293   1.00 11.21 ? 349 HOH A O   1 
HETATM 1176 O O   . HOH E 4 .   ? 5.770   -7.309  8.814   1.00 13.93 ? 350 HOH A O   1 
HETATM 1177 O O   . HOH E 4 .   ? 0.952   7.527   13.131  1.00 27.74 ? 351 HOH A O   1 
HETATM 1178 O O   . HOH E 4 .   ? 11.786  1.063   7.590   1.00 24.97 ? 352 HOH A O   1 
HETATM 1179 O O   . HOH E 4 .   ? 4.438   -2.816  4.014   1.00 10.49 ? 353 HOH A O   1 
HETATM 1180 O O   . HOH E 4 .   ? -1.391  2.982   14.231  1.00 25.83 ? 354 HOH A O   1 
HETATM 1181 O O   . HOH E 4 .   ? 7.892   11.544  -0.264  1.00 26.20 ? 355 HOH A O   1 
HETATM 1182 O O   . HOH E 4 .   ? -16.705 6.707   4.414   1.00 24.21 ? 356 HOH A O   1 
HETATM 1183 O O   . HOH E 4 .   ? -11.950 -5.076  3.810   1.00 14.47 ? 357 HOH A O   1 
HETATM 1184 O O   . HOH E 4 .   ? 6.120   -19.024 8.125   1.00 12.36 ? 358 HOH A O   1 
HETATM 1185 O O   . HOH E 4 .   ? 8.932   -4.549  -4.165  1.00 14.24 ? 359 HOH A O   1 
HETATM 1186 O O   . HOH E 4 .   ? 5.344   -12.154 13.577  1.00 25.16 ? 360 HOH A O   1 
HETATM 1187 O O   . HOH E 4 .   ? -9.904  -7.920  -12.399 1.00 28.07 ? 361 HOH A O   1 
HETATM 1188 O O   . HOH E 4 .   ? -10.519 1.855   -13.461 1.00 30.62 ? 362 HOH A O   1 
HETATM 1189 O O   . HOH E 4 .   ? -5.879  -18.634 -4.876  1.00 21.30 ? 363 HOH A O   1 
HETATM 1190 O O   . HOH E 4 .   ? 1.545   13.929  2.232   1.00 16.79 ? 364 HOH A O   1 
HETATM 1191 O O   . HOH E 4 .   ? 8.230   -5.795  11.902  1.00 27.40 ? 365 HOH A O   1 
HETATM 1192 O O   . HOH E 4 .   ? -1.848  -18.627 -11.918 1.00 13.80 ? 366 HOH A O   1 
HETATM 1193 O O   . HOH E 4 .   ? -0.684  15.074  3.238   1.00 19.78 ? 367 HOH A O   1 
HETATM 1194 O O   . HOH E 4 .   ? 13.152  -19.605 9.571   1.00 28.75 ? 368 HOH A O   1 
HETATM 1195 O O   . HOH E 4 .   ? 9.622   -22.737 3.737   1.00 21.57 ? 369 HOH A O   1 
HETATM 1196 O O   . HOH E 4 .   ? -10.903 -8.117  -9.814  1.00 22.53 ? 370 HOH A O   1 
HETATM 1197 O O   . HOH E 4 .   ? -12.592 -11.190 2.326   1.00 25.84 ? 371 HOH A O   1 
HETATM 1198 O O   . HOH E 4 .   ? 9.003   7.207   9.994   1.00 26.50 ? 372 HOH A O   1 
HETATM 1199 O O   . HOH E 4 .   ? -4.397  -15.960 -3.001  1.00 12.94 ? 373 HOH A O   1 
HETATM 1200 O O   . HOH E 4 .   ? -12.248 -2.688  5.737   1.00 26.81 ? 374 HOH A O   1 
HETATM 1201 O O   . HOH E 4 .   ? -3.359  -19.512 -9.459  1.00 27.77 ? 375 HOH A O   1 
HETATM 1202 O O   . HOH E 4 .   ? -3.476  19.960  -5.119  1.00 25.69 ? 376 HOH A O   1 
HETATM 1203 O O   . HOH E 4 .   ? 10.196  -12.964 4.207   1.00 17.81 ? 377 HOH A O   1 
HETATM 1204 O O   . HOH E 4 .   ? 10.340  -11.436 12.066  1.00 24.54 ? 378 HOH A O   1 
HETATM 1205 O O   . HOH E 4 .   ? -15.159 -3.942  -6.859  1.00 31.98 ? 379 HOH A O   1 
HETATM 1206 O O   . HOH E 4 .   ? -6.733  -3.771  -12.047 1.00 21.90 ? 380 HOH A O   1 
HETATM 1207 O O   . HOH E 4 .   ? 3.610   -5.283  3.163   1.00 13.73 ? 381 HOH A O   1 
HETATM 1208 O O   . HOH E 4 .   ? 13.561  -18.120 7.175   1.00 22.28 ? 382 HOH A O   1 
HETATM 1209 O O   . HOH E 4 .   ? -9.762  -1.779  9.295   1.00 23.89 ? 383 HOH A O   1 
HETATM 1210 O O   . HOH E 4 .   ? 0.021   -9.399  7.560   1.00 14.71 ? 384 HOH A O   1 
HETATM 1211 O O   . HOH E 4 .   ? 10.672  -6.381  -5.401  1.00 21.01 ? 385 HOH A O   1 
HETATM 1212 O O   . HOH E 4 .   ? -4.510  -17.801 1.730   1.00 30.41 ? 386 HOH A O   1 
HETATM 1213 O O   . HOH E 4 .   ? -17.002 -3.203  -1.273  1.00 18.57 ? 387 HOH A O   1 
HETATM 1214 O O   . HOH E 4 .   ? 9.068   3.154   1.106   1.00 26.31 ? 388 HOH A O   1 
HETATM 1215 O O   . HOH E 4 .   ? -0.196  17.165  -6.301  1.00 20.89 ? 389 HOH A O   1 
HETATM 1216 O O   . HOH E 4 .   ? 6.568   13.584  -8.268  1.00 25.98 ? 390 HOH A O   1 
HETATM 1217 O O   . HOH E 4 .   ? -2.698  3.710   9.496   1.00 20.14 ? 391 HOH A O   1 
HETATM 1218 O O   . HOH E 4 .   ? 6.727   7.386   -2.527  1.00 32.02 ? 392 HOH A O   1 
HETATM 1219 O O   . HOH E 4 .   ? -12.476 12.075  7.420   1.00 28.09 ? 393 HOH A O   1 
HETATM 1220 O O   . HOH E 4 .   ? 6.638   -4.072  5.594   1.00 11.98 ? 394 HOH A O   1 
HETATM 1221 O O   . HOH E 4 .   ? 1.904   -17.414 15.462  1.00 32.08 ? 395 HOH A O   1 
HETATM 1222 O O   . HOH E 4 .   ? -2.924  -15.657 9.560   1.00 37.27 ? 396 HOH A O   1 
HETATM 1223 O O   . HOH E 4 .   ? 5.096   -21.550 1.793   1.00 37.31 ? 397 HOH A O   1 
HETATM 1224 O O   . HOH E 4 .   ? -3.980  -10.079 6.416   1.00 40.28 ? 398 HOH A O   1 
HETATM 1225 O O   . HOH E 4 .   ? -16.601 13.016  7.248   1.00 30.18 ? 399 HOH A O   1 
HETATM 1226 O O   . HOH E 4 .   ? 3.355   -6.027  -11.631 1.00 18.69 ? 400 HOH A O   1 
HETATM 1227 O O   . HOH E 4 .   ? -17.881 5.604   -2.086  1.00 39.93 ? 401 HOH A O   1 
HETATM 1228 O O   . HOH E 4 .   ? -13.453 -0.600  7.151   1.00 19.64 ? 402 HOH A O   1 
HETATM 1229 O O   . HOH E 4 .   ? 10.372  -0.761  3.920   1.00 30.43 ? 403 HOH A O   1 
HETATM 1230 O O   . HOH E 4 .   ? -4.567  14.102  9.237   1.00 32.38 ? 404 HOH A O   1 
HETATM 1231 O O   . HOH E 4 .   ? 3.065   -17.846 13.268  1.00 24.31 ? 405 HOH A O   1 
HETATM 1232 O O   . HOH E 4 .   ? 4.001   -7.201  10.992  1.00 28.76 ? 406 HOH A O   1 
HETATM 1233 O O   . HOH E 4 .   ? -5.956  -18.041 -13.979 1.00 32.29 ? 407 HOH A O   1 
HETATM 1234 O O   . HOH E 4 .   ? -16.965 -0.284  -1.286  1.00 34.21 ? 408 HOH A O   1 
HETATM 1235 O O   . HOH E 4 .   ? -13.045 -4.487  -15.338 1.00 35.56 ? 409 HOH A O   1 
HETATM 1236 O O   . HOH E 4 .   ? 8.200   11.456  -7.868  1.00 32.74 ? 410 HOH A O   1 
HETATM 1237 O O   . HOH E 4 .   ? -0.827  -10.987 -12.385 1.00 15.19 ? 411 HOH A O   1 
HETATM 1238 O O   . HOH E 4 .   ? -0.614  -11.124 9.790   1.00 30.28 ? 412 HOH A O   1 
HETATM 1239 O O   . HOH E 4 .   ? -8.724  8.842   7.527   1.00 23.18 ? 413 HOH A O   1 
HETATM 1240 O O   . HOH E 4 .   ? -5.238  -18.047 -1.328  1.00 39.28 ? 414 HOH A O   1 
HETATM 1241 O O   . HOH E 4 .   ? -17.484 3.771   0.167   1.00 23.38 ? 415 HOH A O   1 
HETATM 1242 O O   . HOH E 4 .   ? -5.293  -9.205  10.621  1.00 44.73 ? 416 HOH A O   1 
HETATM 1243 O O   . HOH E 4 .   ? 7.629   -22.299 1.968   1.00 28.77 ? 417 HOH A O   1 
HETATM 1244 O O   . HOH E 4 .   ? -16.447 1.049   -3.699  1.00 33.13 ? 418 HOH A O   1 
# 
